data_1G62
# 
_entry.id   1G62 
# 
_audit_conform.dict_name       mmcif_pdbx.dic 
_audit_conform.dict_version    5.376 
_audit_conform.dict_location   http://mmcif.pdb.org/dictionaries/ascii/mmcif_pdbx.dic 
# 
loop_
_database_2.database_id 
_database_2.database_code 
_database_2.pdbx_database_accession 
_database_2.pdbx_DOI 
PDB   1G62         pdb_00001g62 10.2210/pdb1g62/pdb 
RCSB  RCSB012278   ?            ?                   
WWPDB D_1000012278 ?            ?                   
# 
loop_
_pdbx_database_related.db_name 
_pdbx_database_related.db_id 
_pdbx_database_related.details 
_pdbx_database_related.content_type 
PDB      1G61           'crystal structure of M.jannaschii IF6 to 1.3 angstrom resolution' unspecified 
TargetDB NYSGXRC-P111-1 .                                                                  unspecified 
# 
_pdbx_database_status.status_code                     REL 
_pdbx_database_status.entry_id                        1G62 
_pdbx_database_status.recvd_initial_deposition_date   2000-11-02 
_pdbx_database_status.deposit_site                    RCSB 
_pdbx_database_status.process_site                    RCSB 
_pdbx_database_status.SG_entry                        Y 
_pdbx_database_status.pdb_format_compatible           Y 
_pdbx_database_status.status_code_mr                  ? 
_pdbx_database_status.status_code_sf                  ? 
_pdbx_database_status.status_code_cs                  ? 
_pdbx_database_status.methods_development_category    ? 
_pdbx_database_status.status_code_nmr_data            ? 
# 
loop_
_audit_author.name 
_audit_author.pdbx_ordinal 
_audit_author.identifier_ORCID 
'Groft, C.M.'                                                    1 ?                   
'Beckmann, R.'                                                   2 ?                   
'Sali, A.'                                                       3 ?                   
'Burley, S.K.'                                                   4 0000-0002-2487-9713 
'New York SGX Research Center for Structural Genomics (NYSGXRC)' 5 ?                   
# 
_citation.id                        primary 
_citation.title                     'Crystal structures of ribosome anti-association factor IF6.' 
_citation.journal_abbrev            Nat.Struct.Biol. 
_citation.journal_volume            7 
_citation.page_first                1156 
_citation.page_last                 1164 
_citation.year                      2000 
_citation.journal_id_ASTM           NSBIEW 
_citation.country                   US 
_citation.journal_id_ISSN           1072-8368 
_citation.journal_id_CSD            2024 
_citation.book_publisher            ? 
_citation.pdbx_database_id_PubMed   11101899 
_citation.pdbx_database_id_DOI      10.1038/82017 
# 
loop_
_citation_author.citation_id 
_citation_author.name 
_citation_author.ordinal 
_citation_author.identifier_ORCID 
primary 'Groft, C.M.'  1 ?                   
primary 'Beckmann, R.' 2 ?                   
primary 'Sali, A.'     3 ?                   
primary 'Burley, S.K.' 4 0000-0002-2487-9713 
# 
_cell.entry_id           1G62 
_cell.length_a           56.257 
_cell.length_b           56.257 
_cell.length_c           171.703 
_cell.angle_alpha        90.00 
_cell.angle_beta         90.00 
_cell.angle_gamma        90.00 
_cell.Z_PDB              8 
_cell.pdbx_unique_axis   ? 
# 
_symmetry.entry_id                         1G62 
_symmetry.space_group_name_H-M             'P 43 21 2' 
_symmetry.pdbx_full_space_group_name_H-M   ? 
_symmetry.cell_setting                     ? 
_symmetry.Int_Tables_number                96 
# 
_entity.id                         1 
_entity.type                       polymer 
_entity.src_method                 man 
_entity.pdbx_description           'RIBOSOME ANTI-ASSOCIATION FACTOR EIF6' 
_entity.formula_weight             24156.150 
_entity.pdbx_number_of_molecules   1 
_entity.pdbx_ec                    ? 
_entity.pdbx_mutation              'RESIDUES 1-224' 
_entity.pdbx_fragment              ? 
_entity.details                    ? 
# 
_entity_name_com.entity_id   1 
_entity_name_com.name        'EUKARYOTIC TRANSLATION INITIATION FACTOR 6 (EIF-6)' 
# 
_entity_poly.entity_id                      1 
_entity_poly.type                           'polypeptide(L)' 
_entity_poly.nstd_linkage                   no 
_entity_poly.nstd_monomer                   no 
_entity_poly.pdbx_seq_one_letter_code       
;MATRTQFENSNEIGVFSKLTNTYCLVAVGGSENFYSAFEAELGDAIPIVHTTIAGTRIIGRMTAGNRRGLLVPTQTTDQE
LQHLRNSLPDSVKIQRVEERLSALGNVICCNDYVALVHPDIDRETEELISDVLGVEVFRQTISGNILVGSYCSLSNQGGL
VHPQTSVQDQEELSSLLQVPLVAGTVNRGSSVVGAGMVVNDYLAVTGLDTTAPELSVIESIFRL
;
_entity_poly.pdbx_seq_one_letter_code_can   
;MATRTQFENSNEIGVFSKLTNTYCLVAVGGSENFYSAFEAELGDAIPIVHTTIAGTRIIGRMTAGNRRGLLVPTQTTDQE
LQHLRNSLPDSVKIQRVEERLSALGNVICCNDYVALVHPDIDRETEELISDVLGVEVFRQTISGNILVGSYCSLSNQGGL
VHPQTSVQDQEELSSLLQVPLVAGTVNRGSSVVGAGMVVNDYLAVTGLDTTAPELSVIESIFRL
;
_entity_poly.pdbx_strand_id                 A 
_entity_poly.pdbx_target_identifier         NYSGXRC-P111-1 
# 
loop_
_entity_poly_seq.entity_id 
_entity_poly_seq.num 
_entity_poly_seq.mon_id 
_entity_poly_seq.hetero 
1 1   MET n 
1 2   ALA n 
1 3   THR n 
1 4   ARG n 
1 5   THR n 
1 6   GLN n 
1 7   PHE n 
1 8   GLU n 
1 9   ASN n 
1 10  SER n 
1 11  ASN n 
1 12  GLU n 
1 13  ILE n 
1 14  GLY n 
1 15  VAL n 
1 16  PHE n 
1 17  SER n 
1 18  LYS n 
1 19  LEU n 
1 20  THR n 
1 21  ASN n 
1 22  THR n 
1 23  TYR n 
1 24  CYS n 
1 25  LEU n 
1 26  VAL n 
1 27  ALA n 
1 28  VAL n 
1 29  GLY n 
1 30  GLY n 
1 31  SER n 
1 32  GLU n 
1 33  ASN n 
1 34  PHE n 
1 35  TYR n 
1 36  SER n 
1 37  ALA n 
1 38  PHE n 
1 39  GLU n 
1 40  ALA n 
1 41  GLU n 
1 42  LEU n 
1 43  GLY n 
1 44  ASP n 
1 45  ALA n 
1 46  ILE n 
1 47  PRO n 
1 48  ILE n 
1 49  VAL n 
1 50  HIS n 
1 51  THR n 
1 52  THR n 
1 53  ILE n 
1 54  ALA n 
1 55  GLY n 
1 56  THR n 
1 57  ARG n 
1 58  ILE n 
1 59  ILE n 
1 60  GLY n 
1 61  ARG n 
1 62  MET n 
1 63  THR n 
1 64  ALA n 
1 65  GLY n 
1 66  ASN n 
1 67  ARG n 
1 68  ARG n 
1 69  GLY n 
1 70  LEU n 
1 71  LEU n 
1 72  VAL n 
1 73  PRO n 
1 74  THR n 
1 75  GLN n 
1 76  THR n 
1 77  THR n 
1 78  ASP n 
1 79  GLN n 
1 80  GLU n 
1 81  LEU n 
1 82  GLN n 
1 83  HIS n 
1 84  LEU n 
1 85  ARG n 
1 86  ASN n 
1 87  SER n 
1 88  LEU n 
1 89  PRO n 
1 90  ASP n 
1 91  SER n 
1 92  VAL n 
1 93  LYS n 
1 94  ILE n 
1 95  GLN n 
1 96  ARG n 
1 97  VAL n 
1 98  GLU n 
1 99  GLU n 
1 100 ARG n 
1 101 LEU n 
1 102 SER n 
1 103 ALA n 
1 104 LEU n 
1 105 GLY n 
1 106 ASN n 
1 107 VAL n 
1 108 ILE n 
1 109 CYS n 
1 110 CYS n 
1 111 ASN n 
1 112 ASP n 
1 113 TYR n 
1 114 VAL n 
1 115 ALA n 
1 116 LEU n 
1 117 VAL n 
1 118 HIS n 
1 119 PRO n 
1 120 ASP n 
1 121 ILE n 
1 122 ASP n 
1 123 ARG n 
1 124 GLU n 
1 125 THR n 
1 126 GLU n 
1 127 GLU n 
1 128 LEU n 
1 129 ILE n 
1 130 SER n 
1 131 ASP n 
1 132 VAL n 
1 133 LEU n 
1 134 GLY n 
1 135 VAL n 
1 136 GLU n 
1 137 VAL n 
1 138 PHE n 
1 139 ARG n 
1 140 GLN n 
1 141 THR n 
1 142 ILE n 
1 143 SER n 
1 144 GLY n 
1 145 ASN n 
1 146 ILE n 
1 147 LEU n 
1 148 VAL n 
1 149 GLY n 
1 150 SER n 
1 151 TYR n 
1 152 CYS n 
1 153 SER n 
1 154 LEU n 
1 155 SER n 
1 156 ASN n 
1 157 GLN n 
1 158 GLY n 
1 159 GLY n 
1 160 LEU n 
1 161 VAL n 
1 162 HIS n 
1 163 PRO n 
1 164 GLN n 
1 165 THR n 
1 166 SER n 
1 167 VAL n 
1 168 GLN n 
1 169 ASP n 
1 170 GLN n 
1 171 GLU n 
1 172 GLU n 
1 173 LEU n 
1 174 SER n 
1 175 SER n 
1 176 LEU n 
1 177 LEU n 
1 178 GLN n 
1 179 VAL n 
1 180 PRO n 
1 181 LEU n 
1 182 VAL n 
1 183 ALA n 
1 184 GLY n 
1 185 THR n 
1 186 VAL n 
1 187 ASN n 
1 188 ARG n 
1 189 GLY n 
1 190 SER n 
1 191 SER n 
1 192 VAL n 
1 193 VAL n 
1 194 GLY n 
1 195 ALA n 
1 196 GLY n 
1 197 MET n 
1 198 VAL n 
1 199 VAL n 
1 200 ASN n 
1 201 ASP n 
1 202 TYR n 
1 203 LEU n 
1 204 ALA n 
1 205 VAL n 
1 206 THR n 
1 207 GLY n 
1 208 LEU n 
1 209 ASP n 
1 210 THR n 
1 211 THR n 
1 212 ALA n 
1 213 PRO n 
1 214 GLU n 
1 215 LEU n 
1 216 SER n 
1 217 VAL n 
1 218 ILE n 
1 219 GLU n 
1 220 SER n 
1 221 ILE n 
1 222 PHE n 
1 223 ARG n 
1 224 LEU n 
# 
_entity_src_gen.entity_id                          1 
_entity_src_gen.pdbx_src_id                        1 
_entity_src_gen.pdbx_alt_source_flag               sample 
_entity_src_gen.pdbx_seq_type                      ? 
_entity_src_gen.pdbx_beg_seq_num                   ? 
_entity_src_gen.pdbx_end_seq_num                   ? 
_entity_src_gen.gene_src_common_name               
;baker's yeast
;
_entity_src_gen.gene_src_genus                     Saccharomyces 
_entity_src_gen.pdbx_gene_src_gene                 TIF6 
_entity_src_gen.gene_src_species                   ? 
_entity_src_gen.gene_src_strain                    ? 
_entity_src_gen.gene_src_tissue                    ? 
_entity_src_gen.gene_src_tissue_fraction           ? 
_entity_src_gen.gene_src_details                   ? 
_entity_src_gen.pdbx_gene_src_fragment             ? 
_entity_src_gen.pdbx_gene_src_scientific_name      'Saccharomyces cerevisiae' 
_entity_src_gen.pdbx_gene_src_ncbi_taxonomy_id     4932 
_entity_src_gen.pdbx_gene_src_variant              ? 
_entity_src_gen.pdbx_gene_src_cell_line            ? 
_entity_src_gen.pdbx_gene_src_atcc                 ? 
_entity_src_gen.pdbx_gene_src_organ                ? 
_entity_src_gen.pdbx_gene_src_organelle            ? 
_entity_src_gen.pdbx_gene_src_cell                 ? 
_entity_src_gen.pdbx_gene_src_cellular_location    ? 
_entity_src_gen.host_org_common_name               ? 
_entity_src_gen.pdbx_host_org_scientific_name      'Escherichia coli BL21' 
_entity_src_gen.pdbx_host_org_ncbi_taxonomy_id     511693 
_entity_src_gen.host_org_genus                     Escherichia 
_entity_src_gen.pdbx_host_org_gene                 ? 
_entity_src_gen.pdbx_host_org_organ                ? 
_entity_src_gen.host_org_species                   'Escherichia coli' 
_entity_src_gen.pdbx_host_org_tissue               ? 
_entity_src_gen.pdbx_host_org_tissue_fraction      ? 
_entity_src_gen.pdbx_host_org_strain               BL21 
_entity_src_gen.pdbx_host_org_variant              ? 
_entity_src_gen.pdbx_host_org_cell_line            ? 
_entity_src_gen.pdbx_host_org_atcc                 ? 
_entity_src_gen.pdbx_host_org_culture_collection   ? 
_entity_src_gen.pdbx_host_org_cell                 ? 
_entity_src_gen.pdbx_host_org_organelle            ? 
_entity_src_gen.pdbx_host_org_cellular_location    ? 
_entity_src_gen.pdbx_host_org_vector_type          ? 
_entity_src_gen.pdbx_host_org_vector               ? 
_entity_src_gen.host_org_details                   ? 
_entity_src_gen.expression_system_id               ? 
_entity_src_gen.plasmid_name                       ? 
_entity_src_gen.plasmid_details                    ? 
_entity_src_gen.pdbx_description                   ? 
# 
_struct_ref.id                         1 
_struct_ref.db_name                    UNP 
_struct_ref.db_code                    IF6_YEAST 
_struct_ref.entity_id                  1 
_struct_ref.pdbx_seq_one_letter_code   
;MATRTQFENSNEIGVFSKLTNTYCLVAVGGSENFYSAFEAELGDAIPIVHTTIAGTRIIGRMTAGNRRGLLVPTQTTDQE
LQHLRNSLPDSVKIQRVEERLSALGNVICCNDYVALVHPDIDRETEELISDVLGVEVFRQTISGNILVGSYCSLSNQGGL
VHPQTSVQDQEELSSLLQVPLVAGTVNRGSSVVGAGMVVNDYLAVTGLDTTAPELSVIESIFRLQDAQPESISGNLRDTL
IETYS
;
_struct_ref.pdbx_align_begin           1 
_struct_ref.pdbx_db_accession          Q12522 
_struct_ref.pdbx_db_isoform            ? 
# 
_struct_ref_seq.align_id                      1 
_struct_ref_seq.ref_id                        1 
_struct_ref_seq.pdbx_PDB_id_code              1G62 
_struct_ref_seq.pdbx_strand_id                A 
_struct_ref_seq.seq_align_beg                 1 
_struct_ref_seq.pdbx_seq_align_beg_ins_code   ? 
_struct_ref_seq.seq_align_end                 224 
_struct_ref_seq.pdbx_seq_align_end_ins_code   ? 
_struct_ref_seq.pdbx_db_accession             Q12522 
_struct_ref_seq.db_align_beg                  1 
_struct_ref_seq.pdbx_db_align_beg_ins_code    ? 
_struct_ref_seq.db_align_end                  224 
_struct_ref_seq.pdbx_db_align_end_ins_code    ? 
_struct_ref_seq.pdbx_auth_seq_align_beg       1 
_struct_ref_seq.pdbx_auth_seq_align_end       224 
# 
loop_
_chem_comp.id 
_chem_comp.type 
_chem_comp.mon_nstd_flag 
_chem_comp.name 
_chem_comp.pdbx_synonyms 
_chem_comp.formula 
_chem_comp.formula_weight 
ALA 'L-peptide linking' y ALANINE         ? 'C3 H7 N O2'     89.093  
ARG 'L-peptide linking' y ARGININE        ? 'C6 H15 N4 O2 1' 175.209 
ASN 'L-peptide linking' y ASPARAGINE      ? 'C4 H8 N2 O3'    132.118 
ASP 'L-peptide linking' y 'ASPARTIC ACID' ? 'C4 H7 N O4'     133.103 
CYS 'L-peptide linking' y CYSTEINE        ? 'C3 H7 N O2 S'   121.158 
GLN 'L-peptide linking' y GLUTAMINE       ? 'C5 H10 N2 O3'   146.144 
GLU 'L-peptide linking' y 'GLUTAMIC ACID' ? 'C5 H9 N O4'     147.129 
GLY 'peptide linking'   y GLYCINE         ? 'C2 H5 N O2'     75.067  
HIS 'L-peptide linking' y HISTIDINE       ? 'C6 H10 N3 O2 1' 156.162 
ILE 'L-peptide linking' y ISOLEUCINE      ? 'C6 H13 N O2'    131.173 
LEU 'L-peptide linking' y LEUCINE         ? 'C6 H13 N O2'    131.173 
LYS 'L-peptide linking' y LYSINE          ? 'C6 H15 N2 O2 1' 147.195 
MET 'L-peptide linking' y METHIONINE      ? 'C5 H11 N O2 S'  149.211 
PHE 'L-peptide linking' y PHENYLALANINE   ? 'C9 H11 N O2'    165.189 
PRO 'L-peptide linking' y PROLINE         ? 'C5 H9 N O2'     115.130 
SER 'L-peptide linking' y SERINE          ? 'C3 H7 N O3'     105.093 
THR 'L-peptide linking' y THREONINE       ? 'C4 H9 N O3'     119.119 
TYR 'L-peptide linking' y TYROSINE        ? 'C9 H11 N O3'    181.189 
VAL 'L-peptide linking' y VALINE          ? 'C5 H11 N O2'    117.146 
# 
_exptl.entry_id          1G62 
_exptl.method            'X-RAY DIFFRACTION' 
_exptl.crystals_number   1 
# 
_exptl_crystal.id                    1 
_exptl_crystal.density_meas          ? 
_exptl_crystal.density_Matthews      2.81 
_exptl_crystal.density_percent_sol   56.25 
_exptl_crystal.description           ? 
# 
_exptl_crystal_grow.crystal_id      1 
_exptl_crystal_grow.method          'VAPOR DIFFUSION, HANGING DROP' 
_exptl_crystal_grow.temp            297.0 
_exptl_crystal_grow.temp_details    ? 
_exptl_crystal_grow.pH              5.0 
_exptl_crystal_grow.pdbx_details    '2M Ammonium Sulfate, pH 5.0, VAPOR DIFFUSION, HANGING DROP, temperature 24.0K' 
_exptl_crystal_grow.pdbx_pH_range   . 
# 
_diffrn.id                     1 
_diffrn.ambient_temp           298.0 
_diffrn.ambient_temp_details   ? 
_diffrn.crystal_id             1 
# 
_diffrn_detector.diffrn_id              1 
_diffrn_detector.detector               'IMAGE PLATE' 
_diffrn_detector.type                   'RIGAKU RAXIS' 
_diffrn_detector.pdbx_collection_date   2000-07-04 
_diffrn_detector.details                ? 
# 
_diffrn_radiation.diffrn_id                        1 
_diffrn_radiation.wavelength_id                    1 
_diffrn_radiation.pdbx_monochromatic_or_laue_m_l   M 
_diffrn_radiation.monochromator                    Copper 
_diffrn_radiation.pdbx_diffrn_protocol             'SINGLE WAVELENGTH' 
_diffrn_radiation.pdbx_scattering_type             x-ray 
# 
_diffrn_radiation_wavelength.id           1 
_diffrn_radiation_wavelength.wavelength   1.5418 
_diffrn_radiation_wavelength.wt           1.0 
# 
_diffrn_source.diffrn_id                   1 
_diffrn_source.source                      'ROTATING ANODE' 
_diffrn_source.type                        OTHER 
_diffrn_source.pdbx_synchrotron_site       ? 
_diffrn_source.pdbx_synchrotron_beamline   ? 
_diffrn_source.pdbx_wavelength             1.5418 
_diffrn_source.pdbx_wavelength_list        ? 
# 
_reflns.entry_id                     1G62 
_reflns.observed_criterion_sigma_I   0 
_reflns.observed_criterion_sigma_F   -3 
_reflns.d_resolution_low             25 
_reflns.d_resolution_high            2.5 
_reflns.number_obs                   9926 
_reflns.number_all                   9926 
_reflns.percent_possible_obs         96.8 
_reflns.pdbx_Rmerge_I_obs            0.0860000 
_reflns.pdbx_Rsym_value              0.0860000 
_reflns.pdbx_netI_over_sigmaI        15.7 
_reflns.B_iso_Wilson_estimate        41.3 
_reflns.pdbx_redundancy              6.1 
_reflns.R_free_details               ? 
_reflns.limit_h_max                  ? 
_reflns.limit_h_min                  ? 
_reflns.limit_k_max                  ? 
_reflns.limit_k_min                  ? 
_reflns.limit_l_max                  ? 
_reflns.limit_l_min                  ? 
_reflns.observed_criterion_F_max     ? 
_reflns.observed_criterion_F_min     ? 
_reflns.pdbx_diffrn_id               1 
_reflns.pdbx_ordinal                 1 
# 
_reflns_shell.d_res_high             2.5 
_reflns_shell.d_res_low              25.0 
_reflns_shell.percent_possible_all   84.9 
_reflns_shell.Rmerge_I_obs           0.3400000 
_reflns_shell.pdbx_Rsym_value        ? 
_reflns_shell.meanI_over_sigI_obs    ? 
_reflns_shell.pdbx_redundancy        1.8 
_reflns_shell.percent_possible_obs   ? 
_reflns_shell.number_unique_all      836 
_reflns_shell.pdbx_diffrn_id         ? 
_reflns_shell.pdbx_ordinal           1 
# 
_refine.entry_id                                 1G62 
_refine.ls_number_reflns_obs                     9534 
_refine.ls_number_reflns_all                     9926 
_refine.pdbx_ls_sigma_I                          2 
_refine.pdbx_ls_sigma_F                          2 
_refine.pdbx_data_cutoff_high_absF               ? 
_refine.pdbx_data_cutoff_low_absF                ? 
_refine.ls_d_res_low                             25 
_refine.ls_d_res_high                            2.5 
_refine.ls_percent_reflns_obs                    ? 
_refine.ls_R_factor_obs                          ? 
_refine.ls_R_factor_all                          ? 
_refine.ls_R_factor_R_work                       0.1970000 
_refine.ls_R_factor_R_free                       0.2500000 
_refine.ls_R_factor_R_free_error                 ? 
_refine.ls_R_factor_R_free_error_details         ? 
_refine.ls_percent_reflns_R_free                 ? 
_refine.ls_number_reflns_R_free                  987 
_refine.ls_number_parameters                     ? 
_refine.ls_number_restraints                     ? 
_refine.occupancy_min                            ? 
_refine.occupancy_max                            ? 
_refine.B_iso_mean                               ? 
_refine.aniso_B[1][1]                            ? 
_refine.aniso_B[2][2]                            ? 
_refine.aniso_B[3][3]                            ? 
_refine.aniso_B[1][2]                            ? 
_refine.aniso_B[1][3]                            ? 
_refine.aniso_B[2][3]                            ? 
_refine.solvent_model_details                    ? 
_refine.solvent_model_param_ksol                 ? 
_refine.solvent_model_param_bsol                 ? 
_refine.pdbx_ls_cross_valid_method               ? 
_refine.details                                  ? 
_refine.pdbx_starting_model                      'PDB entry 1G61' 
_refine.pdbx_method_to_determine_struct          'MOLECULAR REPLACEMENT' 
_refine.pdbx_isotropic_thermal_model             ? 
_refine.pdbx_stereochemistry_target_values       'CNS-defined values' 
_refine.pdbx_stereochem_target_val_spec_case     ? 
_refine.pdbx_R_Free_selection_details            RANDOM 
_refine.pdbx_overall_ESU_R_Free                  ? 
_refine.overall_SU_B                             ? 
_refine.ls_redundancy_reflns_obs                 ? 
_refine.B_iso_min                                ? 
_refine.B_iso_max                                ? 
_refine.overall_SU_ML                            ? 
_refine.pdbx_overall_ESU_R                       ? 
_refine.pdbx_data_cutoff_high_rms_absF           ? 
_refine.correlation_coeff_Fo_to_Fc               ? 
_refine.correlation_coeff_Fo_to_Fc_free          ? 
_refine.overall_SU_R_Cruickshank_DPI             ? 
_refine.overall_SU_R_free                        ? 
_refine.pdbx_refine_id                           'X-RAY DIFFRACTION' 
_refine.pdbx_diffrn_id                           1 
_refine.pdbx_TLS_residual_ADP_flag               ? 
_refine.pdbx_solvent_vdw_probe_radii             ? 
_refine.pdbx_solvent_ion_probe_radii             ? 
_refine.pdbx_solvent_shrinkage_radii             ? 
_refine.pdbx_overall_phase_error                 ? 
_refine.pdbx_overall_SU_R_free_Cruickshank_DPI   ? 
_refine.pdbx_overall_SU_R_Blow_DPI               ? 
_refine.pdbx_overall_SU_R_free_Blow_DPI          ? 
# 
_refine_hist.pdbx_refine_id                   'X-RAY DIFFRACTION' 
_refine_hist.cycle_id                         LAST 
_refine_hist.pdbx_number_atoms_protein        1633 
_refine_hist.pdbx_number_atoms_nucleic_acid   0 
_refine_hist.pdbx_number_atoms_ligand         0 
_refine_hist.number_atoms_solvent             0 
_refine_hist.number_atoms_total               1633 
_refine_hist.d_res_high                       2.5 
_refine_hist.d_res_low                        25 
# 
loop_
_refine_ls_restr.type 
_refine_ls_restr.dev_ideal 
_refine_ls_restr.dev_ideal_target 
_refine_ls_restr.weight 
_refine_ls_restr.number 
_refine_ls_restr.pdbx_refine_id 
_refine_ls_restr.pdbx_restraint_function 
c_angle_deg 1.4   ? ? ? 'X-RAY DIFFRACTION' ? 
c_bond_d    0.006 ? ? ? 'X-RAY DIFFRACTION' ? 
# 
_refine_ls_shell.pdbx_total_number_of_bins_used   ? 
_refine_ls_shell.d_res_high                       2.5 
_refine_ls_shell.d_res_low                        25.0 
_refine_ls_shell.number_reflns_R_work             ? 
_refine_ls_shell.R_factor_R_work                  0.1970000 
_refine_ls_shell.percent_reflns_obs               ? 
_refine_ls_shell.R_factor_R_free                  0.2500000 
_refine_ls_shell.R_factor_R_free_error            ? 
_refine_ls_shell.percent_reflns_R_free            ? 
_refine_ls_shell.number_reflns_R_free             987 
_refine_ls_shell.number_reflns_obs                9534 
_refine_ls_shell.redundancy_reflns_obs            ? 
_refine_ls_shell.number_reflns_all                ? 
_refine_ls_shell.pdbx_refine_id                   'X-RAY DIFFRACTION' 
_refine_ls_shell.R_factor_all                     ? 
# 
_struct.entry_id                  1G62 
_struct.title                     'CRYSTAL STRUCTURE OF S.CEREVISIAE EIF6' 
_struct.pdbx_model_details        ? 
_struct.pdbx_CASP_flag            ? 
_struct.pdbx_model_type_details   ? 
# 
_struct_keywords.entry_id        1G62 
_struct_keywords.pdbx_keywords   TRANSLATION 
_struct_keywords.text            
;alpha-beta barrel, velcro closure, subdomain, Structural Genomics, PSI, Protein Structure Initiative, New York SGX Research Center for Structural Genomics, NYSGXRC, TRANSLATION
;
# 
_struct_asym.id                            A 
_struct_asym.pdbx_blank_PDB_chainid_flag   N 
_struct_asym.pdbx_modified                 N 
_struct_asym.entity_id                     1 
_struct_asym.details                       ? 
# 
loop_
_struct_conf.conf_type_id 
_struct_conf.id 
_struct_conf.pdbx_PDB_helix_id 
_struct_conf.beg_label_comp_id 
_struct_conf.beg_label_asym_id 
_struct_conf.beg_label_seq_id 
_struct_conf.pdbx_beg_PDB_ins_code 
_struct_conf.end_label_comp_id 
_struct_conf.end_label_asym_id 
_struct_conf.end_label_seq_id 
_struct_conf.pdbx_end_PDB_ins_code 
_struct_conf.beg_auth_comp_id 
_struct_conf.beg_auth_asym_id 
_struct_conf.beg_auth_seq_id 
_struct_conf.end_auth_comp_id 
_struct_conf.end_auth_asym_id 
_struct_conf.end_auth_seq_id 
_struct_conf.pdbx_PDB_helix_class 
_struct_conf.details 
_struct_conf.pdbx_PDB_helix_length 
HELX_P HELX_P1 1  GLU A 12  ? PHE A 16  ? GLU A 12  PHE A 16  1 ? 5  
HELX_P HELX_P2 2  SER A 31  ? GLY A 43  ? SER A 31  GLY A 43  1 ? 13 
HELX_P HELX_P3 3  ILE A 58  ? THR A 63  ? ILE A 58  THR A 63  1 ? 6  
HELX_P HELX_P4 4  THR A 77  ? LEU A 88  ? THR A 77  LEU A 88  1 ? 12 
HELX_P HELX_P5 5  ALA A 103 ? VAL A 107 ? ALA A 103 VAL A 107 1 ? 5  
HELX_P HELX_P6 6  ASP A 122 ? GLY A 134 ? ASP A 122 GLY A 134 1 ? 13 
HELX_P HELX_P7 7  LEU A 147 ? SER A 150 ? LEU A 147 SER A 150 5 ? 4  
HELX_P HELX_P8 9  VAL A 192 ? GLY A 196 ? VAL A 192 GLY A 196 1 ? 5  
HELX_P HELX_P9 10 THR A 211 ? PHE A 222 ? THR A 211 PHE A 222 1 ? 12 
# 
_struct_conf_type.id          HELX_P 
_struct_conf_type.criteria    ? 
_struct_conf_type.reference   ? 
# 
loop_
_struct_sheet.id 
_struct_sheet.type 
_struct_sheet.number_strands 
_struct_sheet.details 
A ? 3 ? 
B ? 3 ? 
C ? 2 ? 
D ? 3 ? 
E ? 3 ? 
# 
loop_
_struct_sheet_order.sheet_id 
_struct_sheet_order.range_id_1 
_struct_sheet_order.range_id_2 
_struct_sheet_order.offset 
_struct_sheet_order.sense 
A 1 2 ? parallel      
A 2 3 ? anti-parallel 
B 1 2 ? anti-parallel 
B 2 3 ? parallel      
C 1 2 ? anti-parallel 
D 1 2 ? anti-parallel 
D 2 3 ? parallel      
E 1 2 ? anti-parallel 
E 2 3 ? parallel      
# 
loop_
_struct_sheet_range.sheet_id 
_struct_sheet_range.id 
_struct_sheet_range.beg_label_comp_id 
_struct_sheet_range.beg_label_asym_id 
_struct_sheet_range.beg_label_seq_id 
_struct_sheet_range.pdbx_beg_PDB_ins_code 
_struct_sheet_range.end_label_comp_id 
_struct_sheet_range.end_label_asym_id 
_struct_sheet_range.end_label_seq_id 
_struct_sheet_range.pdbx_end_PDB_ins_code 
_struct_sheet_range.beg_auth_comp_id 
_struct_sheet_range.beg_auth_asym_id 
_struct_sheet_range.beg_auth_seq_id 
_struct_sheet_range.end_auth_comp_id 
_struct_sheet_range.end_auth_asym_id 
_struct_sheet_range.end_auth_seq_id 
A 1 ALA A 2   ? THR A 5   ? ALA A 2   THR A 5   
A 2 ALA A 204 ? GLY A 207 ? ALA A 204 GLY A 207 
A 3 MET A 197 ? VAL A 199 ? MET A 197 VAL A 199 
B 1 SER A 17  ? LEU A 19  ? SER A 17  LEU A 19  
B 2 CYS A 24  ? ALA A 27  ? CYS A 24  ALA A 27  
B 3 ILE A 48  ? THR A 51  ? ILE A 48  THR A 51  
C 1 ALA A 64  ? GLY A 65  ? ALA A 64  GLY A 65  
C 2 GLY A 69  ? PRO A 73  ? GLY A 69  PRO A 73  
D 1 ILE A 108 ? CYS A 110 ? ILE A 108 CYS A 110 
D 2 VAL A 114 ? VAL A 117 ? VAL A 114 VAL A 117 
D 3 GLU A 136 ? ARG A 139 ? GLU A 136 ARG A 139 
E 1 CYS A 152 ? LEU A 154 ? CYS A 152 LEU A 154 
E 2 GLY A 159 ? VAL A 161 ? GLY A 159 VAL A 161 
E 3 LEU A 181 ? ALA A 183 ? LEU A 181 ALA A 183 
# 
loop_
_pdbx_struct_sheet_hbond.sheet_id 
_pdbx_struct_sheet_hbond.range_id_1 
_pdbx_struct_sheet_hbond.range_id_2 
_pdbx_struct_sheet_hbond.range_1_label_atom_id 
_pdbx_struct_sheet_hbond.range_1_label_comp_id 
_pdbx_struct_sheet_hbond.range_1_label_asym_id 
_pdbx_struct_sheet_hbond.range_1_label_seq_id 
_pdbx_struct_sheet_hbond.range_1_PDB_ins_code 
_pdbx_struct_sheet_hbond.range_1_auth_atom_id 
_pdbx_struct_sheet_hbond.range_1_auth_comp_id 
_pdbx_struct_sheet_hbond.range_1_auth_asym_id 
_pdbx_struct_sheet_hbond.range_1_auth_seq_id 
_pdbx_struct_sheet_hbond.range_2_label_atom_id 
_pdbx_struct_sheet_hbond.range_2_label_comp_id 
_pdbx_struct_sheet_hbond.range_2_label_asym_id 
_pdbx_struct_sheet_hbond.range_2_label_seq_id 
_pdbx_struct_sheet_hbond.range_2_PDB_ins_code 
_pdbx_struct_sheet_hbond.range_2_auth_atom_id 
_pdbx_struct_sheet_hbond.range_2_auth_comp_id 
_pdbx_struct_sheet_hbond.range_2_auth_asym_id 
_pdbx_struct_sheet_hbond.range_2_auth_seq_id 
A 1 2 N THR A 3   ? N THR A 3   O ALA A 204 ? O ALA A 204 
A 2 3 O VAL A 205 ? O VAL A 205 N VAL A 198 ? N VAL A 198 
B 1 2 O LYS A 18  ? O LYS A 18  N LEU A 25  ? N LEU A 25  
B 2 3 O CYS A 24  ? O CYS A 24  N VAL A 49  ? N VAL A 49  
C 1 2 O ALA A 64  ? O ALA A 64  N LEU A 71  ? N LEU A 71  
D 1 2 O CYS A 109 ? O CYS A 109 N LEU A 116 ? N LEU A 116 
D 2 3 N ALA A 115 ? N ALA A 115 O GLU A 136 ? O GLU A 136 
E 1 2 O SER A 153 ? O SER A 153 N LEU A 160 ? N LEU A 160 
E 2 3 N VAL A 161 ? N VAL A 161 O VAL A 182 ? O VAL A 182 
# 
_atom_sites.entry_id                    1G62 
_atom_sites.fract_transf_matrix[1][1]   -0.00515274 
_atom_sites.fract_transf_matrix[1][2]   -0.01521627 
_atom_sites.fract_transf_matrix[1][3]   -0.00760925 
_atom_sites.fract_transf_matrix[2][1]   -0.01680014 
_atom_sites.fract_transf_matrix[2][2]   0.00329783 
_atom_sites.fract_transf_matrix[2][3]   0.00478182 
_atom_sites.fract_transf_matrix[3][1]   -0.00087857 
_atom_sites.fract_transf_matrix[3][2]   0.00281031 
_atom_sites.fract_transf_matrix[3][3]   -0.00502486 
_atom_sites.fract_transf_vector[1]      0.990115 
_atom_sites.fract_transf_vector[2]      0.651239 
_atom_sites.fract_transf_vector[3]      0.086819 
# 
loop_
_atom_type.symbol 
C 
N 
O 
S 
# 
loop_
_atom_site.group_PDB 
_atom_site.id 
_atom_site.type_symbol 
_atom_site.label_atom_id 
_atom_site.label_alt_id 
_atom_site.label_comp_id 
_atom_site.label_asym_id 
_atom_site.label_entity_id 
_atom_site.label_seq_id 
_atom_site.pdbx_PDB_ins_code 
_atom_site.Cartn_x 
_atom_site.Cartn_y 
_atom_site.Cartn_z 
_atom_site.occupancy 
_atom_site.B_iso_or_equiv 
_atom_site.pdbx_formal_charge 
_atom_site.auth_seq_id 
_atom_site.auth_comp_id 
_atom_site.auth_asym_id 
_atom_site.auth_atom_id 
_atom_site.pdbx_PDB_model_num 
ATOM 1    N N   . MET A 1 1   ? 6.279   14.761  -5.683  1.00 42.49 ? 1   MET A N   1 
ATOM 2    C CA  . MET A 1 1   ? 4.918   15.197  -6.116  1.00 46.23 ? 1   MET A CA  1 
ATOM 3    C C   . MET A 1 1   ? 3.912   14.056  -6.286  1.00 40.20 ? 1   MET A C   1 
ATOM 4    O O   . MET A 1 1   ? 4.181   12.910  -5.923  1.00 35.98 ? 1   MET A O   1 
ATOM 5    C CB  . MET A 1 1   ? 5.013   15.975  -7.429  1.00 57.43 ? 1   MET A CB  1 
ATOM 6    C CG  . MET A 1 1   ? 4.695   17.452  -7.283  1.00 68.76 ? 1   MET A CG  1 
ATOM 7    S SD  . MET A 1 1   ? 3.072   17.726  -6.535  1.00 81.80 ? 1   MET A SD  1 
ATOM 8    C CE  . MET A 1 1   ? 2.005   17.688  -8.006  1.00 75.80 ? 1   MET A CE  1 
ATOM 9    N N   . ALA A 1 2   ? 2.749   14.392  -6.839  1.00 34.24 ? 2   ALA A N   1 
ATOM 10   C CA  . ALA A 1 2   ? 1.687   13.422  -7.080  1.00 33.33 ? 2   ALA A CA  1 
ATOM 11   C C   . ALA A 1 2   ? 1.406   13.339  -8.568  1.00 35.22 ? 2   ALA A C   1 
ATOM 12   O O   . ALA A 1 2   ? 1.169   14.361  -9.207  1.00 39.00 ? 2   ALA A O   1 
ATOM 13   C CB  . ALA A 1 2   ? 0.428   13.836  -6.352  1.00 32.38 ? 2   ALA A CB  1 
ATOM 14   N N   . THR A 1 3   ? 1.433   12.128  -9.118  1.00 36.27 ? 3   THR A N   1 
ATOM 15   C CA  . THR A 1 3   ? 1.169   11.928  -10.540 1.00 36.70 ? 3   THR A CA  1 
ATOM 16   C C   . THR A 1 3   ? 0.008   10.984  -10.791 1.00 38.30 ? 3   THR A C   1 
ATOM 17   O O   . THR A 1 3   ? -0.460  10.291  -9.890  1.00 40.50 ? 3   THR A O   1 
ATOM 18   C CB  . THR A 1 3   ? 2.368   11.328  -11.274 1.00 36.90 ? 3   THR A CB  1 
ATOM 19   O OG1 . THR A 1 3   ? 3.470   11.202  -10.372 1.00 41.91 ? 3   THR A OG1 1 
ATOM 20   C CG2 . THR A 1 3   ? 2.752   12.203  -12.456 1.00 38.52 ? 3   THR A CG2 1 
ATOM 21   N N   . ARG A 1 4   ? -0.440  10.957  -12.039 1.00 33.71 ? 4   ARG A N   1 
ATOM 22   C CA  . ARG A 1 4   ? -1.528  10.088  -12.440 1.00 33.33 ? 4   ARG A CA  1 
ATOM 23   C C   . ARG A 1 4   ? -1.027  9.145   -13.531 1.00 32.25 ? 4   ARG A C   1 
ATOM 24   O O   . ARG A 1 4   ? -0.148  9.500   -14.315 1.00 32.61 ? 4   ARG A O   1 
ATOM 25   C CB  . ARG A 1 4   ? -2.689  10.892  -13.016 1.00 29.76 ? 4   ARG A CB  1 
ATOM 26   C CG  . ARG A 1 4   ? -3.271  11.986  -12.153 1.00 32.88 ? 4   ARG A CG  1 
ATOM 27   C CD  . ARG A 1 4   ? -4.638  12.327  -12.737 1.00 46.46 ? 4   ARG A CD  1 
ATOM 28   N NE  . ARG A 1 4   ? -5.289  13.490  -12.145 1.00 53.39 ? 4   ARG A NE  1 
ATOM 29   C CZ  . ARG A 1 4   ? -4.978  14.751  -12.427 1.00 60.48 ? 4   ARG A CZ  1 
ATOM 30   N NH1 . ARG A 1 4   ? -4.014  15.024  -13.300 1.00 62.26 ? 4   ARG A NH1 1 
ATOM 31   N NH2 . ARG A 1 4   ? -5.645  15.742  -11.848 1.00 59.35 ? 4   ARG A NH2 1 
ATOM 32   N N   . THR A 1 5   ? -1.587  7.943   -13.573 1.00 31.88 ? 5   THR A N   1 
ATOM 33   C CA  . THR A 1 5   ? -1.232  6.965   -14.595 1.00 32.35 ? 5   THR A CA  1 
ATOM 34   C C   . THR A 1 5   ? -2.300  5.896   -14.588 1.00 31.14 ? 5   THR A C   1 
ATOM 35   O O   . THR A 1 5   ? -3.287  5.993   -13.855 1.00 32.16 ? 5   THR A O   1 
ATOM 36   C CB  . THR A 1 5   ? 0.115   6.269   -14.320 1.00 30.11 ? 5   THR A CB  1 
ATOM 37   O OG1 . THR A 1 5   ? 1.063   7.229   -13.854 1.00 51.75 ? 5   THR A OG1 1 
ATOM 38   C CG2 . THR A 1 5   ? 0.652   5.652   -15.591 1.00 19.57 ? 5   THR A CG2 1 
ATOM 39   N N   . GLN A 1 6   ? -2.081  4.876   -15.407 1.00 26.22 ? 6   GLN A N   1 
ATOM 40   C CA  . GLN A 1 6   ? -2.987  3.753   -15.520 1.00 25.24 ? 6   GLN A CA  1 
ATOM 41   C C   . GLN A 1 6   ? -2.216  2.503   -15.901 1.00 27.82 ? 6   GLN A C   1 
ATOM 42   O O   . GLN A 1 6   ? -1.167  2.581   -16.539 1.00 32.70 ? 6   GLN A O   1 
ATOM 43   C CB  . GLN A 1 6   ? -4.044  4.039   -16.581 1.00 22.24 ? 6   GLN A CB  1 
ATOM 44   C CG  . GLN A 1 6   ? -5.189  4.896   -16.083 1.00 32.55 ? 6   GLN A CG  1 
ATOM 45   C CD  . GLN A 1 6   ? -6.191  5.234   -17.166 1.00 32.41 ? 6   GLN A CD  1 
ATOM 46   O OE1 . GLN A 1 6   ? -7.347  5.572   -16.877 1.00 31.50 ? 6   GLN A OE1 1 
ATOM 47   N NE2 . GLN A 1 6   ? -5.753  5.159   -18.426 1.00 31.12 ? 6   GLN A NE2 1 
ATOM 48   N N   . PHE A 1 7   ? -2.714  1.352   -15.467 1.00 29.21 ? 7   PHE A N   1 
ATOM 49   C CA  . PHE A 1 7   ? -2.114  0.081   -15.838 1.00 26.89 ? 7   PHE A CA  1 
ATOM 50   C C   . PHE A 1 7   ? -3.150  -0.325  -16.880 1.00 27.01 ? 7   PHE A C   1 
ATOM 51   O O   . PHE A 1 7   ? -4.287  -0.665  -16.536 1.00 25.23 ? 7   PHE A O   1 
ATOM 52   C CB  . PHE A 1 7   ? -2.114  -0.902  -14.676 1.00 26.03 ? 7   PHE A CB  1 
ATOM 53   C CG  . PHE A 1 7   ? -1.321  -2.145  -14.949 1.00 28.89 ? 7   PHE A CG  1 
ATOM 54   C CD1 . PHE A 1 7   ? 0.062   -2.147  -14.796 1.00 24.23 ? 7   PHE A CD1 1 
ATOM 55   C CD2 . PHE A 1 7   ? -1.952  -3.306  -15.389 1.00 22.57 ? 7   PHE A CD2 1 
ATOM 56   C CE1 . PHE A 1 7   ? 0.808   -3.285  -15.074 1.00 27.23 ? 7   PHE A CE1 1 
ATOM 57   C CE2 . PHE A 1 7   ? -1.218  -4.450  -15.674 1.00 27.01 ? 7   PHE A CE2 1 
ATOM 58   C CZ  . PHE A 1 7   ? 0.167   -4.441  -15.516 1.00 28.57 ? 7   PHE A CZ  1 
ATOM 59   N N   . GLU A 1 8   ? -2.762  -0.262  -18.151 1.00 26.44 ? 8   GLU A N   1 
ATOM 60   C CA  . GLU A 1 8   ? -3.684  -0.533  -19.244 1.00 28.52 ? 8   GLU A CA  1 
ATOM 61   C C   . GLU A 1 8   ? -4.669  0.621   -19.118 1.00 31.83 ? 8   GLU A C   1 
ATOM 62   O O   . GLU A 1 8   ? -4.263  1.785   -19.200 1.00 36.98 ? 8   GLU A O   1 
ATOM 63   C CB  . GLU A 1 8   ? -4.382  -1.883  -19.069 1.00 27.91 ? 8   GLU A CB  1 
ATOM 64   C CG  . GLU A 1 8   ? -3.430  -3.064  -19.148 1.00 27.74 ? 8   GLU A CG  1 
ATOM 65   C CD  . GLU A 1 8   ? -4.157  -4.376  -19.273 1.00 29.96 ? 8   GLU A CD  1 
ATOM 66   O OE1 . GLU A 1 8   ? -5.158  -4.559  -18.553 1.00 36.64 ? 8   GLU A OE1 1 
ATOM 67   O OE2 . GLU A 1 8   ? -3.730  -5.225  -20.082 1.00 35.51 ? 8   GLU A OE2 1 
ATOM 68   N N   . ASN A 1 9   ? -5.945  0.330   -18.907 1.00 30.96 ? 9   ASN A N   1 
ATOM 69   C CA  . ASN A 1 9   ? -6.917  1.408   -18.756 1.00 30.39 ? 9   ASN A CA  1 
ATOM 70   C C   . ASN A 1 9   ? -7.487  1.437   -17.347 1.00 27.60 ? 9   ASN A C   1 
ATOM 71   O O   . ASN A 1 9   ? -8.554  2.005   -17.115 1.00 25.56 ? 9   ASN A O   1 
ATOM 72   C CB  . ASN A 1 9   ? -8.048  1.277   -19.782 1.00 39.48 ? 9   ASN A CB  1 
ATOM 73   C CG  . ASN A 1 9   ? -8.518  -0.153  -19.964 1.00 46.04 ? 9   ASN A CG  1 
ATOM 74   O OD1 . ASN A 1 9   ? -8.668  -0.902  -18.999 1.00 52.13 ? 9   ASN A OD1 1 
ATOM 75   N ND2 . ASN A 1 9   ? -8.763  -0.535  -21.210 1.00 51.51 ? 9   ASN A ND2 1 
ATOM 76   N N   . SER A 1 10  ? -6.770  0.805   -16.418 1.00 28.95 ? 10  SER A N   1 
ATOM 77   C CA  . SER A 1 10  ? -7.160  0.755   -15.013 1.00 26.22 ? 10  SER A CA  1 
ATOM 78   C C   . SER A 1 10  ? -6.492  1.864   -14.189 1.00 27.47 ? 10  SER A C   1 
ATOM 79   O O   . SER A 1 10  ? -5.282  2.109   -14.311 1.00 22.91 ? 10  SER A O   1 
ATOM 80   C CB  . SER A 1 10  ? -6.789  -0.597  -14.407 1.00 25.56 ? 10  SER A CB  1 
ATOM 81   O OG  . SER A 1 10  ? -7.062  -0.605  -13.016 1.00 24.56 ? 10  SER A OG  1 
ATOM 82   N N   . ASN A 1 11  ? -7.288  2.511   -13.342 1.00 23.09 ? 11  ASN A N   1 
ATOM 83   C CA  . ASN A 1 11  ? -6.817  3.593   -12.479 1.00 23.53 ? 11  ASN A CA  1 
ATOM 84   C C   . ASN A 1 11  ? -6.339  3.078   -11.136 1.00 23.08 ? 11  ASN A C   1 
ATOM 85   O O   . ASN A 1 11  ? -5.736  3.822   -10.364 1.00 30.20 ? 11  ASN A O   1 
ATOM 86   C CB  . ASN A 1 11  ? -7.943  4.585   -12.197 1.00 23.73 ? 11  ASN A CB  1 
ATOM 87   C CG  . ASN A 1 11  ? -8.420  5.285   -13.429 1.00 29.30 ? 11  ASN A CG  1 
ATOM 88   O OD1 . ASN A 1 11  ? -9.616  5.293   -13.724 1.00 28.90 ? 11  ASN A OD1 1 
ATOM 89   N ND2 . ASN A 1 11  ? -7.496  5.890   -14.161 1.00 27.61 ? 11  ASN A ND2 1 
ATOM 90   N N   . GLU A 1 12  ? -6.618  1.813   -10.848 1.00 23.77 ? 12  GLU A N   1 
ATOM 91   C CA  . GLU A 1 12  ? -6.258  1.238   -9.558  1.00 22.52 ? 12  GLU A CA  1 
ATOM 92   C C   . GLU A 1 12  ? -4.796  0.857   -9.474  1.00 19.74 ? 12  GLU A C   1 
ATOM 93   O O   . GLU A 1 12  ? -4.433  -0.320  -9.533  1.00 17.86 ? 12  GLU A O   1 
ATOM 94   C CB  . GLU A 1 12  ? -7.167  0.046   -9.260  1.00 25.82 ? 12  GLU A CB  1 
ATOM 95   C CG  . GLU A 1 12  ? -8.652  0.379   -9.430  1.00 30.98 ? 12  GLU A CG  1 
ATOM 96   C CD  . GLU A 1 12  ? -9.562  -0.485  -8.574  1.00 44.14 ? 12  GLU A CD  1 
ATOM 97   O OE1 . GLU A 1 12  ? -9.531  -1.733  -8.717  1.00 46.89 ? 12  GLU A OE1 1 
ATOM 98   O OE2 . GLU A 1 12  ? -10.312 0.092   -7.756  1.00 50.17 ? 12  GLU A OE2 1 
ATOM 99   N N   . ILE A 1 13  ? -3.967  1.885   -9.309  1.00 19.08 ? 13  ILE A N   1 
ATOM 100  C CA  . ILE A 1 13  ? -2.524  1.732   -9.238  1.00 17.18 ? 13  ILE A CA  1 
ATOM 101  C C   . ILE A 1 13  ? -2.119  0.828   -8.087  1.00 18.37 ? 13  ILE A C   1 
ATOM 102  O O   . ILE A 1 13  ? -1.207  0.000   -8.222  1.00 13.35 ? 13  ILE A O   1 
ATOM 103  C CB  . ILE A 1 13  ? -1.844  3.110   -9.093  1.00 21.79 ? 13  ILE A CB  1 
ATOM 104  C CG1 . ILE A 1 13  ? -2.434  4.086   -10.116 1.00 22.67 ? 13  ILE A CG1 1 
ATOM 105  C CG2 . ILE A 1 13  ? -0.343  2.989   -9.316  1.00 24.77 ? 13  ILE A CG2 1 
ATOM 106  C CD1 . ILE A 1 13  ? -2.354  3.598   -11.557 1.00 15.93 ? 13  ILE A CD1 1 
ATOM 107  N N   . GLY A 1 14  ? -2.820  0.982   -6.966  1.00 17.75 ? 14  GLY A N   1 
ATOM 108  C CA  . GLY A 1 14  ? -2.544  0.179   -5.788  1.00 20.77 ? 14  GLY A CA  1 
ATOM 109  C C   . GLY A 1 14  ? -2.684  -1.315  -6.025  1.00 24.55 ? 14  GLY A C   1 
ATOM 110  O O   . GLY A 1 14  ? -2.166  -2.121  -5.257  1.00 22.47 ? 14  GLY A O   1 
ATOM 111  N N   . VAL A 1 15  ? -3.388  -1.694  -7.086  1.00 19.97 ? 15  VAL A N   1 
ATOM 112  C CA  . VAL A 1 15  ? -3.547  -3.108  -7.387  1.00 20.45 ? 15  VAL A CA  1 
ATOM 113  C C   . VAL A 1 15  ? -2.311  -3.689  -8.079  1.00 21.73 ? 15  VAL A C   1 
ATOM 114  O O   . VAL A 1 15  ? -1.949  -4.841  -7.836  1.00 18.57 ? 15  VAL A O   1 
ATOM 115  C CB  . VAL A 1 15  ? -4.786  -3.350  -8.277  1.00 24.80 ? 15  VAL A CB  1 
ATOM 116  C CG1 . VAL A 1 15  ? -4.780  -4.786  -8.823  1.00 17.97 ? 15  VAL A CG1 1 
ATOM 117  C CG2 . VAL A 1 15  ? -6.055  -3.089  -7.464  1.00 12.74 ? 15  VAL A CG2 1 
ATOM 118  N N   . PHE A 1 16  ? -1.656  -2.887  -8.918  1.00 25.43 ? 16  PHE A N   1 
ATOM 119  C CA  . PHE A 1 16  ? -0.481  -3.343  -9.667  1.00 24.30 ? 16  PHE A CA  1 
ATOM 120  C C   . PHE A 1 16  ? 0.869   -2.826  -9.181  1.00 24.78 ? 16  PHE A C   1 
ATOM 121  O O   . PHE A 1 16  ? 1.891   -3.071  -9.816  1.00 26.22 ? 16  PHE A O   1 
ATOM 122  C CB  . PHE A 1 16  ? -0.637  -2.998  -11.155 1.00 21.88 ? 16  PHE A CB  1 
ATOM 123  C CG  . PHE A 1 16  ? -1.942  -3.446  -11.746 1.00 25.37 ? 16  PHE A CG  1 
ATOM 124  C CD1 . PHE A 1 16  ? -3.062  -2.623  -11.691 1.00 25.56 ? 16  PHE A CD1 1 
ATOM 125  C CD2 . PHE A 1 16  ? -2.066  -4.710  -12.314 1.00 22.07 ? 16  PHE A CD2 1 
ATOM 126  C CE1 . PHE A 1 16  ? -4.295  -3.058  -12.197 1.00 29.98 ? 16  PHE A CE1 1 
ATOM 127  C CE2 . PHE A 1 16  ? -3.290  -5.151  -12.821 1.00 24.80 ? 16  PHE A CE2 1 
ATOM 128  C CZ  . PHE A 1 16  ? -4.406  -4.327  -12.763 1.00 25.24 ? 16  PHE A CZ  1 
ATOM 129  N N   . SER A 1 17  ? 0.885   -2.115  -8.062  1.00 23.83 ? 17  SER A N   1 
ATOM 130  C CA  . SER A 1 17  ? 2.147   -1.612  -7.546  1.00 27.26 ? 17  SER A CA  1 
ATOM 131  C C   . SER A 1 17  ? 2.136   -1.491  -6.031  1.00 30.72 ? 17  SER A C   1 
ATOM 132  O O   . SER A 1 17  ? 1.079   -1.372  -5.413  1.00 37.91 ? 17  SER A O   1 
ATOM 133  C CB  . SER A 1 17  ? 2.481   -0.256  -8.173  1.00 24.66 ? 17  SER A CB  1 
ATOM 134  O OG  . SER A 1 17  ? 1.479   0.704   -7.891  1.00 28.81 ? 17  SER A OG  1 
ATOM 135  N N   . LYS A 1 18  ? 3.330   -1.544  -5.452  1.00 29.23 ? 18  LYS A N   1 
ATOM 136  C CA  . LYS A 1 18  ? 3.542   -1.446  -4.016  1.00 28.46 ? 18  LYS A CA  1 
ATOM 137  C C   . LYS A 1 18  ? 4.702   -0.474  -3.827  1.00 29.68 ? 18  LYS A C   1 
ATOM 138  O O   . LYS A 1 18  ? 5.801   -0.704  -4.329  1.00 31.21 ? 18  LYS A O   1 
ATOM 139  C CB  . LYS A 1 18  ? 3.902   -2.819  -3.441  1.00 29.82 ? 18  LYS A CB  1 
ATOM 140  C CG  . LYS A 1 18  ? 4.174   -2.834  -1.936  1.00 28.98 ? 18  LYS A CG  1 
ATOM 141  C CD  . LYS A 1 18  ? 2.935   -2.486  -1.125  1.00 24.54 ? 18  LYS A CD  1 
ATOM 142  C CE  . LYS A 1 18  ? 1.836   -3.515  -1.327  1.00 29.72 ? 18  LYS A CE  1 
ATOM 143  N NZ  . LYS A 1 18  ? 0.589   -3.160  -0.591  1.00 32.97 ? 18  LYS A NZ  1 
ATOM 144  N N   . LEU A 1 19  ? 4.453   0.610   -3.104  1.00 29.79 ? 19  LEU A N   1 
ATOM 145  C CA  . LEU A 1 19  ? 5.474   1.622   -2.880  1.00 26.03 ? 19  LEU A CA  1 
ATOM 146  C C   . LEU A 1 19  ? 5.768   1.845   -1.401  1.00 30.11 ? 19  LEU A C   1 
ATOM 147  O O   . LEU A 1 19  ? 4.853   1.967   -0.587  1.00 27.04 ? 19  LEU A O   1 
ATOM 148  C CB  . LEU A 1 19  ? 5.021   2.946   -3.505  1.00 26.20 ? 19  LEU A CB  1 
ATOM 149  C CG  . LEU A 1 19  ? 5.977   4.146   -3.542  1.00 22.28 ? 19  LEU A CG  1 
ATOM 150  C CD1 . LEU A 1 19  ? 7.148   3.837   -4.453  1.00 16.05 ? 19  LEU A CD1 1 
ATOM 151  C CD2 . LEU A 1 19  ? 5.234   5.374   -4.070  1.00 13.47 ? 19  LEU A CD2 1 
ATOM 152  N N   . THR A 1 20  ? 7.051   1.880   -1.054  1.00 30.70 ? 20  THR A N   1 
ATOM 153  C CA  . THR A 1 20  ? 7.447   2.151   0.324   1.00 29.13 ? 20  THR A CA  1 
ATOM 154  C C   . THR A 1 20  ? 8.503   3.240   0.239   1.00 33.11 ? 20  THR A C   1 
ATOM 155  O O   . THR A 1 20  ? 8.749   3.784   -0.840  1.00 36.31 ? 20  THR A O   1 
ATOM 156  C CB  . THR A 1 20  ? 8.042   0.913   1.042   1.00 24.28 ? 20  THR A CB  1 
ATOM 157  O OG1 . THR A 1 20  ? 9.300   0.565   0.454   1.00 24.35 ? 20  THR A OG1 1 
ATOM 158  C CG2 . THR A 1 20  ? 7.088   -0.267  0.950   1.00 22.35 ? 20  THR A CG2 1 
ATOM 159  N N   . ASN A 1 21  ? 9.120   3.571   1.365   1.00 33.16 ? 21  ASN A N   1 
ATOM 160  C CA  . ASN A 1 21  ? 10.143  4.607   1.366   1.00 33.55 ? 21  ASN A CA  1 
ATOM 161  C C   . ASN A 1 21  ? 11.499  4.088   0.900   1.00 33.66 ? 21  ASN A C   1 
ATOM 162  O O   . ASN A 1 21  ? 12.369  4.876   0.534   1.00 40.31 ? 21  ASN A O   1 
ATOM 163  C CB  . ASN A 1 21  ? 10.262  5.227   2.761   1.00 27.80 ? 21  ASN A CB  1 
ATOM 164  C CG  . ASN A 1 21  ? 9.178   6.246   3.033   1.00 26.81 ? 21  ASN A CG  1 
ATOM 165  O OD1 . ASN A 1 21  ? 8.758   6.433   4.172   1.00 36.29 ? 21  ASN A OD1 1 
ATOM 166  N ND2 . ASN A 1 21  ? 8.725   6.920   1.987   1.00 21.60 ? 21  ASN A ND2 1 
ATOM 167  N N   . THR A 1 22  ? 11.671  2.769   0.893   1.00 34.18 ? 22  THR A N   1 
ATOM 168  C CA  . THR A 1 22  ? 12.935  2.175   0.474   1.00 30.10 ? 22  THR A CA  1 
ATOM 169  C C   . THR A 1 22  ? 12.868  1.309   -0.785  1.00 31.99 ? 22  THR A C   1 
ATOM 170  O O   . THR A 1 22  ? 13.898  0.838   -1.266  1.00 38.70 ? 22  THR A O   1 
ATOM 171  C CB  . THR A 1 22  ? 13.558  1.337   1.613   1.00 28.32 ? 22  THR A CB  1 
ATOM 172  O OG1 . THR A 1 22  ? 12.643  0.311   2.018   1.00 29.69 ? 22  THR A OG1 1 
ATOM 173  C CG2 . THR A 1 22  ? 13.879  2.223   2.808   1.00 26.05 ? 22  THR A CG2 1 
ATOM 174  N N   . TYR A 1 23  ? 11.674  1.095   -1.328  1.00 29.81 ? 23  TYR A N   1 
ATOM 175  C CA  . TYR A 1 23  ? 11.553  0.288   -2.539  1.00 31.16 ? 23  TYR A CA  1 
ATOM 176  C C   . TYR A 1 23  ? 10.194  0.391   -3.221  1.00 32.34 ? 23  TYR A C   1 
ATOM 177  O O   . TYR A 1 23  ? 9.200   0.814   -2.617  1.00 31.50 ? 23  TYR A O   1 
ATOM 178  C CB  . TYR A 1 23  ? 11.859  -1.181  -2.226  1.00 31.47 ? 23  TYR A CB  1 
ATOM 179  C CG  . TYR A 1 23  ? 10.885  -1.827  -1.264  1.00 36.07 ? 23  TYR A CG  1 
ATOM 180  C CD1 . TYR A 1 23  ? 9.616   -2.228  -1.686  1.00 33.67 ? 23  TYR A CD1 1 
ATOM 181  C CD2 . TYR A 1 23  ? 11.222  -2.015  0.078   1.00 32.51 ? 23  TYR A CD2 1 
ATOM 182  C CE1 . TYR A 1 23  ? 8.704   -2.799  -0.797  1.00 32.56 ? 23  TYR A CE1 1 
ATOM 183  C CE2 . TYR A 1 23  ? 10.318  -2.586  0.975   1.00 33.16 ? 23  TYR A CE2 1 
ATOM 184  C CZ  . TYR A 1 23  ? 9.060   -2.974  0.529   1.00 36.51 ? 23  TYR A CZ  1 
ATOM 185  O OH  . TYR A 1 23  ? 8.159   -3.526  1.411   1.00 34.47 ? 23  TYR A OH  1 
ATOM 186  N N   . CYS A 1 24  ? 10.164  0.004   -4.491  1.00 31.42 ? 24  CYS A N   1 
ATOM 187  C CA  . CYS A 1 24  ? 8.941   0.024   -5.279  1.00 31.40 ? 24  CYS A CA  1 
ATOM 188  C C   . CYS A 1 24  ? 8.796   -1.254  -6.086  1.00 27.25 ? 24  CYS A C   1 
ATOM 189  O O   . CYS A 1 24  ? 9.715   -1.653  -6.804  1.00 29.57 ? 24  CYS A O   1 
ATOM 190  C CB  . CYS A 1 24  ? 8.931   1.211   -6.240  1.00 35.76 ? 24  CYS A CB  1 
ATOM 191  S SG  . CYS A 1 24  ? 7.524   1.209   -7.386  1.00 36.15 ? 24  CYS A SG  1 
ATOM 192  N N   . LEU A 1 25  ? 7.638   -1.893  -5.958  1.00 25.03 ? 25  LEU A N   1 
ATOM 193  C CA  . LEU A 1 25  ? 7.350   -3.118  -6.693  1.00 24.58 ? 25  LEU A CA  1 
ATOM 194  C C   . LEU A 1 25  ? 6.307   -2.808  -7.752  1.00 24.09 ? 25  LEU A C   1 
ATOM 195  O O   . LEU A 1 25  ? 5.301   -2.160  -7.465  1.00 23.49 ? 25  LEU A O   1 
ATOM 196  C CB  . LEU A 1 25  ? 6.794   -4.200  -5.762  1.00 19.87 ? 25  LEU A CB  1 
ATOM 197  C CG  . LEU A 1 25  ? 7.610   -4.552  -4.521  1.00 27.89 ? 25  LEU A CG  1 
ATOM 198  C CD1 . LEU A 1 25  ? 7.021   -5.800  -3.882  1.00 25.56 ? 25  LEU A CD1 1 
ATOM 199  C CD2 . LEU A 1 25  ? 9.062   -4.781  -4.897  1.00 20.14 ? 25  LEU A CD2 1 
ATOM 200  N N   . VAL A 1 26  ? 6.546   -3.263  -8.978  1.00 22.94 ? 26  VAL A N   1 
ATOM 201  C CA  . VAL A 1 26  ? 5.592   -3.040  -10.054 1.00 23.31 ? 26  VAL A CA  1 
ATOM 202  C C   . VAL A 1 26  ? 5.331   -4.351  -10.784 1.00 24.98 ? 26  VAL A C   1 
ATOM 203  O O   . VAL A 1 26  ? 6.198   -5.227  -10.830 1.00 28.65 ? 26  VAL A O   1 
ATOM 204  C CB  . VAL A 1 26  ? 6.118   -1.993  -11.065 1.00 22.96 ? 26  VAL A CB  1 
ATOM 205  C CG1 . VAL A 1 26  ? 6.183   -0.622  -10.428 1.00 20.01 ? 26  VAL A CG1 1 
ATOM 206  C CG2 . VAL A 1 26  ? 7.486   -2.400  -11.552 1.00 24.30 ? 26  VAL A CG2 1 
ATOM 207  N N   . ALA A 1 27  ? 4.134   -4.493  -11.344 1.00 24.52 ? 27  ALA A N   1 
ATOM 208  C CA  . ALA A 1 27  ? 3.792   -5.695  -12.094 1.00 26.32 ? 27  ALA A CA  1 
ATOM 209  C C   . ALA A 1 27  ? 4.749   -5.846  -13.291 1.00 30.46 ? 27  ALA A C   1 
ATOM 210  O O   . ALA A 1 27  ? 5.125   -4.858  -13.933 1.00 22.85 ? 27  ALA A O   1 
ATOM 211  C CB  . ALA A 1 27  ? 2.343   -5.619  -12.579 1.00 24.04 ? 27  ALA A CB  1 
ATOM 212  N N   . VAL A 1 28  ? 5.119   -7.091  -13.584 1.00 29.27 ? 28  VAL A N   1 
ATOM 213  C CA  . VAL A 1 28  ? 6.035   -7.421  -14.670 1.00 33.32 ? 28  VAL A CA  1 
ATOM 214  C C   . VAL A 1 28  ? 5.636   -7.012  -16.082 1.00 38.80 ? 28  VAL A C   1 
ATOM 215  O O   . VAL A 1 28  ? 6.502   -6.661  -16.893 1.00 47.31 ? 28  VAL A O   1 
ATOM 216  C CB  . VAL A 1 28  ? 6.307   -8.933  -14.727 1.00 31.05 ? 28  VAL A CB  1 
ATOM 217  C CG1 . VAL A 1 28  ? 7.102   -9.375  -13.512 1.00 25.58 ? 28  VAL A CG1 1 
ATOM 218  C CG2 . VAL A 1 28  ? 4.988   -9.682  -14.827 1.00 24.83 ? 28  VAL A CG2 1 
ATOM 219  N N   . GLY A 1 29  ? 4.348   -7.067  -16.398 1.00 34.35 ? 29  GLY A N   1 
ATOM 220  C CA  . GLY A 1 29  ? 3.947   -6.723  -17.755 1.00 35.19 ? 29  GLY A CA  1 
ATOM 221  C C   . GLY A 1 29  ? 3.283   -5.380  -17.970 1.00 34.12 ? 29  GLY A C   1 
ATOM 222  O O   . GLY A 1 29  ? 2.252   -5.299  -18.635 1.00 29.23 ? 29  GLY A O   1 
ATOM 223  N N   . GLY A 1 30  ? 3.868   -4.320  -17.419 1.00 36.28 ? 30  GLY A N   1 
ATOM 224  C CA  . GLY A 1 30  ? 3.286   -3.000  -17.588 1.00 34.78 ? 30  GLY A CA  1 
ATOM 225  C C   . GLY A 1 30  ? 3.829   -2.295  -18.815 1.00 32.54 ? 30  GLY A C   1 
ATOM 226  O O   . GLY A 1 30  ? 4.750   -2.788  -19.455 1.00 29.67 ? 30  GLY A O   1 
ATOM 227  N N   . SER A 1 31  ? 3.250   -1.147  -19.148 1.00 35.17 ? 31  SER A N   1 
ATOM 228  C CA  . SER A 1 31  ? 3.696   -0.363  -20.294 1.00 36.65 ? 31  SER A CA  1 
ATOM 229  C C   . SER A 1 31  ? 4.668   0.719   -19.824 1.00 39.93 ? 31  SER A C   1 
ATOM 230  O O   . SER A 1 31  ? 4.817   0.951   -18.619 1.00 43.26 ? 31  SER A O   1 
ATOM 231  C CB  . SER A 1 31  ? 2.504   0.292   -20.982 1.00 34.47 ? 31  SER A CB  1 
ATOM 232  O OG  . SER A 1 31  ? 1.839   1.155   -20.082 1.00 39.54 ? 31  SER A OG  1 
ATOM 233  N N   . GLU A 1 32  ? 5.319   1.380   -20.775 1.00 36.22 ? 32  GLU A N   1 
ATOM 234  C CA  . GLU A 1 32  ? 6.276   2.428   -20.449 1.00 35.79 ? 32  GLU A CA  1 
ATOM 235  C C   . GLU A 1 32  ? 5.605   3.594   -19.728 1.00 38.18 ? 32  GLU A C   1 
ATOM 236  O O   . GLU A 1 32  ? 6.166   4.149   -18.782 1.00 40.16 ? 32  GLU A O   1 
ATOM 237  C CB  . GLU A 1 32  ? 6.964   2.919   -21.717 1.00 33.26 ? 32  GLU A CB  1 
ATOM 238  N N   . ASN A 1 33  ? 4.410   3.968   -20.174 1.00 36.12 ? 33  ASN A N   1 
ATOM 239  C CA  . ASN A 1 33  ? 3.690   5.073   -19.555 1.00 38.57 ? 33  ASN A CA  1 
ATOM 240  C C   . ASN A 1 33  ? 3.457   4.786   -18.074 1.00 39.98 ? 33  ASN A C   1 
ATOM 241  O O   . ASN A 1 33  ? 3.509   5.696   -17.246 1.00 44.42 ? 33  ASN A O   1 
ATOM 242  C CB  . ASN A 1 33  ? 2.355   5.300   -20.265 1.00 37.87 ? 33  ASN A CB  1 
ATOM 243  N N   . PHE A 1 34  ? 3.204   3.520   -17.747 1.00 38.85 ? 34  PHE A N   1 
ATOM 244  C CA  . PHE A 1 34  ? 2.963   3.106   -16.369 1.00 34.33 ? 34  PHE A CA  1 
ATOM 245  C C   . PHE A 1 34  ? 4.259   3.128   -15.557 1.00 36.23 ? 34  PHE A C   1 
ATOM 246  O O   . PHE A 1 34  ? 4.323   3.746   -14.490 1.00 33.72 ? 34  PHE A O   1 
ATOM 247  C CB  . PHE A 1 34  ? 2.361   1.695   -16.333 1.00 35.25 ? 34  PHE A CB  1 
ATOM 248  C CG  . PHE A 1 34  ? 2.186   1.137   -14.939 1.00 35.00 ? 34  PHE A CG  1 
ATOM 249  C CD1 . PHE A 1 34  ? 1.161   1.589   -14.114 1.00 33.07 ? 34  PHE A CD1 1 
ATOM 250  C CD2 . PHE A 1 34  ? 3.061   0.166   -14.447 1.00 33.27 ? 34  PHE A CD2 1 
ATOM 251  C CE1 . PHE A 1 34  ? 1.007   1.081   -12.818 1.00 32.49 ? 34  PHE A CE1 1 
ATOM 252  C CE2 . PHE A 1 34  ? 2.915   -0.346  -13.150 1.00 32.77 ? 34  PHE A CE2 1 
ATOM 253  C CZ  . PHE A 1 34  ? 1.888   0.111   -12.337 1.00 32.69 ? 34  PHE A CZ  1 
ATOM 254  N N   . TYR A 1 35  ? 5.289   2.451   -16.064 1.00 33.19 ? 35  TYR A N   1 
ATOM 255  C CA  . TYR A 1 35  ? 6.580   2.393   -15.380 1.00 34.79 ? 35  TYR A CA  1 
ATOM 256  C C   . TYR A 1 35  ? 7.197   3.770   -15.172 1.00 36.49 ? 35  TYR A C   1 
ATOM 257  O O   . TYR A 1 35  ? 7.716   4.069   -14.097 1.00 36.94 ? 35  TYR A O   1 
ATOM 258  C CB  . TYR A 1 35  ? 7.553   1.523   -16.170 1.00 27.57 ? 35  TYR A CB  1 
ATOM 259  C CG  . TYR A 1 35  ? 7.247   0.050   -16.115 1.00 30.26 ? 35  TYR A CG  1 
ATOM 260  C CD1 . TYR A 1 35  ? 7.678   -0.802  -17.127 1.00 31.10 ? 35  TYR A CD1 1 
ATOM 261  C CD2 . TYR A 1 35  ? 6.539   -0.499  -15.047 1.00 32.89 ? 35  TYR A CD2 1 
ATOM 262  C CE1 . TYR A 1 35  ? 7.410   -2.163  -17.082 1.00 28.52 ? 35  TYR A CE1 1 
ATOM 263  C CE2 . TYR A 1 35  ? 6.268   -1.859  -14.988 1.00 31.02 ? 35  TYR A CE2 1 
ATOM 264  C CZ  . TYR A 1 35  ? 6.705   -2.687  -16.013 1.00 30.71 ? 35  TYR A CZ  1 
ATOM 265  O OH  . TYR A 1 35  ? 6.421   -4.035  -15.984 1.00 30.35 ? 35  TYR A OH  1 
ATOM 266  N N   . SER A 1 36  ? 7.139   4.600   -16.209 1.00 35.42 ? 36  SER A N   1 
ATOM 267  C CA  . SER A 1 36  ? 7.691   5.945   -16.156 1.00 36.94 ? 36  SER A CA  1 
ATOM 268  C C   . SER A 1 36  ? 7.142   6.731   -14.981 1.00 37.59 ? 36  SER A C   1 
ATOM 269  O O   . SER A 1 36  ? 7.877   7.455   -14.313 1.00 37.77 ? 36  SER A O   1 
ATOM 270  C CB  . SER A 1 36  ? 7.378   6.686   -17.454 1.00 41.11 ? 36  SER A CB  1 
ATOM 271  O OG  . SER A 1 36  ? 8.008   6.049   -18.553 1.00 51.64 ? 36  SER A OG  1 
ATOM 272  N N   . ALA A 1 37  ? 5.844   6.584   -14.735 1.00 37.03 ? 37  ALA A N   1 
ATOM 273  C CA  . ALA A 1 37  ? 5.189   7.282   -13.637 1.00 37.92 ? 37  ALA A CA  1 
ATOM 274  C C   . ALA A 1 37  ? 6.029   7.193   -12.370 1.00 37.76 ? 37  ALA A C   1 
ATOM 275  O O   . ALA A 1 37  ? 6.005   8.094   -11.535 1.00 41.47 ? 37  ALA A O   1 
ATOM 276  C CB  . ALA A 1 37  ? 3.821   6.689   -13.391 1.00 34.56 ? 37  ALA A CB  1 
ATOM 277  N N   . PHE A 1 38  ? 6.770   6.101   -12.231 1.00 35.50 ? 38  PHE A N   1 
ATOM 278  C CA  . PHE A 1 38  ? 7.611   5.915   -11.061 1.00 34.48 ? 38  PHE A CA  1 
ATOM 279  C C   . PHE A 1 38  ? 9.044   6.271   -11.405 1.00 33.74 ? 38  PHE A C   1 
ATOM 280  O O   . PHE A 1 38  ? 9.658   7.095   -10.741 1.00 39.32 ? 38  PHE A O   1 
ATOM 281  C CB  . PHE A 1 38  ? 7.534   4.466   -10.565 1.00 34.52 ? 38  PHE A CB  1 
ATOM 282  C CG  . PHE A 1 38  ? 6.136   4.004   -10.256 1.00 31.04 ? 38  PHE A CG  1 
ATOM 283  C CD1 . PHE A 1 38  ? 5.247   3.704   -11.279 1.00 31.84 ? 38  PHE A CD1 1 
ATOM 284  C CD2 . PHE A 1 38  ? 5.698   3.900   -8.940  1.00 27.30 ? 38  PHE A CD2 1 
ATOM 285  C CE1 . PHE A 1 38  ? 3.942   3.311   -10.998 1.00 31.36 ? 38  PHE A CE1 1 
ATOM 286  C CE2 . PHE A 1 38  ? 4.402   3.511   -8.651  1.00 23.63 ? 38  PHE A CE2 1 
ATOM 287  C CZ  . PHE A 1 38  ? 3.520   3.214   -9.684  1.00 27.26 ? 38  PHE A CZ  1 
ATOM 288  N N   . GLU A 1 39  ? 9.577   5.653   -12.451 1.00 36.43 ? 39  GLU A N   1 
ATOM 289  C CA  . GLU A 1 39  ? 10.948  5.930   -12.861 1.00 38.23 ? 39  GLU A CA  1 
ATOM 290  C C   . GLU A 1 39  ? 11.239  7.426   -12.965 1.00 39.05 ? 39  GLU A C   1 
ATOM 291  O O   . GLU A 1 39  ? 12.302  7.883   -12.546 1.00 37.09 ? 39  GLU A O   1 
ATOM 292  C CB  . GLU A 1 39  ? 11.234  5.269   -14.203 1.00 34.43 ? 39  GLU A CB  1 
ATOM 293  C CG  . GLU A 1 39  ? 11.877  3.910   -14.100 1.00 46.77 ? 39  GLU A CG  1 
ATOM 294  C CD  . GLU A 1 39  ? 11.367  2.945   -15.156 1.00 54.55 ? 39  GLU A CD  1 
ATOM 295  O OE1 . GLU A 1 39  ? 11.154  3.380   -16.312 1.00 53.85 ? 39  GLU A OE1 1 
ATOM 296  O OE2 . GLU A 1 39  ? 11.189  1.748   -14.828 1.00 60.55 ? 39  GLU A OE2 1 
ATOM 297  N N   . ALA A 1 40  ? 10.290  8.182   -13.511 1.00 37.98 ? 40  ALA A N   1 
ATOM 298  C CA  . ALA A 1 40  ? 10.467  9.616   -13.699 1.00 40.18 ? 40  ALA A CA  1 
ATOM 299  C C   . ALA A 1 40  ? 10.670  10.418  -12.419 1.00 43.19 ? 40  ALA A C   1 
ATOM 300  O O   . ALA A 1 40  ? 11.320  11.460  -12.443 1.00 44.03 ? 40  ALA A O   1 
ATOM 301  C CB  . ALA A 1 40  ? 9.295   10.190  -14.494 1.00 34.58 ? 40  ALA A CB  1 
ATOM 302  N N   . GLU A 1 41  ? 10.125  9.956   -11.300 1.00 44.60 ? 41  GLU A N   1 
ATOM 303  C CA  . GLU A 1 41  ? 10.299  10.710  -10.065 1.00 48.50 ? 41  GLU A CA  1 
ATOM 304  C C   . GLU A 1 41  ? 11.015  9.964   -8.946  1.00 47.33 ? 41  GLU A C   1 
ATOM 305  O O   . GLU A 1 41  ? 11.259  10.526  -7.880  1.00 51.06 ? 41  GLU A O   1 
ATOM 306  C CB  . GLU A 1 41  ? 8.949   11.257  -9.592  1.00 52.90 ? 41  GLU A CB  1 
ATOM 307  C CG  . GLU A 1 41  ? 8.444   12.382  -10.495 1.00 61.20 ? 41  GLU A CG  1 
ATOM 308  C CD  . GLU A 1 41  ? 7.110   12.963  -10.060 1.00 70.21 ? 41  GLU A CD  1 
ATOM 309  O OE1 . GLU A 1 41  ? 7.014   13.488  -8.925  1.00 74.12 ? 41  GLU A OE1 1 
ATOM 310  O OE2 . GLU A 1 41  ? 6.154   12.899  -10.864 1.00 70.20 ? 41  GLU A OE2 1 
ATOM 311  N N   . LEU A 1 42  ? 11.360  8.704   -9.195  1.00 43.14 ? 42  LEU A N   1 
ATOM 312  C CA  . LEU A 1 42  ? 12.091  7.900   -8.221  1.00 43.86 ? 42  LEU A CA  1 
ATOM 313  C C   . LEU A 1 42  ? 13.517  7.791   -8.732  1.00 50.06 ? 42  LEU A C   1 
ATOM 314  O O   . LEU A 1 42  ? 14.451  7.572   -7.965  1.00 54.41 ? 42  LEU A O   1 
ATOM 315  C CB  . LEU A 1 42  ? 11.501  6.493   -8.093  1.00 32.70 ? 42  LEU A CB  1 
ATOM 316  C CG  . LEU A 1 42  ? 10.138  6.306   -7.422  1.00 32.86 ? 42  LEU A CG  1 
ATOM 317  C CD1 . LEU A 1 42  ? 9.837   4.807   -7.309  1.00 33.34 ? 42  LEU A CD1 1 
ATOM 318  C CD2 . LEU A 1 42  ? 10.133  6.962   -6.042  1.00 28.36 ? 42  LEU A CD2 1 
ATOM 319  N N   . GLY A 1 43  ? 13.668  7.943   -10.043 1.00 53.05 ? 43  GLY A N   1 
ATOM 320  C CA  . GLY A 1 43  ? 14.978  7.859   -10.658 1.00 57.69 ? 43  GLY A CA  1 
ATOM 321  C C   . GLY A 1 43  ? 15.809  6.733   -10.081 1.00 59.41 ? 43  GLY A C   1 
ATOM 322  O O   . GLY A 1 43  ? 15.298  5.639   -9.842  1.00 61.53 ? 43  GLY A O   1 
ATOM 323  N N   . ASP A 1 44  ? 17.090  7.008   -9.852  1.00 59.55 ? 44  ASP A N   1 
ATOM 324  C CA  . ASP A 1 44  ? 18.005  6.021   -9.296  1.00 59.84 ? 44  ASP A CA  1 
ATOM 325  C C   . ASP A 1 44  ? 17.948  6.061   -7.771  1.00 59.93 ? 44  ASP A C   1 
ATOM 326  O O   . ASP A 1 44  ? 18.808  5.489   -7.096  1.00 60.88 ? 44  ASP A O   1 
ATOM 327  C CB  . ASP A 1 44  ? 19.427  6.305   -9.780  1.00 57.73 ? 44  ASP A CB  1 
ATOM 328  N N   . ALA A 1 45  ? 16.928  6.734   -7.237  1.00 56.54 ? 45  ALA A N   1 
ATOM 329  C CA  . ALA A 1 45  ? 16.749  6.878   -5.792  1.00 54.47 ? 45  ALA A CA  1 
ATOM 330  C C   . ALA A 1 45  ? 16.511  5.552   -5.070  1.00 52.31 ? 45  ALA A C   1 
ATOM 331  O O   . ALA A 1 45  ? 17.283  5.173   -4.190  1.00 50.79 ? 45  ALA A O   1 
ATOM 332  C CB  . ALA A 1 45  ? 15.600  7.843   -5.503  1.00 53.09 ? 45  ALA A CB  1 
ATOM 333  N N   . ILE A 1 46  ? 15.437  4.857   -5.431  1.00 48.17 ? 46  ILE A N   1 
ATOM 334  C CA  . ILE A 1 46  ? 15.127  3.571   -4.808  1.00 43.39 ? 46  ILE A CA  1 
ATOM 335  C C   . ILE A 1 46  ? 14.861  2.502   -5.872  1.00 40.20 ? 46  ILE A C   1 
ATOM 336  O O   . ILE A 1 46  ? 14.417  2.809   -6.981  1.00 43.02 ? 46  ILE A O   1 
ATOM 337  C CB  . ILE A 1 46  ? 13.887  3.663   -3.879  1.00 39.03 ? 46  ILE A CB  1 
ATOM 338  C CG1 . ILE A 1 46  ? 12.624  3.878   -4.708  1.00 33.29 ? 46  ILE A CG1 1 
ATOM 339  C CG2 . ILE A 1 46  ? 14.060  4.809   -2.885  1.00 36.62 ? 46  ILE A CG2 1 
ATOM 340  C CD1 . ILE A 1 46  ? 11.353  3.790   -3.905  1.00 36.28 ? 46  ILE A CD1 1 
ATOM 341  N N   . PRO A 1 47  ? 15.132  1.231   -5.545  1.00 32.90 ? 47  PRO A N   1 
ATOM 342  C CA  . PRO A 1 47  ? 14.930  0.101   -6.454  1.00 34.24 ? 47  PRO A CA  1 
ATOM 343  C C   . PRO A 1 47  ? 13.489  -0.029  -6.943  1.00 35.28 ? 47  PRO A C   1 
ATOM 344  O O   . PRO A 1 47  ? 12.549  0.062   -6.151  1.00 36.93 ? 47  PRO A O   1 
ATOM 345  C CB  . PRO A 1 47  ? 15.328  -1.105  -5.605  1.00 32.88 ? 47  PRO A CB  1 
ATOM 346  C CG  . PRO A 1 47  ? 16.309  -0.543  -4.648  1.00 37.23 ? 47  PRO A CG  1 
ATOM 347  C CD  . PRO A 1 47  ? 15.684  0.770   -4.261  1.00 34.57 ? 47  PRO A CD  1 
ATOM 348  N N   . ILE A 1 48  ? 13.325  -0.233  -8.248  1.00 31.49 ? 48  ILE A N   1 
ATOM 349  C CA  . ILE A 1 48  ? 12.009  -0.428  -8.843  1.00 30.07 ? 48  ILE A CA  1 
ATOM 350  C C   . ILE A 1 48  ? 12.013  -1.872  -9.350  1.00 32.08 ? 48  ILE A C   1 
ATOM 351  O O   . ILE A 1 48  ? 12.454  -2.157  -10.461 1.00 32.73 ? 48  ILE A O   1 
ATOM 352  C CB  . ILE A 1 48  ? 11.770  0.537   -10.006 1.00 27.56 ? 48  ILE A CB  1 
ATOM 353  C CG1 . ILE A 1 48  ? 11.913  1.974   -9.514  1.00 29.59 ? 48  ILE A CG1 1 
ATOM 354  C CG2 . ILE A 1 48  ? 10.377  0.329   -10.574 1.00 22.92 ? 48  ILE A CG2 1 
ATOM 355  C CD1 . ILE A 1 48  ? 11.702  3.015   -10.601 1.00 32.23 ? 48  ILE A CD1 1 
ATOM 356  N N   . VAL A 1 49  ? 11.524  -2.776  -8.511  1.00 34.86 ? 49  VAL A N   1 
ATOM 357  C CA  . VAL A 1 49  ? 11.507  -4.205  -8.812  1.00 34.40 ? 49  VAL A CA  1 
ATOM 358  C C   . VAL A 1 49  ? 10.270  -4.726  -9.543  1.00 35.62 ? 49  VAL A C   1 
ATOM 359  O O   . VAL A 1 49  ? 9.158   -4.676  -9.015  1.00 37.29 ? 49  VAL A O   1 
ATOM 360  C CB  . VAL A 1 49  ? 11.659  -5.020  -7.508  1.00 31.52 ? 49  VAL A CB  1 
ATOM 361  C CG1 . VAL A 1 49  ? 11.946  -6.468  -7.828  1.00 32.41 ? 49  VAL A CG1 1 
ATOM 362  C CG2 . VAL A 1 49  ? 12.758  -4.420  -6.651  1.00 33.74 ? 49  VAL A CG2 1 
ATOM 363  N N   . HIS A 1 50  ? 10.465  -5.227  -10.758 1.00 34.66 ? 50  HIS A N   1 
ATOM 364  C CA  . HIS A 1 50  ? 9.357   -5.794  -11.517 1.00 30.80 ? 50  HIS A CA  1 
ATOM 365  C C   . HIS A 1 50  ? 9.159   -7.187  -10.947 1.00 28.59 ? 50  HIS A C   1 
ATOM 366  O O   . HIS A 1 50  ? 10.130  -7.861  -10.600 1.00 24.56 ? 50  HIS A O   1 
ATOM 367  C CB  . HIS A 1 50  ? 9.698   -5.883  -13.003 1.00 30.89 ? 50  HIS A CB  1 
ATOM 368  C CG  . HIS A 1 50  ? 9.924   -4.553  -13.647 1.00 33.41 ? 50  HIS A CG  1 
ATOM 369  N ND1 . HIS A 1 50  ? 9.784   -4.349  -15.002 1.00 38.33 ? 50  HIS A ND1 1 
ATOM 370  C CD2 . HIS A 1 50  ? 10.277  -3.357  -13.122 1.00 34.47 ? 50  HIS A CD2 1 
ATOM 371  C CE1 . HIS A 1 50  ? 10.038  -3.084  -15.284 1.00 34.71 ? 50  HIS A CE1 1 
ATOM 372  N NE2 . HIS A 1 50  ? 10.341  -2.459  -14.161 1.00 36.09 ? 50  HIS A NE2 1 
ATOM 373  N N   . THR A 1 51  ? 7.914   -7.631  -10.838 1.00 21.62 ? 51  THR A N   1 
ATOM 374  C CA  . THR A 1 51  ? 7.686   -8.947  -10.268 1.00 23.56 ? 51  THR A CA  1 
ATOM 375  C C   . THR A 1 51  ? 6.267   -9.461  -10.426 1.00 23.83 ? 51  THR A C   1 
ATOM 376  O O   . THR A 1 51  ? 5.356   -8.749  -10.849 1.00 25.76 ? 51  THR A O   1 
ATOM 377  C CB  . THR A 1 51  ? 8.015   -8.953  -8.738  1.00 25.92 ? 51  THR A CB  1 
ATOM 378  O OG1 . THR A 1 51  ? 7.939   -10.288 -8.217  1.00 25.89 ? 51  THR A OG1 1 
ATOM 379  C CG2 . THR A 1 51  ? 7.017   -8.100  -7.981  1.00 25.96 ? 51  THR A CG2 1 
ATOM 380  N N   . THR A 1 52  ? 6.116   -10.730 -10.086 1.00 21.82 ? 52  THR A N   1 
ATOM 381  C CA  . THR A 1 52  ? 4.841   -11.405 -10.081 1.00 25.67 ? 52  THR A CA  1 
ATOM 382  C C   . THR A 1 52  ? 4.802   -12.011 -8.678  1.00 25.56 ? 52  THR A C   1 
ATOM 383  O O   . THR A 1 52  ? 5.846   -12.217 -8.054  1.00 20.90 ? 52  THR A O   1 
ATOM 384  C CB  . THR A 1 52  ? 4.752   -12.551 -11.149 1.00 26.26 ? 52  THR A CB  1 
ATOM 385  O OG1 . THR A 1 52  ? 5.943   -13.348 -11.118 1.00 26.66 ? 52  THR A OG1 1 
ATOM 386  C CG2 . THR A 1 52  ? 4.560   -11.981 -12.536 1.00 24.98 ? 52  THR A CG2 1 
ATOM 387  N N   . ILE A 1 53  ? 3.599   -12.261 -8.176  1.00 30.01 ? 53  ILE A N   1 
ATOM 388  C CA  . ILE A 1 53  ? 3.424   -12.863 -6.867  1.00 30.31 ? 53  ILE A CA  1 
ATOM 389  C C   . ILE A 1 53  ? 2.445   -14.010 -7.062  1.00 34.01 ? 53  ILE A C   1 
ATOM 390  O O   . ILE A 1 53  ? 1.299   -13.797 -7.473  1.00 31.15 ? 53  ILE A O   1 
ATOM 391  C CB  . ILE A 1 53  ? 2.840   -11.856 -5.844  1.00 30.39 ? 53  ILE A CB  1 
ATOM 392  C CG1 . ILE A 1 53  ? 3.843   -10.731 -5.583  1.00 27.10 ? 53  ILE A CG1 1 
ATOM 393  C CG2 . ILE A 1 53  ? 2.526   -12.569 -4.533  1.00 25.93 ? 53  ILE A CG2 1 
ATOM 394  C CD1 . ILE A 1 53  ? 5.141   -11.196 -4.927  1.00 21.34 ? 53  ILE A CD1 1 
ATOM 395  N N   . ALA A 1 54  ? 2.907   -15.225 -6.778  1.00 34.54 ? 54  ALA A N   1 
ATOM 396  C CA  . ALA A 1 54  ? 2.089   -16.423 -6.932  1.00 32.32 ? 54  ALA A CA  1 
ATOM 397  C C   . ALA A 1 54  ? 1.667   -16.557 -8.389  1.00 35.59 ? 54  ALA A C   1 
ATOM 398  O O   . ALA A 1 54  ? 0.631   -17.145 -8.693  1.00 35.35 ? 54  ALA A O   1 
ATOM 399  C CB  . ALA A 1 54  ? 0.858   -16.354 -6.025  1.00 31.60 ? 54  ALA A CB  1 
ATOM 400  N N   . GLY A 1 55  ? 2.483   -15.997 -9.281  1.00 38.69 ? 55  GLY A N   1 
ATOM 401  C CA  . GLY A 1 55  ? 2.208   -16.062 -10.707 1.00 35.05 ? 55  GLY A CA  1 
ATOM 402  C C   . GLY A 1 55  ? 1.303   -14.973 -11.242 1.00 34.80 ? 55  GLY A C   1 
ATOM 403  O O   . GLY A 1 55  ? 1.159   -14.827 -12.452 1.00 37.79 ? 55  GLY A O   1 
ATOM 404  N N   . THR A 1 56  ? 0.695   -14.197 -10.352 1.00 33.10 ? 56  THR A N   1 
ATOM 405  C CA  . THR A 1 56  ? -0.208  -13.132 -10.775 1.00 27.86 ? 56  THR A CA  1 
ATOM 406  C C   . THR A 1 56  ? 0.502   -11.791 -10.898 1.00 26.36 ? 56  THR A C   1 
ATOM 407  O O   . THR A 1 56  ? 1.629   -11.639 -10.432 1.00 24.03 ? 56  THR A O   1 
ATOM 408  C CB  . THR A 1 56  ? -1.363  -12.977 -9.779  1.00 27.77 ? 56  THR A CB  1 
ATOM 409  O OG1 . THR A 1 56  ? -0.895  -12.315 -8.597  1.00 26.55 ? 56  THR A OG1 1 
ATOM 410  C CG2 . THR A 1 56  ? -1.914  -14.343 -9.409  1.00 21.42 ? 56  THR A CG2 1 
ATOM 411  N N   . ARG A 1 57  ? -0.154  -10.820 -11.526 1.00 26.56 ? 57  ARG A N   1 
ATOM 412  C CA  . ARG A 1 57  ? 0.441   -9.494  -11.676 1.00 27.98 ? 57  ARG A CA  1 
ATOM 413  C C   . ARG A 1 57  ? -0.222  -8.423  -10.805 1.00 24.60 ? 57  ARG A C   1 
ATOM 414  O O   . ARG A 1 57  ? 0.109   -7.241  -10.907 1.00 32.64 ? 57  ARG A O   1 
ATOM 415  C CB  . ARG A 1 57  ? 0.419   -9.052  -13.141 1.00 23.42 ? 57  ARG A CB  1 
ATOM 416  C CG  . ARG A 1 57  ? 1.456   -9.725  -14.017 1.00 20.13 ? 57  ARG A CG  1 
ATOM 417  C CD  . ARG A 1 57  ? 1.517   -9.038  -15.373 1.00 25.18 ? 57  ARG A CD  1 
ATOM 418  N NE  . ARG A 1 57  ? 0.240   -9.139  -16.065 1.00 27.94 ? 57  ARG A NE  1 
ATOM 419  C CZ  . ARG A 1 57  ? -0.137  -8.362  -17.073 1.00 30.82 ? 57  ARG A CZ  1 
ATOM 420  N NH1 . ARG A 1 57  ? 0.662   -7.406  -17.523 1.00 27.97 ? 57  ARG A NH1 1 
ATOM 421  N NH2 . ARG A 1 57  ? -1.319  -8.549  -17.638 1.00 31.90 ? 57  ARG A NH2 1 
ATOM 422  N N   . ILE A 1 58  ? -1.165  -8.830  -9.961  1.00 21.53 ? 58  ILE A N   1 
ATOM 423  C CA  . ILE A 1 58  ? -1.835  -7.894  -9.060  1.00 20.31 ? 58  ILE A CA  1 
ATOM 424  C C   . ILE A 1 58  ? -1.013  -7.818  -7.771  1.00 19.14 ? 58  ILE A C   1 
ATOM 425  O O   . ILE A 1 58  ? -1.547  -7.926  -6.665  1.00 22.87 ? 58  ILE A O   1 
ATOM 426  C CB  . ILE A 1 58  ? -3.264  -8.364  -8.714  1.00 17.48 ? 58  ILE A CB  1 
ATOM 427  C CG1 . ILE A 1 58  ? -3.223  -9.733  -8.044  1.00 17.75 ? 58  ILE A CG1 1 
ATOM 428  C CG2 . ILE A 1 58  ? -4.107  -8.412  -9.968  1.00 15.40 ? 58  ILE A CG2 1 
ATOM 429  C CD1 . ILE A 1 58  ? -4.542  -10.151 -7.460  1.00 21.17 ? 58  ILE A CD1 1 
ATOM 430  N N   . ILE A 1 59  ? 0.293   -7.627  -7.932  1.00 22.09 ? 59  ILE A N   1 
ATOM 431  C CA  . ILE A 1 59  ? 1.234   -7.569  -6.815  1.00 23.19 ? 59  ILE A CA  1 
ATOM 432  C C   . ILE A 1 59  ? 0.903   -6.568  -5.701  1.00 25.79 ? 59  ILE A C   1 
ATOM 433  O O   . ILE A 1 59  ? 1.320   -6.759  -4.558  1.00 28.23 ? 59  ILE A O   1 
ATOM 434  C CB  . ILE A 1 59  ? 2.656   -7.288  -7.322  1.00 23.03 ? 59  ILE A CB  1 
ATOM 435  C CG1 . ILE A 1 59  ? 2.758   -5.855  -7.825  1.00 24.76 ? 59  ILE A CG1 1 
ATOM 436  C CG2 . ILE A 1 59  ? 3.000   -8.253  -8.442  1.00 22.20 ? 59  ILE A CG2 1 
ATOM 437  C CD1 . ILE A 1 59  ? 3.956   -5.116  -7.273  1.00 28.04 ? 59  ILE A CD1 1 
ATOM 438  N N   . GLY A 1 60  ? 0.161   -5.510  -6.024  1.00 22.86 ? 60  GLY A N   1 
ATOM 439  C CA  . GLY A 1 60  ? -0.205  -4.530  -5.012  1.00 21.01 ? 60  GLY A CA  1 
ATOM 440  C C   . GLY A 1 60  ? -1.181  -5.078  -3.978  1.00 25.98 ? 60  GLY A C   1 
ATOM 441  O O   . GLY A 1 60  ? -1.091  -4.752  -2.796  1.00 23.59 ? 60  GLY A O   1 
ATOM 442  N N   . ARG A 1 61  ? -2.115  -5.918  -4.421  1.00 22.75 ? 61  ARG A N   1 
ATOM 443  C CA  . ARG A 1 61  ? -3.097  -6.507  -3.524  1.00 25.14 ? 61  ARG A CA  1 
ATOM 444  C C   . ARG A 1 61  ? -2.556  -7.781  -2.887  1.00 27.04 ? 61  ARG A C   1 
ATOM 445  O O   . ARG A 1 61  ? -2.982  -8.168  -1.803  1.00 26.07 ? 61  ARG A O   1 
ATOM 446  C CB  . ARG A 1 61  ? -4.389  -6.839  -4.284  1.00 22.16 ? 61  ARG A CB  1 
ATOM 447  C CG  . ARG A 1 61  ? -5.081  -5.649  -4.947  1.00 35.65 ? 61  ARG A CG  1 
ATOM 448  C CD  . ARG A 1 61  ? -5.528  -4.602  -3.925  1.00 42.11 ? 61  ARG A CD  1 
ATOM 449  N NE  . ARG A 1 61  ? -4.410  -3.801  -3.416  1.00 45.57 ? 61  ARG A NE  1 
ATOM 450  C CZ  . ARG A 1 61  ? -4.409  -3.180  -2.240  1.00 42.83 ? 61  ARG A CZ  1 
ATOM 451  N NH1 . ARG A 1 61  ? -5.463  -3.264  -1.434  1.00 32.54 ? 61  ARG A NH1 1 
ATOM 452  N NH2 . ARG A 1 61  ? -3.351  -2.472  -1.867  1.00 42.34 ? 61  ARG A NH2 1 
ATOM 453  N N   . MET A 1 62  ? -1.613  -8.429  -3.568  1.00 26.22 ? 62  MET A N   1 
ATOM 454  C CA  . MET A 1 62  ? -1.035  -9.690  -3.091  1.00 23.51 ? 62  MET A CA  1 
ATOM 455  C C   . MET A 1 62  ? 0.065   -9.534  -2.045  1.00 24.83 ? 62  MET A C   1 
ATOM 456  O O   . MET A 1 62  ? 0.491   -10.522 -1.449  1.00 23.37 ? 62  MET A O   1 
ATOM 457  C CB  . MET A 1 62  ? -0.475  -10.503 -4.268  1.00 23.59 ? 62  MET A CB  1 
ATOM 458  C CG  . MET A 1 62  ? -1.509  -11.027 -5.252  1.00 18.64 ? 62  MET A CG  1 
ATOM 459  S SD  . MET A 1 62  ? -2.642  -12.207 -4.504  1.00 28.79 ? 62  MET A SD  1 
ATOM 460  C CE  . MET A 1 62  ? -1.533  -13.581 -4.202  1.00 25.38 ? 62  MET A CE  1 
ATOM 461  N N   . THR A 1 63  ? 0.540   -8.309  -1.827  1.00 21.28 ? 63  THR A N   1 
ATOM 462  C CA  . THR A 1 63  ? 1.581   -8.101  -0.835  1.00 16.24 ? 63  THR A CA  1 
ATOM 463  C C   . THR A 1 63  ? 1.298   -6.918  0.078   1.00 22.92 ? 63  THR A C   1 
ATOM 464  O O   . THR A 1 63  ? 0.427   -6.088  -0.189  1.00 24.61 ? 63  THR A O   1 
ATOM 465  C CB  . THR A 1 63  ? 2.954   -7.866  -1.489  1.00 19.27 ? 63  THR A CB  1 
ATOM 466  O OG1 . THR A 1 63  ? 2.958   -6.598  -2.158  1.00 15.97 ? 63  THR A OG1 1 
ATOM 467  C CG2 . THR A 1 63  ? 3.267   -8.969  -2.488  1.00 21.08 ? 63  THR A CG2 1 
ATOM 468  N N   . ALA A 1 64  ? 2.050   -6.857  1.166   1.00 22.35 ? 64  ALA A N   1 
ATOM 469  C CA  . ALA A 1 64  ? 1.936   -5.782  2.131   1.00 25.51 ? 64  ALA A CA  1 
ATOM 470  C C   . ALA A 1 64  ? 3.338   -5.596  2.693   1.00 23.78 ? 64  ALA A C   1 
ATOM 471  O O   . ALA A 1 64  ? 4.121   -6.540  2.753   1.00 21.95 ? 64  ALA A O   1 
ATOM 472  C CB  . ALA A 1 64  ? 0.949   -6.161  3.237   1.00 25.62 ? 64  ALA A CB  1 
ATOM 473  N N   . GLY A 1 65  ? 3.669   -4.376  3.084   1.00 24.76 ? 65  GLY A N   1 
ATOM 474  C CA  . GLY A 1 65  ? 4.995   -4.140  3.616   1.00 25.87 ? 65  GLY A CA  1 
ATOM 475  C C   . GLY A 1 65  ? 5.338   -2.673  3.732   1.00 29.45 ? 65  GLY A C   1 
ATOM 476  O O   . GLY A 1 65  ? 4.571   -1.795  3.328   1.00 22.21 ? 65  GLY A O   1 
ATOM 477  N N   . ASN A 1 66  ? 6.501   -2.407  4.310   1.00 31.21 ? 66  ASN A N   1 
ATOM 478  C CA  . ASN A 1 66  ? 6.976   -1.048  4.483   1.00 30.04 ? 66  ASN A CA  1 
ATOM 479  C C   . ASN A 1 66  ? 8.479   -1.066  4.239   1.00 33.49 ? 66  ASN A C   1 
ATOM 480  O O   . ASN A 1 66  ? 8.992   -2.011  3.636   1.00 37.28 ? 66  ASN A O   1 
ATOM 481  C CB  . ASN A 1 66  ? 6.655   -0.535  5.893   1.00 21.50 ? 66  ASN A CB  1 
ATOM 482  C CG  . ASN A 1 66  ? 7.268   -1.392  6.986   1.00 28.40 ? 66  ASN A CG  1 
ATOM 483  O OD1 . ASN A 1 66  ? 8.294   -2.041  6.780   1.00 28.12 ? 66  ASN A OD1 1 
ATOM 484  N ND2 . ASN A 1 66  ? 6.652   -1.380  8.167   1.00 17.35 ? 66  ASN A ND2 1 
ATOM 485  N N   . ARG A 1 67  ? 9.180   -0.041  4.711   1.00 30.47 ? 67  ARG A N   1 
ATOM 486  C CA  . ARG A 1 67  ? 10.626  0.054   4.516   1.00 33.01 ? 67  ARG A CA  1 
ATOM 487  C C   . ARG A 1 67  ? 11.435  -1.107  5.094   1.00 30.32 ? 67  ARG A C   1 
ATOM 488  O O   . ARG A 1 67  ? 12.446  -1.503  4.523   1.00 31.76 ? 67  ARG A O   1 
ATOM 489  C CB  . ARG A 1 67  ? 11.148  1.365   5.116   1.00 35.67 ? 67  ARG A CB  1 
ATOM 490  C CG  . ARG A 1 67  ? 10.948  1.480   6.626   1.00 38.35 ? 67  ARG A CG  1 
ATOM 491  C CD  . ARG A 1 67  ? 11.561  2.755   7.181   1.00 39.89 ? 67  ARG A CD  1 
ATOM 492  N NE  . ARG A 1 67  ? 13.011  2.751   7.030   1.00 45.49 ? 67  ARG A NE  1 
ATOM 493  C CZ  . ARG A 1 67  ? 13.694  3.640   6.319   1.00 51.05 ? 67  ARG A CZ  1 
ATOM 494  N NH1 . ARG A 1 67  ? 13.057  4.620   5.691   1.00 50.60 ? 67  ARG A NH1 1 
ATOM 495  N NH2 . ARG A 1 67  ? 15.017  3.543   6.229   1.00 50.45 ? 67  ARG A NH2 1 
ATOM 496  N N   . ARG A 1 68  ? 10.993  -1.644  6.226   1.00 32.62 ? 68  ARG A N   1 
ATOM 497  C CA  . ARG A 1 68  ? 11.699  -2.733  6.901   1.00 30.98 ? 68  ARG A CA  1 
ATOM 498  C C   . ARG A 1 68  ? 11.406  -4.135  6.410   1.00 33.16 ? 68  ARG A C   1 
ATOM 499  O O   . ARG A 1 68  ? 12.270  -5.010  6.477   1.00 30.97 ? 68  ARG A O   1 
ATOM 500  C CB  . ARG A 1 68  ? 11.403  -2.707  8.396   1.00 30.71 ? 68  ARG A CB  1 
ATOM 501  C CG  . ARG A 1 68  ? 12.313  -1.832  9.196   1.00 37.67 ? 68  ARG A CG  1 
ATOM 502  C CD  . ARG A 1 68  ? 11.915  -1.910  10.638  1.00 33.36 ? 68  ARG A CD  1 
ATOM 503  N NE  . ARG A 1 68  ? 10.591  -1.339  10.830  1.00 39.34 ? 68  ARG A NE  1 
ATOM 504  C CZ  . ARG A 1 68  ? 10.337  -0.038  10.844  1.00 31.96 ? 68  ARG A CZ  1 
ATOM 505  N NH1 . ARG A 1 68  ? 11.316  0.836   10.683  1.00 28.10 ? 68  ARG A NH1 1 
ATOM 506  N NH2 . ARG A 1 68  ? 9.096   0.385   11.012  1.00 42.20 ? 68  ARG A NH2 1 
ATOM 507  N N   . GLY A 1 69  ? 10.185  -4.367  5.947   1.00 32.92 ? 69  GLY A N   1 
ATOM 508  C CA  . GLY A 1 69  ? 9.855   -5.700  5.487   1.00 31.66 ? 69  GLY A CA  1 
ATOM 509  C C   . GLY A 1 69  ? 8.722   -5.778  4.493   1.00 29.93 ? 69  GLY A C   1 
ATOM 510  O O   . GLY A 1 69  ? 7.963   -4.821  4.296   1.00 29.49 ? 69  GLY A O   1 
ATOM 511  N N   . LEU A 1 70  ? 8.624   -6.944  3.866   1.00 26.61 ? 70  LEU A N   1 
ATOM 512  C CA  . LEU A 1 70  ? 7.595   -7.225  2.880   1.00 25.68 ? 70  LEU A CA  1 
ATOM 513  C C   . LEU A 1 70  ? 6.999   -8.586  3.203   1.00 26.61 ? 70  LEU A C   1 
ATOM 514  O O   . LEU A 1 70  ? 7.726   -9.546  3.470   1.00 25.12 ? 70  LEU A O   1 
ATOM 515  C CB  . LEU A 1 70  ? 8.195   -7.246  1.470   1.00 23.35 ? 70  LEU A CB  1 
ATOM 516  C CG  . LEU A 1 70  ? 7.215   -7.559  0.336   1.00 29.77 ? 70  LEU A CG  1 
ATOM 517  C CD1 . LEU A 1 70  ? 6.266   -6.383  0.173   1.00 25.56 ? 70  LEU A CD1 1 
ATOM 518  C CD2 . LEU A 1 70  ? 7.969   -7.836  -0.969  1.00 21.25 ? 70  LEU A CD2 1 
ATOM 519  N N   . LEU A 1 71  ? 5.672   -8.654  3.186   1.00 24.87 ? 71  LEU A N   1 
ATOM 520  C CA  . LEU A 1 71  ? 4.949   -9.886  3.467   1.00 24.74 ? 71  LEU A CA  1 
ATOM 521  C C   . LEU A 1 71  ? 4.361   -10.413 2.163   1.00 27.88 ? 71  LEU A C   1 
ATOM 522  O O   . LEU A 1 71  ? 3.734   -9.672  1.403   1.00 24.95 ? 71  LEU A O   1 
ATOM 523  C CB  . LEU A 1 71  ? 3.830   -9.625  4.478   1.00 25.89 ? 71  LEU A CB  1 
ATOM 524  C CG  . LEU A 1 71  ? 4.260   -9.108  5.858   1.00 27.39 ? 71  LEU A CG  1 
ATOM 525  C CD1 . LEU A 1 71  ? 3.045   -8.567  6.590   1.00 22.95 ? 71  LEU A CD1 1 
ATOM 526  C CD2 . LEU A 1 71  ? 4.923   -10.220 6.658   1.00 27.60 ? 71  LEU A CD2 1 
ATOM 527  N N   . VAL A 1 72  ? 4.577   -11.696 1.898   1.00 28.09 ? 72  VAL A N   1 
ATOM 528  C CA  . VAL A 1 72  ? 4.066   -12.292 0.683   1.00 29.15 ? 72  VAL A CA  1 
ATOM 529  C C   . VAL A 1 72  ? 3.307   -13.564 1.005   1.00 35.10 ? 72  VAL A C   1 
ATOM 530  O O   . VAL A 1 72  ? 3.618   -14.257 1.977   1.00 40.81 ? 72  VAL A O   1 
ATOM 531  C CB  . VAL A 1 72  ? 5.208   -12.606 -0.305  1.00 27.38 ? 72  VAL A CB  1 
ATOM 532  C CG1 . VAL A 1 72  ? 5.901   -11.319 -0.708  1.00 23.79 ? 72  VAL A CG1 1 
ATOM 533  C CG2 . VAL A 1 72  ? 6.204   -13.571 0.327   1.00 19.50 ? 72  VAL A CG2 1 
ATOM 534  N N   . PRO A 1 73  ? 2.286   -13.883 0.196   1.00 34.46 ? 73  PRO A N   1 
ATOM 535  C CA  . PRO A 1 73  ? 1.494   -15.092 0.424   1.00 33.20 ? 73  PRO A CA  1 
ATOM 536  C C   . PRO A 1 73  ? 2.344   -16.357 0.321   1.00 32.69 ? 73  PRO A C   1 
ATOM 537  O O   . PRO A 1 73  ? 3.427   -16.341 -0.273  1.00 26.87 ? 73  PRO A O   1 
ATOM 538  C CB  . PRO A 1 73  ? 0.421   -15.003 -0.658  1.00 27.85 ? 73  PRO A CB  1 
ATOM 539  C CG  . PRO A 1 73  ? 1.113   -14.280 -1.760  1.00 26.19 ? 73  PRO A CG  1 
ATOM 540  C CD  . PRO A 1 73  ? 1.846   -13.187 -1.025  1.00 30.34 ? 73  PRO A CD  1 
ATOM 541  N N   . THR A 1 74  ? 1.856   -17.442 0.912   1.00 32.95 ? 74  THR A N   1 
ATOM 542  C CA  . THR A 1 74  ? 2.570   -18.714 0.890   1.00 32.93 ? 74  THR A CA  1 
ATOM 543  C C   . THR A 1 74  ? 2.862   -19.135 -0.539  1.00 29.76 ? 74  THR A C   1 
ATOM 544  O O   . THR A 1 74  ? 3.966   -19.571 -0.849  1.00 29.44 ? 74  THR A O   1 
ATOM 545  C CB  . THR A 1 74  ? 1.741   -19.828 1.535   1.00 34.14 ? 74  THR A CB  1 
ATOM 546  O OG1 . THR A 1 74  ? 1.218   -19.374 2.786   1.00 39.68 ? 74  THR A OG1 1 
ATOM 547  C CG2 . THR A 1 74  ? 2.605   -21.051 1.774   1.00 36.24 ? 74  THR A CG2 1 
ATOM 548  N N   . GLN A 1 75  ? 1.856   -18.994 -1.399  1.00 30.66 ? 75  GLN A N   1 
ATOM 549  C CA  . GLN A 1 75  ? 1.948   -19.360 -2.813  1.00 27.67 ? 75  GLN A CA  1 
ATOM 550  C C   . GLN A 1 75  ? 2.988   -18.589 -3.627  1.00 27.75 ? 75  GLN A C   1 
ATOM 551  O O   . GLN A 1 75  ? 3.085   -18.770 -4.835  1.00 31.45 ? 75  GLN A O   1 
ATOM 552  C CB  . GLN A 1 75  ? 0.577   -19.225 -3.483  1.00 23.35 ? 75  GLN A CB  1 
ATOM 553  C CG  . GLN A 1 75  ? -0.544  -19.961 -2.760  1.00 26.26 ? 75  GLN A CG  1 
ATOM 554  C CD  . GLN A 1 75  ? -1.275  -19.079 -1.756  1.00 28.74 ? 75  GLN A CD  1 
ATOM 555  O OE1 . GLN A 1 75  ? -0.747  -18.065 -1.300  1.00 29.57 ? 75  GLN A OE1 1 
ATOM 556  N NE2 . GLN A 1 75  ? -2.495  -19.474 -1.401  1.00 30.10 ? 75  GLN A NE2 1 
ATOM 557  N N   . THR A 1 76  ? 3.756   -17.721 -2.978  1.00 26.76 ? 76  THR A N   1 
ATOM 558  C CA  . THR A 1 76  ? 4.800   -16.989 -3.683  1.00 28.96 ? 76  THR A CA  1 
ATOM 559  C C   . THR A 1 76  ? 5.802   -18.070 -4.068  1.00 28.81 ? 76  THR A C   1 
ATOM 560  O O   . THR A 1 76  ? 6.226   -18.850 -3.216  1.00 36.04 ? 76  THR A O   1 
ATOM 561  C CB  . THR A 1 76  ? 5.487   -15.963 -2.756  1.00 30.13 ? 76  THR A CB  1 
ATOM 562  O OG1 . THR A 1 76  ? 4.514   -15.023 -2.283  1.00 30.63 ? 76  THR A OG1 1 
ATOM 563  C CG2 . THR A 1 76  ? 6.600   -15.214 -3.498  1.00 23.65 ? 76  THR A CG2 1 
ATOM 564  N N   . THR A 1 77  ? 6.172   -18.142 -5.338  1.00 29.08 ? 77  THR A N   1 
ATOM 565  C CA  . THR A 1 77  ? 7.118   -19.166 -5.762  1.00 28.34 ? 77  THR A CA  1 
ATOM 566  C C   . THR A 1 77  ? 8.531   -18.818 -5.302  1.00 35.51 ? 77  THR A C   1 
ATOM 567  O O   . THR A 1 77  ? 8.844   -17.654 -5.050  1.00 38.81 ? 77  THR A O   1 
ATOM 568  C CB  . THR A 1 77  ? 7.122   -19.332 -7.291  1.00 25.47 ? 77  THR A CB  1 
ATOM 569  O OG1 . THR A 1 77  ? 7.808   -18.228 -7.892  1.00 28.90 ? 77  THR A OG1 1 
ATOM 570  C CG2 . THR A 1 77  ? 5.694   -19.383 -7.819  1.00 25.49 ? 77  THR A CG2 1 
ATOM 571  N N   . ASP A 1 78  ? 9.377   -19.835 -5.188  1.00 39.68 ? 78  ASP A N   1 
ATOM 572  C CA  . ASP A 1 78  ? 10.756  -19.644 -4.755  1.00 41.30 ? 78  ASP A CA  1 
ATOM 573  C C   . ASP A 1 78  ? 11.535  -18.780 -5.741  1.00 41.91 ? 78  ASP A C   1 
ATOM 574  O O   . ASP A 1 78  ? 12.502  -18.109 -5.368  1.00 39.03 ? 78  ASP A O   1 
ATOM 575  C CB  . ASP A 1 78  ? 11.452  -21.000 -4.594  1.00 49.69 ? 78  ASP A CB  1 
ATOM 576  C CG  . ASP A 1 78  ? 10.906  -21.804 -3.426  1.00 58.08 ? 78  ASP A CG  1 
ATOM 577  O OD1 . ASP A 1 78  ? 11.001  -21.320 -2.279  1.00 60.26 ? 78  ASP A OD1 1 
ATOM 578  O OD2 . ASP A 1 78  ? 10.386  -22.918 -3.655  1.00 63.05 ? 78  ASP A OD2 1 
ATOM 579  N N   . GLN A 1 79  ? 11.114  -18.799 -7.001  1.00 40.50 ? 79  GLN A N   1 
ATOM 580  C CA  . GLN A 1 79  ? 11.780  -18.012 -8.025  1.00 40.74 ? 79  GLN A CA  1 
ATOM 581  C C   . GLN A 1 79  ? 11.474  -16.537 -7.805  1.00 43.68 ? 79  GLN A C   1 
ATOM 582  O O   . GLN A 1 79  ? 12.362  -15.688 -7.899  1.00 44.78 ? 79  GLN A O   1 
ATOM 583  C CB  . GLN A 1 79  ? 11.320  -18.454 -9.406  1.00 42.51 ? 79  GLN A CB  1 
ATOM 584  N N   . GLU A 1 80  ? 10.213  -16.234 -7.507  1.00 40.77 ? 80  GLU A N   1 
ATOM 585  C CA  . GLU A 1 80  ? 9.802   -14.856 -7.264  1.00 39.58 ? 80  GLU A CA  1 
ATOM 586  C C   . GLU A 1 80  ? 10.457  -14.358 -5.983  1.00 39.60 ? 80  GLU A C   1 
ATOM 587  O O   . GLU A 1 80  ? 10.879  -13.210 -5.899  1.00 44.77 ? 80  GLU A O   1 
ATOM 588  C CB  . GLU A 1 80  ? 8.286   -14.767 -7.124  1.00 35.09 ? 80  GLU A CB  1 
ATOM 589  C CG  . GLU A 1 80  ? 7.539   -15.384 -8.275  1.00 36.09 ? 80  GLU A CG  1 
ATOM 590  C CD  . GLU A 1 80  ? 6.052   -15.435 -8.035  1.00 34.67 ? 80  GLU A CD  1 
ATOM 591  O OE1 . GLU A 1 80  ? 5.647   -15.892 -6.947  1.00 41.29 ? 80  GLU A OE1 1 
ATOM 592  O OE2 . GLU A 1 80  ? 5.290   -15.030 -8.934  1.00 29.55 ? 80  GLU A OE2 1 
ATOM 593  N N   . LEU A 1 81  ? 10.539  -15.233 -4.987  1.00 38.87 ? 81  LEU A N   1 
ATOM 594  C CA  . LEU A 1 81  ? 11.149  -14.886 -3.709  1.00 42.60 ? 81  LEU A CA  1 
ATOM 595  C C   . LEU A 1 81  ? 12.645  -14.596 -3.878  1.00 44.12 ? 81  LEU A C   1 
ATOM 596  O O   . LEU A 1 81  ? 13.161  -13.600 -3.354  1.00 40.98 ? 81  LEU A O   1 
ATOM 597  C CB  . LEU A 1 81  ? 10.946  -16.028 -2.711  1.00 46.56 ? 81  LEU A CB  1 
ATOM 598  C CG  . LEU A 1 81  ? 11.289  -15.712 -1.255  1.00 51.68 ? 81  LEU A CG  1 
ATOM 599  C CD1 . LEU A 1 81  ? 10.499  -14.486 -0.810  1.00 50.84 ? 81  LEU A CD1 1 
ATOM 600  C CD2 . LEU A 1 81  ? 10.962  -16.912 -0.375  1.00 51.72 ? 81  LEU A CD2 1 
ATOM 601  N N   . GLN A 1 82  ? 13.337  -15.466 -4.611  1.00 41.73 ? 82  GLN A N   1 
ATOM 602  C CA  . GLN A 1 82  ? 14.763  -15.285 -4.854  1.00 38.49 ? 82  GLN A CA  1 
ATOM 603  C C   . GLN A 1 82  ? 14.975  -13.982 -5.614  1.00 38.81 ? 82  GLN A C   1 
ATOM 604  O O   . GLN A 1 82  ? 15.899  -13.222 -5.322  1.00 39.24 ? 82  GLN A O   1 
ATOM 605  C CB  . GLN A 1 82  ? 15.322  -16.460 -5.654  1.00 37.58 ? 82  GLN A CB  1 
ATOM 606  N N   . HIS A 1 83  ? 14.114  -13.720 -6.591  1.00 38.18 ? 83  HIS A N   1 
ATOM 607  C CA  . HIS A 1 83  ? 14.238  -12.493 -7.359  1.00 36.68 ? 83  HIS A CA  1 
ATOM 608  C C   . HIS A 1 83  ? 14.016  -11.267 -6.477  1.00 38.76 ? 83  HIS A C   1 
ATOM 609  O O   . HIS A 1 83  ? 14.644  -10.230 -6.685  1.00 42.73 ? 83  HIS A O   1 
ATOM 610  C CB  . HIS A 1 83  ? 13.236  -12.452 -8.508  1.00 32.99 ? 83  HIS A CB  1 
ATOM 611  C CG  . HIS A 1 83  ? 13.294  -11.181 -9.291  1.00 31.80 ? 83  HIS A CG  1 
ATOM 612  N ND1 . HIS A 1 83  ? 12.183  -10.609 -9.873  1.00 39.40 ? 83  HIS A ND1 1 
ATOM 613  C CD2 . HIS A 1 83  ? 14.334  -10.364 -9.585  1.00 34.80 ? 83  HIS A CD2 1 
ATOM 614  C CE1 . HIS A 1 83  ? 12.536  -9.495  -10.490 1.00 41.49 ? 83  HIS A CE1 1 
ATOM 615  N NE2 . HIS A 1 83  ? 13.836  -9.323  -10.331 1.00 39.24 ? 83  HIS A NE2 1 
ATOM 616  N N   . LEU A 1 84  ? 13.114  -11.377 -5.506  1.00 33.16 ? 84  LEU A N   1 
ATOM 617  C CA  . LEU A 1 84  ? 12.845  -10.255 -4.615  1.00 35.11 ? 84  LEU A CA  1 
ATOM 618  C C   . LEU A 1 84  ? 14.025  -10.020 -3.672  1.00 35.99 ? 84  LEU A C   1 
ATOM 619  O O   . LEU A 1 84  ? 14.518  -8.898  -3.558  1.00 36.80 ? 84  LEU A O   1 
ATOM 620  C CB  . LEU A 1 84  ? 11.551  -10.490 -3.821  1.00 29.70 ? 84  LEU A CB  1 
ATOM 621  C CG  . LEU A 1 84  ? 10.252  -10.267 -4.615  1.00 35.82 ? 84  LEU A CG  1 
ATOM 622  C CD1 . LEU A 1 84  ? 9.052   -10.835 -3.873  1.00 32.55 ? 84  LEU A CD1 1 
ATOM 623  C CD2 . LEU A 1 84  ? 10.070  -8.780  -4.870  1.00 36.16 ? 84  LEU A CD2 1 
ATOM 624  N N   . ARG A 1 85  ? 14.489  -11.078 -3.013  1.00 34.70 ? 85  ARG A N   1 
ATOM 625  C CA  . ARG A 1 85  ? 15.613  -10.960 -2.093  1.00 40.32 ? 85  ARG A CA  1 
ATOM 626  C C   . ARG A 1 85  ? 16.808  -10.304 -2.787  1.00 41.89 ? 85  ARG A C   1 
ATOM 627  O O   . ARG A 1 85  ? 17.477  -9.451  -2.207  1.00 40.06 ? 85  ARG A O   1 
ATOM 628  C CB  . ARG A 1 85  ? 16.008  -12.342 -1.550  1.00 39.56 ? 85  ARG A CB  1 
ATOM 629  N N   . ASN A 1 86  ? 17.063  -10.689 -4.034  1.00 42.46 ? 86  ASN A N   1 
ATOM 630  C CA  . ASN A 1 86  ? 18.189  -10.129 -4.778  1.00 46.02 ? 86  ASN A CA  1 
ATOM 631  C C   . ASN A 1 86  ? 18.027  -8.666  -5.163  1.00 46.56 ? 86  ASN A C   1 
ATOM 632  O O   . ASN A 1 86  ? 18.991  -7.903  -5.117  1.00 48.46 ? 86  ASN A O   1 
ATOM 633  C CB  . ASN A 1 86  ? 18.461  -10.949 -6.045  1.00 49.07 ? 86  ASN A CB  1 
ATOM 634  C CG  . ASN A 1 86  ? 18.847  -12.382 -5.736  1.00 54.35 ? 86  ASN A CG  1 
ATOM 635  O OD1 . ASN A 1 86  ? 19.623  -12.638 -4.815  1.00 55.21 ? 86  ASN A OD1 1 
ATOM 636  N ND2 . ASN A 1 86  ? 18.319  -13.324 -6.513  1.00 57.35 ? 86  ASN A ND2 1 
ATOM 637  N N   . SER A 1 87  ? 16.814  -8.269  -5.535  1.00 47.14 ? 87  SER A N   1 
ATOM 638  C CA  . SER A 1 87  ? 16.565  -6.891  -5.953  1.00 47.50 ? 87  SER A CA  1 
ATOM 639  C C   . SER A 1 87  ? 16.388  -5.876  -4.821  1.00 47.73 ? 87  SER A C   1 
ATOM 640  O O   . SER A 1 87  ? 16.869  -4.749  -4.920  1.00 49.08 ? 87  SER A O   1 
ATOM 641  C CB  . SER A 1 87  ? 15.342  -6.845  -6.868  1.00 46.26 ? 87  SER A CB  1 
ATOM 642  O OG  . SER A 1 87  ? 15.475  -7.776  -7.924  1.00 43.50 ? 87  SER A OG  1 
ATOM 643  N N   . LEU A 1 88  ? 15.697  -6.270  -3.755  1.00 46.47 ? 88  LEU A N   1 
ATOM 644  C CA  . LEU A 1 88  ? 15.455  -5.372  -2.628  1.00 43.81 ? 88  LEU A CA  1 
ATOM 645  C C   . LEU A 1 88  ? 16.644  -5.296  -1.691  1.00 39.11 ? 88  LEU A C   1 
ATOM 646  O O   . LEU A 1 88  ? 17.376  -6.268  -1.529  1.00 44.03 ? 88  LEU A O   1 
ATOM 647  C CB  . LEU A 1 88  ? 14.231  -5.827  -1.828  1.00 42.21 ? 88  LEU A CB  1 
ATOM 648  C CG  . LEU A 1 88  ? 12.827  -5.503  -2.329  1.00 37.78 ? 88  LEU A CG  1 
ATOM 649  C CD1 . LEU A 1 88  ? 12.645  -5.995  -3.745  1.00 45.76 ? 88  LEU A CD1 1 
ATOM 650  C CD2 . LEU A 1 88  ? 11.817  -6.164  -1.407  1.00 43.81 ? 88  LEU A CD2 1 
ATOM 651  N N   . PRO A 1 89  ? 16.849  -4.134  -1.053  1.00 38.33 ? 89  PRO A N   1 
ATOM 652  C CA  . PRO A 1 89  ? 17.963  -3.939  -0.119  1.00 37.81 ? 89  PRO A CA  1 
ATOM 653  C C   . PRO A 1 89  ? 17.970  -4.985  0.985   1.00 38.41 ? 89  PRO A C   1 
ATOM 654  O O   . PRO A 1 89  ? 16.924  -5.504  1.356   1.00 36.97 ? 89  PRO A O   1 
ATOM 655  C CB  . PRO A 1 89  ? 17.738  -2.520  0.411   1.00 40.24 ? 89  PRO A CB  1 
ATOM 656  C CG  . PRO A 1 89  ? 16.256  -2.289  0.198   1.00 43.84 ? 89  PRO A CG  1 
ATOM 657  C CD  . PRO A 1 89  ? 16.020  -2.921  -1.148  1.00 37.75 ? 89  PRO A CD  1 
ATOM 658  N N   . ASP A 1 90  ? 19.158  -5.284  1.502   1.00 41.67 ? 90  ASP A N   1 
ATOM 659  C CA  . ASP A 1 90  ? 19.349  -6.289  2.549   1.00 42.06 ? 90  ASP A CA  1 
ATOM 660  C C   . ASP A 1 90  ? 18.624  -6.000  3.859   1.00 44.35 ? 90  ASP A C   1 
ATOM 661  O O   . ASP A 1 90  ? 18.265  -6.923  4.593   1.00 46.66 ? 90  ASP A O   1 
ATOM 662  C CB  . ASP A 1 90  ? 20.846  -6.469  2.820   1.00 43.16 ? 90  ASP A CB  1 
ATOM 663  N N   . SER A 1 91  ? 18.414  -4.722  4.155   1.00 41.95 ? 91  SER A N   1 
ATOM 664  C CA  . SER A 1 91  ? 17.748  -4.323  5.387   1.00 41.25 ? 91  SER A CA  1 
ATOM 665  C C   . SER A 1 91  ? 16.256  -4.677  5.439   1.00 43.57 ? 91  SER A C   1 
ATOM 666  O O   . SER A 1 91  ? 15.630  -4.579  6.496   1.00 44.37 ? 91  SER A O   1 
ATOM 667  C CB  . SER A 1 91  ? 17.923  -2.821  5.594   1.00 43.89 ? 91  SER A CB  1 
ATOM 668  O OG  . SER A 1 91  ? 17.408  -2.099  4.487   1.00 54.22 ? 91  SER A OG  1 
ATOM 669  N N   . VAL A 1 92  ? 15.683  -5.085  4.310   1.00 42.36 ? 92  VAL A N   1 
ATOM 670  C CA  . VAL A 1 92  ? 14.266  -5.440  4.282   1.00 41.63 ? 92  VAL A CA  1 
ATOM 671  C C   . VAL A 1 92  ? 14.056  -6.952  4.344   1.00 38.67 ? 92  VAL A C   1 
ATOM 672  O O   . VAL A 1 92  ? 14.626  -7.707  3.554   1.00 40.56 ? 92  VAL A O   1 
ATOM 673  C CB  . VAL A 1 92  ? 13.554  -4.859  3.023   1.00 39.18 ? 92  VAL A CB  1 
ATOM 674  C CG1 . VAL A 1 92  ? 14.193  -5.379  1.774   1.00 43.48 ? 92  VAL A CG1 1 
ATOM 675  C CG2 . VAL A 1 92  ? 12.089  -5.227  3.039   1.00 40.82 ? 92  VAL A CG2 1 
ATOM 676  N N   . LYS A 1 93  ? 13.243  -7.386  5.303   1.00 33.46 ? 93  LYS A N   1 
ATOM 677  C CA  . LYS A 1 93  ? 12.948  -8.804  5.484   1.00 34.84 ? 93  LYS A CA  1 
ATOM 678  C C   . LYS A 1 93  ? 11.750  -9.206  4.621   1.00 36.40 ? 93  LYS A C   1 
ATOM 679  O O   . LYS A 1 93  ? 10.753  -8.483  4.542   1.00 37.49 ? 93  LYS A O   1 
ATOM 680  C CB  . LYS A 1 93  ? 12.661  -9.106  6.974   1.00 24.57 ? 93  LYS A CB  1 
ATOM 681  N N   . ILE A 1 94  ? 11.863  -10.353 3.965   1.00 32.37 ? 94  ILE A N   1 
ATOM 682  C CA  . ILE A 1 94  ? 10.798  -10.858 3.116   1.00 28.66 ? 94  ILE A CA  1 
ATOM 683  C C   . ILE A 1 94  ? 10.326  -12.138 3.769   1.00 31.43 ? 94  ILE A C   1 
ATOM 684  O O   . ILE A 1 94  ? 11.077  -13.105 3.880   1.00 32.98 ? 94  ILE A O   1 
ATOM 685  C CB  . ILE A 1 94  ? 11.305  -11.163 1.705   1.00 30.16 ? 94  ILE A CB  1 
ATOM 686  C CG1 . ILE A 1 94  ? 12.142  -9.986  1.190   1.00 26.86 ? 94  ILE A CG1 1 
ATOM 687  C CG2 . ILE A 1 94  ? 10.123  -11.414 0.787   1.00 20.02 ? 94  ILE A CG2 1 
ATOM 688  C CD1 . ILE A 1 94  ? 12.771  -10.208 -0.169  1.00 30.25 ? 94  ILE A CD1 1 
ATOM 689  N N   . GLN A 1 95  ? 9.074   -12.135 4.201   1.00 33.60 ? 95  GLN A N   1 
ATOM 690  C CA  . GLN A 1 95  ? 8.500   -13.274 4.894   1.00 32.22 ? 95  GLN A CA  1 
ATOM 691  C C   . GLN A 1 95  ? 7.205   -13.741 4.255   1.00 33.13 ? 95  GLN A C   1 
ATOM 692  O O   . GLN A 1 95  ? 6.382   -12.926 3.846   1.00 31.24 ? 95  GLN A O   1 
ATOM 693  C CB  . GLN A 1 95  ? 8.225   -12.867 6.339   1.00 33.86 ? 95  GLN A CB  1 
ATOM 694  C CG  . GLN A 1 95  ? 7.552   -13.916 7.193   1.00 39.14 ? 95  GLN A CG  1 
ATOM 695  C CD  . GLN A 1 95  ? 8.513   -14.986 7.635   1.00 42.39 ? 95  GLN A CD  1 
ATOM 696  O OE1 . GLN A 1 95  ? 9.644   -14.688 8.025   1.00 45.32 ? 95  GLN A OE1 1 
ATOM 697  N NE2 . GLN A 1 95  ? 8.070   -16.241 7.595   1.00 33.43 ? 95  GLN A NE2 1 
ATOM 698  N N   . ARG A 1 96  ? 7.032   -15.056 4.163   1.00 33.19 ? 96  ARG A N   1 
ATOM 699  C CA  . ARG A 1 96  ? 5.802   -15.621 3.621   1.00 34.58 ? 96  ARG A CA  1 
ATOM 700  C C   . ARG A 1 96  ? 4.816   -15.636 4.776   1.00 37.85 ? 96  ARG A C   1 
ATOM 701  O O   . ARG A 1 96  ? 5.189   -15.938 5.908   1.00 41.89 ? 96  ARG A O   1 
ATOM 702  C CB  . ARG A 1 96  ? 6.019   -17.054 3.143   1.00 29.76 ? 96  ARG A CB  1 
ATOM 703  C CG  . ARG A 1 96  ? 6.778   -17.167 1.851   1.00 35.21 ? 96  ARG A CG  1 
ATOM 704  C CD  . ARG A 1 96  ? 6.981   -18.620 1.466   1.00 34.27 ? 96  ARG A CD  1 
ATOM 705  N NE  . ARG A 1 96  ? 7.427   -18.747 0.082   1.00 40.85 ? 96  ARG A NE  1 
ATOM 706  C CZ  . ARG A 1 96  ? 8.163   -19.750 -0.381  1.00 41.44 ? 96  ARG A CZ  1 
ATOM 707  N NH1 . ARG A 1 96  ? 8.545   -20.724 0.435   1.00 43.91 ? 96  ARG A NH1 1 
ATOM 708  N NH2 . ARG A 1 96  ? 8.512   -19.779 -1.660  1.00 40.33 ? 96  ARG A NH2 1 
ATOM 709  N N   . VAL A 1 97  ? 3.565   -15.296 4.507   1.00 37.92 ? 97  VAL A N   1 
ATOM 710  C CA  . VAL A 1 97  ? 2.569   -15.304 5.560   1.00 36.15 ? 97  VAL A CA  1 
ATOM 711  C C   . VAL A 1 97  ? 1.429   -16.188 5.114   1.00 39.27 ? 97  VAL A C   1 
ATOM 712  O O   . VAL A 1 97  ? 1.022   -16.154 3.955   1.00 41.23 ? 97  VAL A O   1 
ATOM 713  C CB  . VAL A 1 97  ? 2.027   -13.895 5.852   1.00 36.50 ? 97  VAL A CB  1 
ATOM 714  C CG1 . VAL A 1 97  ? 1.059   -13.946 7.028   1.00 30.11 ? 97  VAL A CG1 1 
ATOM 715  C CG2 . VAL A 1 97  ? 3.170   -12.956 6.151   1.00 39.52 ? 97  VAL A CG2 1 
ATOM 716  N N   . GLU A 1 98  ? 0.923   -16.986 6.043   1.00 42.61 ? 98  GLU A N   1 
ATOM 717  C CA  . GLU A 1 98  ? -0.170  -17.888 5.754   1.00 46.64 ? 98  GLU A CA  1 
ATOM 718  C C   . GLU A 1 98  ? -1.457  -17.405 6.409   1.00 46.17 ? 98  GLU A C   1 
ATOM 719  O O   . GLU A 1 98  ? -1.720  -17.688 7.578   1.00 51.39 ? 98  GLU A O   1 
ATOM 720  C CB  . GLU A 1 98  ? 0.169   -19.295 6.253   1.00 54.58 ? 98  GLU A CB  1 
ATOM 721  C CG  . GLU A 1 98  ? -0.058  -20.373 5.212   1.00 65.39 ? 98  GLU A CG  1 
ATOM 722  C CD  . GLU A 1 98  ? -1.450  -20.311 4.616   1.00 72.75 ? 98  GLU A CD  1 
ATOM 723  O OE1 . GLU A 1 98  ? -2.421  -20.558 5.363   1.00 77.29 ? 98  GLU A OE1 1 
ATOM 724  O OE2 . GLU A 1 98  ? -1.573  -20.010 3.406   1.00 71.89 ? 98  GLU A OE2 1 
ATOM 725  N N   . GLU A 1 99  ? -2.246  -16.656 5.651   1.00 43.45 ? 99  GLU A N   1 
ATOM 726  C CA  . GLU A 1 99  ? -3.522  -16.151 6.131   1.00 41.99 ? 99  GLU A CA  1 
ATOM 727  C C   . GLU A 1 99  ? -4.487  -16.234 4.958   1.00 39.89 ? 99  GLU A C   1 
ATOM 728  O O   . GLU A 1 99  ? -4.113  -15.929 3.829   1.00 37.02 ? 99  GLU A O   1 
ATOM 729  C CB  . GLU A 1 99  ? -3.378  -14.711 6.651   1.00 46.28 ? 99  GLU A CB  1 
ATOM 730  C CG  . GLU A 1 99  ? -2.913  -13.674 5.641   1.00 44.48 ? 99  GLU A CG  1 
ATOM 731  C CD  . GLU A 1 99  ? -4.004  -13.284 4.673   1.00 50.88 ? 99  GLU A CD  1 
ATOM 732  O OE1 . GLU A 1 99  ? -5.143  -13.040 5.133   1.00 49.48 ? 99  GLU A OE1 1 
ATOM 733  O OE2 . GLU A 1 99  ? -3.722  -13.215 3.457   1.00 54.60 ? 99  GLU A OE2 1 
ATOM 734  N N   . ARG A 1 100 ? -5.717  -16.661 5.214   1.00 40.42 ? 100 ARG A N   1 
ATOM 735  C CA  . ARG A 1 100 ? -6.689  -16.812 4.139   1.00 42.46 ? 100 ARG A CA  1 
ATOM 736  C C   . ARG A 1 100 ? -7.909  -15.902 4.196   1.00 37.87 ? 100 ARG A C   1 
ATOM 737  O O   . ARG A 1 100 ? -8.890  -16.138 3.489   1.00 41.84 ? 100 ARG A O   1 
ATOM 738  C CB  . ARG A 1 100 ? -7.162  -18.266 4.079   1.00 52.56 ? 100 ARG A CB  1 
ATOM 739  C CG  . ARG A 1 100 ? -7.830  -18.635 5.276   1.00 58.63 ? 100 ARG A CG  1 
ATOM 740  N N   . LEU A 1 101 ? -7.863  -14.868 5.024   1.00 37.16 ? 101 LEU A N   1 
ATOM 741  C CA  . LEU A 1 101 ? -8.992  -13.953 5.123   1.00 32.59 ? 101 LEU A CA  1 
ATOM 742  C C   . LEU A 1 101 ? -9.235  -13.282 3.773   1.00 31.80 ? 101 LEU A C   1 
ATOM 743  O O   . LEU A 1 101 ? -10.372 -13.187 3.305   1.00 30.02 ? 101 LEU A O   1 
ATOM 744  C CB  . LEU A 1 101 ? -8.719  -12.897 6.194   1.00 36.93 ? 101 LEU A CB  1 
ATOM 745  C CG  . LEU A 1 101 ? -8.504  -13.436 7.610   1.00 40.98 ? 101 LEU A CG  1 
ATOM 746  C CD1 . LEU A 1 101 ? -8.071  -12.311 8.547   1.00 37.89 ? 101 LEU A CD1 1 
ATOM 747  C CD2 . LEU A 1 101 ? -9.791  -14.087 8.092   1.00 41.28 ? 101 LEU A CD2 1 
ATOM 748  N N   . SER A 1 102 ? -8.150  -12.835 3.146   1.00 32.01 ? 102 SER A N   1 
ATOM 749  C CA  . SER A 1 102 ? -8.200  -12.166 1.845   1.00 29.34 ? 102 SER A CA  1 
ATOM 750  C C   . SER A 1 102 ? -6.753  -11.976 1.385   1.00 28.74 ? 102 SER A C   1 
ATOM 751  O O   . SER A 1 102 ? -5.837  -12.553 1.967   1.00 30.57 ? 102 SER A O   1 
ATOM 752  C CB  . SER A 1 102 ? -8.893  -10.804 1.980   1.00 28.81 ? 102 SER A CB  1 
ATOM 753  O OG  . SER A 1 102 ? -9.070  -10.181 0.723   1.00 25.69 ? 102 SER A OG  1 
ATOM 754  N N   . ALA A 1 103 ? -6.541  -11.178 0.344   1.00 26.30 ? 103 ALA A N   1 
ATOM 755  C CA  . ALA A 1 103 ? -5.183  -10.935 -0.137  1.00 23.27 ? 103 ALA A CA  1 
ATOM 756  C C   . ALA A 1 103 ? -4.463  -10.080 0.904   1.00 22.12 ? 103 ALA A C   1 
ATOM 757  O O   . ALA A 1 103 ? -5.049  -9.168  1.489   1.00 20.88 ? 103 ALA A O   1 
ATOM 758  C CB  . ALA A 1 103 ? -5.216  -10.217 -1.489  1.00 19.31 ? 103 ALA A CB  1 
ATOM 759  N N   . LEU A 1 104 ? -3.195  -10.379 1.142   1.00 21.77 ? 104 LEU A N   1 
ATOM 760  C CA  . LEU A 1 104 ? -2.432  -9.629  2.124   1.00 24.72 ? 104 LEU A CA  1 
ATOM 761  C C   . LEU A 1 104 ? -2.647  -8.123  2.022   1.00 24.15 ? 104 LEU A C   1 
ATOM 762  O O   . LEU A 1 104 ? -2.857  -7.455  3.027   1.00 28.98 ? 104 LEU A O   1 
ATOM 763  C CB  . LEU A 1 104 ? -0.945  -9.952  1.981   1.00 25.90 ? 104 LEU A CB  1 
ATOM 764  C CG  . LEU A 1 104 ? -0.535  -11.283 2.596   1.00 22.03 ? 104 LEU A CG  1 
ATOM 765  C CD1 . LEU A 1 104 ? 0.903   -11.611 2.222   1.00 21.93 ? 104 LEU A CD1 1 
ATOM 766  C CD2 . LEU A 1 104 ? -0.711  -11.192 4.107   1.00 23.49 ? 104 LEU A CD2 1 
ATOM 767  N N   . GLY A 1 105 ? -2.601  -7.601  0.803   1.00 21.09 ? 105 GLY A N   1 
ATOM 768  C CA  . GLY A 1 105 ? -2.775  -6.175  0.591   1.00 19.35 ? 105 GLY A CA  1 
ATOM 769  C C   . GLY A 1 105 ? -4.099  -5.585  1.034   1.00 23.04 ? 105 GLY A C   1 
ATOM 770  O O   . GLY A 1 105 ? -4.201  -4.369  1.187   1.00 24.68 ? 105 GLY A O   1 
ATOM 771  N N   . ASN A 1 106 ? -5.113  -6.426  1.237   1.00 19.00 ? 106 ASN A N   1 
ATOM 772  C CA  . ASN A 1 106 ? -6.427  -5.946  1.669   1.00 23.32 ? 106 ASN A CA  1 
ATOM 773  C C   . ASN A 1 106 ? -6.574  -6.070  3.172   1.00 24.43 ? 106 ASN A C   1 
ATOM 774  O O   . ASN A 1 106 ? -7.306  -5.311  3.806   1.00 26.20 ? 106 ASN A O   1 
ATOM 775  C CB  . ASN A 1 106 ? -7.541  -6.768  1.032   1.00 27.68 ? 106 ASN A CB  1 
ATOM 776  C CG  . ASN A 1 106 ? -7.527  -6.711  -0.469  1.00 36.01 ? 106 ASN A CG  1 
ATOM 777  O OD1 . ASN A 1 106 ? -8.078  -7.590  -1.126  1.00 36.59 ? 106 ASN A OD1 1 
ATOM 778  N ND2 . ASN A 1 106 ? -6.908  -5.672  -1.029  1.00 39.80 ? 106 ASN A ND2 1 
ATOM 779  N N   . VAL A 1 107 ? -5.876  -7.051  3.727   1.00 26.50 ? 107 VAL A N   1 
ATOM 780  C CA  . VAL A 1 107 ? -5.914  -7.353  5.144   1.00 30.44 ? 107 VAL A CA  1 
ATOM 781  C C   . VAL A 1 107 ? -5.006  -6.461  5.979   1.00 31.94 ? 107 VAL A C   1 
ATOM 782  O O   . VAL A 1 107 ? -5.297  -6.192  7.144   1.00 30.23 ? 107 VAL A O   1 
ATOM 783  C CB  . VAL A 1 107 ? -5.512  -8.823  5.365   1.00 30.34 ? 107 VAL A CB  1 
ATOM 784  C CG1 . VAL A 1 107 ? -5.416  -9.129  6.844   1.00 39.82 ? 107 VAL A CG1 1 
ATOM 785  C CG2 . VAL A 1 107 ? -6.523  -9.731  4.698   1.00 30.67 ? 107 VAL A CG2 1 
ATOM 786  N N   . ILE A 1 108 ? -3.914  -5.997  5.380   1.00 32.42 ? 108 ILE A N   1 
ATOM 787  C CA  . ILE A 1 108 ? -2.952  -5.162  6.090   1.00 29.76 ? 108 ILE A CA  1 
ATOM 788  C C   . ILE A 1 108 ? -2.782  -3.753  5.529   1.00 28.82 ? 108 ILE A C   1 
ATOM 789  O O   . ILE A 1 108 ? -2.709  -3.548  4.318   1.00 32.59 ? 108 ILE A O   1 
ATOM 790  C CB  . ILE A 1 108 ? -1.575  -5.853  6.120   1.00 29.45 ? 108 ILE A CB  1 
ATOM 791  C CG1 . ILE A 1 108 ? -1.714  -7.233  6.761   1.00 27.36 ? 108 ILE A CG1 1 
ATOM 792  C CG2 . ILE A 1 108 ? -0.577  -5.011  6.902   1.00 29.05 ? 108 ILE A CG2 1 
ATOM 793  C CD1 . ILE A 1 108 ? -0.492  -8.093  6.594   1.00 31.06 ? 108 ILE A CD1 1 
ATOM 794  N N   . CYS A 1 109 ? -2.710  -2.788  6.435   1.00 27.07 ? 109 CYS A N   1 
ATOM 795  C CA  . CYS A 1 109 ? -2.538  -1.381  6.087   1.00 25.72 ? 109 CYS A CA  1 
ATOM 796  C C   . CYS A 1 109 ? -1.450  -0.811  6.994   1.00 25.54 ? 109 CYS A C   1 
ATOM 797  O O   . CYS A 1 109 ? -1.610  -0.762  8.217   1.00 23.46 ? 109 CYS A O   1 
ATOM 798  C CB  . CYS A 1 109 ? -3.838  -0.628  6.317   1.00 28.27 ? 109 CYS A CB  1 
ATOM 799  S SG  . CYS A 1 109 ? -3.682  1.082   5.902   1.00 42.81 ? 109 CYS A SG  1 
ATOM 800  N N   . CYS A 1 110 ? -0.349  -0.352  6.414   1.00 21.96 ? 110 CYS A N   1 
ATOM 801  C CA  . CYS A 1 110 ? 0.725   0.128   7.260   1.00 20.11 ? 110 CYS A CA  1 
ATOM 802  C C   . CYS A 1 110 ? 1.598   1.225   6.708   1.00 23.20 ? 110 CYS A C   1 
ATOM 803  O O   . CYS A 1 110 ? 1.540   1.568   5.529   1.00 25.35 ? 110 CYS A O   1 
ATOM 804  C CB  . CYS A 1 110 ? 1.635   -1.038  7.616   1.00 16.51 ? 110 CYS A CB  1 
ATOM 805  S SG  . CYS A 1 110 ? 2.415   -1.771  6.144   1.00 23.70 ? 110 CYS A SG  1 
ATOM 806  N N   . ASN A 1 111 ? 2.408   1.771   7.610   1.00 22.28 ? 111 ASN A N   1 
ATOM 807  C CA  . ASN A 1 111 ? 3.390   2.785   7.289   1.00 22.54 ? 111 ASN A CA  1 
ATOM 808  C C   . ASN A 1 111 ? 4.604   2.251   8.043   1.00 25.89 ? 111 ASN A C   1 
ATOM 809  O O   . ASN A 1 111 ? 4.639   1.062   8.374   1.00 20.83 ? 111 ASN A O   1 
ATOM 810  C CB  . ASN A 1 111 ? 2.948   4.181   7.760   1.00 22.04 ? 111 ASN A CB  1 
ATOM 811  C CG  . ASN A 1 111 ? 2.731   4.269   9.249   1.00 29.11 ? 111 ASN A CG  1 
ATOM 812  O OD1 . ASN A 1 111 ? 2.618   3.258   9.932   1.00 39.86 ? 111 ASN A OD1 1 
ATOM 813  N ND2 . ASN A 1 111 ? 2.650   5.489   9.759   1.00 29.61 ? 111 ASN A ND2 1 
ATOM 814  N N   . ASP A 1 112 ? 5.602   3.078   8.319   1.00 25.56 ? 112 ASP A N   1 
ATOM 815  C CA  . ASP A 1 112 ? 6.772   2.560   9.018   1.00 26.36 ? 112 ASP A CA  1 
ATOM 816  C C   . ASP A 1 112 ? 6.632   2.517   10.541  1.00 24.55 ? 112 ASP A C   1 
ATOM 817  O O   . ASP A 1 112 ? 7.563   2.126   11.230  1.00 21.94 ? 112 ASP A O   1 
ATOM 818  C CB  . ASP A 1 112 ? 8.017   3.364   8.625   1.00 24.94 ? 112 ASP A CB  1 
ATOM 819  C CG  . ASP A 1 112 ? 8.326   3.264   7.141   1.00 26.46 ? 112 ASP A CG  1 
ATOM 820  O OD1 . ASP A 1 112 ? 8.127   2.170   6.578   1.00 23.88 ? 112 ASP A OD1 1 
ATOM 821  O OD2 . ASP A 1 112 ? 8.778   4.261   6.537   1.00 24.26 ? 112 ASP A OD2 1 
ATOM 822  N N   . TYR A 1 113 ? 5.472   2.899   11.066  1.00 24.64 ? 113 TYR A N   1 
ATOM 823  C CA  . TYR A 1 113 ? 5.279   2.905   12.511  1.00 29.08 ? 113 TYR A CA  1 
ATOM 824  C C   . TYR A 1 113 ? 4.126   2.055   13.024  1.00 30.16 ? 113 TYR A C   1 
ATOM 825  O O   . TYR A 1 113 ? 4.259   1.372   14.034  1.00 32.77 ? 113 TYR A O   1 
ATOM 826  C CB  . TYR A 1 113 ? 5.096   4.341   13.009  1.00 32.40 ? 113 TYR A CB  1 
ATOM 827  C CG  . TYR A 1 113 ? 6.282   5.213   12.707  1.00 39.22 ? 113 TYR A CG  1 
ATOM 828  C CD1 . TYR A 1 113 ? 6.269   6.097   11.629  1.00 41.05 ? 113 TYR A CD1 1 
ATOM 829  C CD2 . TYR A 1 113 ? 7.449   5.107   13.462  1.00 41.68 ? 113 TYR A CD2 1 
ATOM 830  C CE1 . TYR A 1 113 ? 7.394   6.854   11.307  1.00 44.63 ? 113 TYR A CE1 1 
ATOM 831  C CE2 . TYR A 1 113 ? 8.576   5.855   13.150  1.00 46.60 ? 113 TYR A CE2 1 
ATOM 832  C CZ  . TYR A 1 113 ? 8.545   6.723   12.073  1.00 45.41 ? 113 TYR A CZ  1 
ATOM 833  O OH  . TYR A 1 113 ? 9.673   7.442   11.758  1.00 52.61 ? 113 TYR A OH  1 
ATOM 834  N N   . VAL A 1 114 ? 2.996   2.094   12.333  1.00 30.28 ? 114 VAL A N   1 
ATOM 835  C CA  . VAL A 1 114 ? 1.837   1.340   12.771  1.00 28.75 ? 114 VAL A CA  1 
ATOM 836  C C   . VAL A 1 114 ? 1.195   0.574   11.619  1.00 29.83 ? 114 VAL A C   1 
ATOM 837  O O   . VAL A 1 114 ? 1.373   0.919   10.455  1.00 32.46 ? 114 VAL A O   1 
ATOM 838  C CB  . VAL A 1 114 ? 0.798   2.302   13.420  1.00 25.57 ? 114 VAL A CB  1 
ATOM 839  C CG1 . VAL A 1 114 ? -0.415  1.536   13.911  1.00 19.83 ? 114 VAL A CG1 1 
ATOM 840  C CG2 . VAL A 1 114 ? 1.445   3.041   14.585  1.00 18.04 ? 114 VAL A CG2 1 
ATOM 841  N N   . ALA A 1 115 ? 0.454   -0.474  11.953  1.00 30.44 ? 115 ALA A N   1 
ATOM 842  C CA  . ALA A 1 115 ? -0.224  -1.274  10.948  1.00 24.78 ? 115 ALA A CA  1 
ATOM 843  C C   . ALA A 1 115 ? -1.595  -1.706  11.445  1.00 26.49 ? 115 ALA A C   1 
ATOM 844  O O   . ALA A 1 115 ? -1.737  -2.127  12.594  1.00 28.55 ? 115 ALA A O   1 
ATOM 845  C CB  . ALA A 1 115 ? 0.611   -2.507  10.612  1.00 18.64 ? 115 ALA A CB  1 
ATOM 846  N N   . LEU A 1 116 ? -2.609  -1.586  10.593  1.00 22.52 ? 116 LEU A N   1 
ATOM 847  C CA  . LEU A 1 116 ? -3.943  -2.038  10.968  1.00 23.08 ? 116 LEU A CA  1 
ATOM 848  C C   . LEU A 1 116 ? -4.136  -3.384  10.286  1.00 23.98 ? 116 LEU A C   1 
ATOM 849  O O   . LEU A 1 116 ? -3.695  -3.571  9.151   1.00 26.99 ? 116 LEU A O   1 
ATOM 850  C CB  . LEU A 1 116 ? -5.027  -1.073  10.488  1.00 13.45 ? 116 LEU A CB  1 
ATOM 851  C CG  . LEU A 1 116 ? -4.948  0.396   10.906  1.00 17.55 ? 116 LEU A CG  1 
ATOM 852  C CD1 . LEU A 1 116 ? -6.173  1.115   10.375  1.00 11.99 ? 116 LEU A CD1 1 
ATOM 853  C CD2 . LEU A 1 116 ? -4.877  0.519   12.422  1.00 9.21  ? 116 LEU A CD2 1 
ATOM 854  N N   . VAL A 1 117 ? -4.759  -4.328  10.978  1.00 21.48 ? 117 VAL A N   1 
ATOM 855  C CA  . VAL A 1 117 ? -5.007  -5.635  10.390  1.00 17.96 ? 117 VAL A CA  1 
ATOM 856  C C   . VAL A 1 117 ? -6.475  -6.016  10.464  1.00 23.61 ? 117 VAL A C   1 
ATOM 857  O O   . VAL A 1 117 ? -7.238  -5.505  11.297  1.00 25.47 ? 117 VAL A O   1 
ATOM 858  C CB  . VAL A 1 117 ? -4.190  -6.777  11.077  1.00 16.79 ? 117 VAL A CB  1 
ATOM 859  C CG1 . VAL A 1 117 ? -2.758  -6.753  10.600  1.00 14.97 ? 117 VAL A CG1 1 
ATOM 860  C CG2 . VAL A 1 117 ? -4.254  -6.645  12.603  1.00 6.50  ? 117 VAL A CG2 1 
ATOM 861  N N   . HIS A 1 118 ? -6.854  -6.923  9.573   1.00 27.76 ? 118 HIS A N   1 
ATOM 862  C CA  . HIS A 1 118 ? -8.205  -7.453  9.507   1.00 28.16 ? 118 HIS A CA  1 
ATOM 863  C C   . HIS A 1 118 ? -8.543  -7.795  10.959  1.00 26.01 ? 118 HIS A C   1 
ATOM 864  O O   . HIS A 1 118 ? -7.736  -8.406  11.661  1.00 22.75 ? 118 HIS A O   1 
ATOM 865  C CB  . HIS A 1 118 ? -8.195  -8.708  8.628   1.00 30.15 ? 118 HIS A CB  1 
ATOM 866  C CG  . HIS A 1 118 ? -9.554  -9.228  8.290   1.00 41.87 ? 118 HIS A CG  1 
ATOM 867  N ND1 . HIS A 1 118 ? -10.335 -9.919  9.192   1.00 46.42 ? 118 HIS A ND1 1 
ATOM 868  C CD2 . HIS A 1 118 ? -10.275 -9.157  7.146   1.00 41.57 ? 118 HIS A CD2 1 
ATOM 869  C CE1 . HIS A 1 118 ? -11.477 -10.250 8.618   1.00 48.72 ? 118 HIS A CE1 1 
ATOM 870  N NE2 . HIS A 1 118 ? -11.465 -9.799  7.376   1.00 50.03 ? 118 HIS A NE2 1 
ATOM 871  N N   . PRO A 1 119 ? -9.727  -7.390  11.439  1.00 21.42 ? 119 PRO A N   1 
ATOM 872  C CA  . PRO A 1 119 ? -10.102 -7.681  12.824  1.00 25.04 ? 119 PRO A CA  1 
ATOM 873  C C   . PRO A 1 119 ? -10.233 -9.156  13.221  1.00 24.99 ? 119 PRO A C   1 
ATOM 874  O O   . PRO A 1 119 ? -10.266 -9.468  14.406  1.00 30.29 ? 119 PRO A O   1 
ATOM 875  C CB  . PRO A 1 119 ? -11.410 -6.904  12.996  1.00 16.71 ? 119 PRO A CB  1 
ATOM 876  C CG  . PRO A 1 119 ? -11.980 -6.909  11.644  1.00 22.27 ? 119 PRO A CG  1 
ATOM 877  C CD  . PRO A 1 119 ? -10.786 -6.625  10.764  1.00 25.21 ? 119 PRO A CD  1 
ATOM 878  N N   . ASP A 1 120 ? -10.299 -10.060 12.248  1.00 23.58 ? 120 ASP A N   1 
ATOM 879  C CA  . ASP A 1 120 ? -10.434 -11.481 12.557  1.00 25.46 ? 120 ASP A CA  1 
ATOM 880  C C   . ASP A 1 120 ? -9.124  -12.245 12.496  1.00 26.11 ? 120 ASP A C   1 
ATOM 881  O O   . ASP A 1 120 ? -9.107  -13.468 12.646  1.00 26.09 ? 120 ASP A O   1 
ATOM 882  C CB  . ASP A 1 120 ? -11.448 -12.153 11.621  1.00 31.74 ? 120 ASP A CB  1 
ATOM 883  C CG  . ASP A 1 120 ? -12.860 -11.637 11.829  1.00 36.49 ? 120 ASP A CG  1 
ATOM 884  O OD1 . ASP A 1 120 ? -13.221 -11.385 12.999  1.00 39.64 ? 120 ASP A OD1 1 
ATOM 885  O OD2 . ASP A 1 120 ? -13.610 -11.495 10.836  1.00 35.91 ? 120 ASP A OD2 1 
ATOM 886  N N   . ILE A 1 121 ? -8.026  -11.531 12.287  1.00 23.06 ? 121 ILE A N   1 
ATOM 887  C CA  . ILE A 1 121 ? -6.728  -12.182 12.214  1.00 27.91 ? 121 ILE A CA  1 
ATOM 888  C C   . ILE A 1 121 ? -6.386  -12.865 13.544  1.00 30.57 ? 121 ILE A C   1 
ATOM 889  O O   . ILE A 1 121 ? -6.796  -12.407 14.616  1.00 28.53 ? 121 ILE A O   1 
ATOM 890  C CB  . ILE A 1 121 ? -5.618  -11.171 11.863  1.00 32.78 ? 121 ILE A CB  1 
ATOM 891  C CG1 . ILE A 1 121 ? -4.437  -11.903 11.224  1.00 32.40 ? 121 ILE A CG1 1 
ATOM 892  C CG2 . ILE A 1 121 ? -5.164  -10.430 13.123  1.00 27.27 ? 121 ILE A CG2 1 
ATOM 893  C CD1 . ILE A 1 121 ? -3.379  -10.989 10.681  1.00 40.83 ? 121 ILE A CD1 1 
ATOM 894  N N   . ASP A 1 122 ? -5.646  -13.968 13.463  1.00 27.28 ? 122 ASP A N   1 
ATOM 895  C CA  . ASP A 1 122 ? -5.250  -14.712 14.647  1.00 26.25 ? 122 ASP A CA  1 
ATOM 896  C C   . ASP A 1 122 ? -4.045  -14.058 15.307  1.00 25.55 ? 122 ASP A C   1 
ATOM 897  O O   . ASP A 1 122 ? -3.274  -13.338 14.667  1.00 28.72 ? 122 ASP A O   1 
ATOM 898  C CB  . ASP A 1 122 ? -4.900  -16.162 14.291  1.00 25.73 ? 122 ASP A CB  1 
ATOM 899  C CG  . ASP A 1 122 ? -3.707  -16.261 13.361  1.00 30.98 ? 122 ASP A CG  1 
ATOM 900  O OD1 . ASP A 1 122 ? -3.862  -15.954 12.160  1.00 42.19 ? 122 ASP A OD1 1 
ATOM 901  O OD2 . ASP A 1 122 ? -2.611  -16.628 13.832  1.00 33.18 ? 122 ASP A OD2 1 
ATOM 902  N N   . ARG A 1 123 ? -3.886  -14.327 16.594  1.00 24.31 ? 123 ARG A N   1 
ATOM 903  C CA  . ARG A 1 123 ? -2.793  -13.770 17.367  1.00 26.05 ? 123 ARG A CA  1 
ATOM 904  C C   . ARG A 1 123 ? -1.413  -14.125 16.818  1.00 24.92 ? 123 ARG A C   1 
ATOM 905  O O   . ARG A 1 123 ? -0.571  -13.245 16.640  1.00 24.36 ? 123 ARG A O   1 
ATOM 906  C CB  . ARG A 1 123 ? -2.937  -14.218 18.819  1.00 21.41 ? 123 ARG A CB  1 
ATOM 907  C CG  . ARG A 1 123 ? -1.739  -13.942 19.703  1.00 31.23 ? 123 ARG A CG  1 
ATOM 908  C CD  . ARG A 1 123 ? -2.122  -14.156 21.161  1.00 36.48 ? 123 ARG A CD  1 
ATOM 909  N NE  . ARG A 1 123 ? -0.953  -14.410 21.986  1.00 43.72 ? 123 ARG A NE  1 
ATOM 910  C CZ  . ARG A 1 123 ? -0.383  -15.601 22.120  1.00 41.20 ? 123 ARG A CZ  1 
ATOM 911  N NH1 . ARG A 1 123 ? -0.885  -16.646 21.485  1.00 42.91 ? 123 ARG A NH1 1 
ATOM 912  N NH2 . ARG A 1 123 ? 0.698   -15.742 22.877  1.00 43.52 ? 123 ARG A NH2 1 
ATOM 913  N N   . GLU A 1 124 ? -1.175  -15.400 16.535  1.00 26.41 ? 124 GLU A N   1 
ATOM 914  C CA  . GLU A 1 124 ? 0.128   -15.801 16.016  1.00 27.00 ? 124 GLU A CA  1 
ATOM 915  C C   . GLU A 1 124 ? 0.507   -14.939 14.821  1.00 29.30 ? 124 GLU A C   1 
ATOM 916  O O   . GLU A 1 124 ? 1.617   -14.404 14.767  1.00 28.55 ? 124 GLU A O   1 
ATOM 917  C CB  . GLU A 1 124 ? 0.121   -17.282 15.621  1.00 20.80 ? 124 GLU A CB  1 
ATOM 918  N N   . THR A 1 125 ? -0.421  -14.787 13.877  1.00 30.37 ? 125 THR A N   1 
ATOM 919  C CA  . THR A 1 125 ? -0.175  -14.003 12.666  1.00 26.90 ? 125 THR A CA  1 
ATOM 920  C C   . THR A 1 125 ? 0.030   -12.520 12.944  1.00 26.99 ? 125 THR A C   1 
ATOM 921  O O   . THR A 1 125 ? 0.870   -11.878 12.311  1.00 25.97 ? 125 THR A O   1 
ATOM 922  C CB  . THR A 1 125 ? -1.333  -14.155 11.654  1.00 29.71 ? 125 THR A CB  1 
ATOM 923  O OG1 . THR A 1 125 ? -1.499  -15.537 11.333  1.00 31.82 ? 125 THR A OG1 1 
ATOM 924  C CG2 . THR A 1 125 ? -1.042  -13.388 10.372  1.00 24.50 ? 125 THR A CG2 1 
ATOM 925  N N   . GLU A 1 126 ? -0.734  -11.975 13.884  1.00 20.94 ? 126 GLU A N   1 
ATOM 926  C CA  . GLU A 1 126 ? -0.604  -10.563 14.217  1.00 24.09 ? 126 GLU A CA  1 
ATOM 927  C C   . GLU A 1 126 ? 0.768   -10.267 14.817  1.00 21.11 ? 126 GLU A C   1 
ATOM 928  O O   . GLU A 1 126 ? 1.302   -9.174  14.656  1.00 24.10 ? 126 GLU A O   1 
ATOM 929  C CB  . GLU A 1 126 ? -1.726  -10.140 15.169  1.00 21.68 ? 126 GLU A CB  1 
ATOM 930  C CG  . GLU A 1 126 ? -1.594  -8.748  15.731  1.00 21.40 ? 126 GLU A CG  1 
ATOM 931  C CD  . GLU A 1 126 ? -2.876  -8.266  16.395  1.00 30.61 ? 126 GLU A CD  1 
ATOM 932  O OE1 . GLU A 1 126 ? -3.706  -9.110  16.798  1.00 30.41 ? 126 GLU A OE1 1 
ATOM 933  O OE2 . GLU A 1 126 ? -3.052  -7.036  16.524  1.00 37.50 ? 126 GLU A OE2 1 
ATOM 934  N N   . GLU A 1 127 ? 1.353   -11.246 15.493  1.00 22.99 ? 127 GLU A N   1 
ATOM 935  C CA  . GLU A 1 127 ? 2.675   -11.054 16.082  1.00 24.03 ? 127 GLU A CA  1 
ATOM 936  C C   . GLU A 1 127 ? 3.750   -11.138 15.001  1.00 24.91 ? 127 GLU A C   1 
ATOM 937  O O   . GLU A 1 127 ? 4.752   -10.432 15.051  1.00 29.91 ? 127 GLU A O   1 
ATOM 938  C CB  . GLU A 1 127 ? 2.937   -12.111 17.150  1.00 21.17 ? 127 GLU A CB  1 
ATOM 939  C CG  . GLU A 1 127 ? 1.889   -12.154 18.242  1.00 24.28 ? 127 GLU A CG  1 
ATOM 940  C CD  . GLU A 1 127 ? 2.132   -13.271 19.232  1.00 28.57 ? 127 GLU A CD  1 
ATOM 941  O OE1 . GLU A 1 127 ? 2.763   -14.275 18.840  1.00 34.57 ? 127 GLU A OE1 1 
ATOM 942  O OE2 . GLU A 1 127 ? 1.682   -13.155 20.391  1.00 25.22 ? 127 GLU A OE2 1 
ATOM 943  N N   . LEU A 1 128 ? 3.526   -12.008 14.023  1.00 26.38 ? 128 LEU A N   1 
ATOM 944  C CA  . LEU A 1 128 ? 4.458   -12.194 12.919  1.00 25.41 ? 128 LEU A CA  1 
ATOM 945  C C   . LEU A 1 128 ? 4.567   -10.909 12.120  1.00 24.44 ? 128 LEU A C   1 
ATOM 946  O O   . LEU A 1 128 ? 5.658   -10.487 11.738  1.00 24.41 ? 128 LEU A O   1 
ATOM 947  C CB  . LEU A 1 128 ? 3.973   -13.319 12.015  1.00 29.12 ? 128 LEU A CB  1 
ATOM 948  C CG  . LEU A 1 128 ? 4.900   -13.742 10.875  1.00 31.75 ? 128 LEU A CG  1 
ATOM 949  C CD1 . LEU A 1 128 ? 6.296   -14.065 11.419  1.00 29.73 ? 128 LEU A CD1 1 
ATOM 950  C CD2 . LEU A 1 128 ? 4.285   -14.957 10.175  1.00 29.33 ? 128 LEU A CD2 1 
ATOM 951  N N   . ILE A 1 129 ? 3.420   -10.288 11.880  1.00 22.16 ? 129 ILE A N   1 
ATOM 952  C CA  . ILE A 1 129 ? 3.347   -9.043  11.133  1.00 23.65 ? 129 ILE A CA  1 
ATOM 953  C C   . ILE A 1 129 ? 4.117   -7.952  11.870  1.00 27.82 ? 129 ILE A C   1 
ATOM 954  O O   . ILE A 1 129 ? 4.953   -7.261  11.289  1.00 29.96 ? 129 ILE A O   1 
ATOM 955  C CB  . ILE A 1 129 ? 1.885   -8.612  10.966  1.00 25.50 ? 129 ILE A CB  1 
ATOM 956  C CG1 . ILE A 1 129 ? 1.141   -9.667  10.142  1.00 23.25 ? 129 ILE A CG1 1 
ATOM 957  C CG2 . ILE A 1 129 ? 1.810   -7.230  10.317  1.00 19.80 ? 129 ILE A CG2 1 
ATOM 958  C CD1 . ILE A 1 129 ? -0.346  -9.408  10.026  1.00 30.80 ? 129 ILE A CD1 1 
ATOM 959  N N   . SER A 1 130 ? 3.823   -7.804  13.154  1.00 29.27 ? 130 SER A N   1 
ATOM 960  C CA  . SER A 1 130 ? 4.494   -6.815  13.985  1.00 28.93 ? 130 SER A CA  1 
ATOM 961  C C   . SER A 1 130 ? 5.995   -7.062  13.965  1.00 27.39 ? 130 SER A C   1 
ATOM 962  O O   . SER A 1 130 ? 6.791   -6.135  13.850  1.00 28.13 ? 130 SER A O   1 
ATOM 963  C CB  . SER A 1 130 ? 3.989   -6.915  15.421  1.00 26.37 ? 130 SER A CB  1 
ATOM 964  O OG  . SER A 1 130 ? 4.864   -6.236  16.291  1.00 24.87 ? 130 SER A OG  1 
ATOM 965  N N   . ASP A 1 131 ? 6.361   -8.332  14.079  1.00 26.51 ? 131 ASP A N   1 
ATOM 966  C CA  . ASP A 1 131 ? 7.746   -8.762  14.090  1.00 27.74 ? 131 ASP A CA  1 
ATOM 967  C C   . ASP A 1 131 ? 8.465   -8.392  12.788  1.00 29.98 ? 131 ASP A C   1 
ATOM 968  O O   . ASP A 1 131 ? 9.409   -7.604  12.804  1.00 30.63 ? 131 ASP A O   1 
ATOM 969  C CB  . ASP A 1 131 ? 7.781   -10.279 14.329  1.00 35.81 ? 131 ASP A CB  1 
ATOM 970  C CG  . ASP A 1 131 ? 9.188   -10.826 14.539  1.00 41.63 ? 131 ASP A CG  1 
ATOM 971  O OD1 . ASP A 1 131 ? 9.292   -11.996 14.967  1.00 52.18 ? 131 ASP A OD1 1 
ATOM 972  O OD2 . ASP A 1 131 ? 10.182  -10.114 14.274  1.00 42.35 ? 131 ASP A OD2 1 
ATOM 973  N N   . VAL A 1 132 ? 8.014   -8.956  11.669  1.00 31.89 ? 132 VAL A N   1 
ATOM 974  C CA  . VAL A 1 132 ? 8.631   -8.691  10.366  1.00 31.67 ? 132 VAL A CA  1 
ATOM 975  C C   . VAL A 1 132 ? 8.625   -7.221  9.945   1.00 32.28 ? 132 VAL A C   1 
ATOM 976  O O   . VAL A 1 132 ? 9.614   -6.729  9.404   1.00 32.92 ? 132 VAL A O   1 
ATOM 977  C CB  . VAL A 1 132 ? 7.953   -9.514  9.233   1.00 32.74 ? 132 VAL A CB  1 
ATOM 978  C CG1 . VAL A 1 132 ? 8.477   -9.068  7.869   1.00 34.31 ? 132 VAL A CG1 1 
ATOM 979  C CG2 . VAL A 1 132 ? 8.227   -10.994 9.429   1.00 34.86 ? 132 VAL A CG2 1 
ATOM 980  N N   . LEU A 1 133 ? 7.519   -6.520  10.179  1.00 28.57 ? 133 LEU A N   1 
ATOM 981  C CA  . LEU A 1 133 ? 7.437   -5.118  9.792   1.00 30.33 ? 133 LEU A CA  1 
ATOM 982  C C   . LEU A 1 133 ? 7.987   -4.202  10.886  1.00 30.76 ? 133 LEU A C   1 
ATOM 983  O O   . LEU A 1 133 ? 8.146   -2.988  10.678  1.00 23.93 ? 133 LEU A O   1 
ATOM 984  C CB  . LEU A 1 133 ? 5.983   -4.735  9.467   1.00 34.34 ? 133 LEU A CB  1 
ATOM 985  C CG  . LEU A 1 133 ? 5.253   -5.513  8.362   1.00 35.85 ? 133 LEU A CG  1 
ATOM 986  C CD1 . LEU A 1 133 ? 3.861   -4.924  8.149   1.00 33.79 ? 133 LEU A CD1 1 
ATOM 987  C CD2 . LEU A 1 133 ? 6.049   -5.456  7.065   1.00 38.31 ? 133 LEU A CD2 1 
ATOM 988  N N   . GLY A 1 134 ? 8.293   -4.791  12.044  1.00 28.98 ? 134 GLY A N   1 
ATOM 989  C CA  . GLY A 1 134 ? 8.813   -4.019  13.164  1.00 28.40 ? 134 GLY A CA  1 
ATOM 990  C C   . GLY A 1 134 ? 7.904   -2.834  13.409  1.00 28.04 ? 134 GLY A C   1 
ATOM 991  O O   . GLY A 1 134 ? 8.341   -1.684  13.463  1.00 27.71 ? 134 GLY A O   1 
ATOM 992  N N   . VAL A 1 135 ? 6.624   -3.132  13.584  1.00 23.80 ? 135 VAL A N   1 
ATOM 993  C CA  . VAL A 1 135 ? 5.620   -2.101  13.761  1.00 17.34 ? 135 VAL A CA  1 
ATOM 994  C C   . VAL A 1 135 ? 4.609   -2.506  14.827  1.00 18.71 ? 135 VAL A C   1 
ATOM 995  O O   . VAL A 1 135 ? 4.555   -3.666  15.226  1.00 18.16 ? 135 VAL A O   1 
ATOM 996  C CB  . VAL A 1 135 ? 4.915   -1.877  12.389  1.00 16.69 ? 135 VAL A CB  1 
ATOM 997  C CG1 . VAL A 1 135 ? 3.419   -2.082  12.502  1.00 11.59 ? 135 VAL A CG1 1 
ATOM 998  C CG2 . VAL A 1 135 ? 5.264   -0.518  11.853  1.00 15.63 ? 135 VAL A CG2 1 
ATOM 999  N N   . GLU A 1 136 ? 3.830   -1.545  15.308  1.00 22.84 ? 136 GLU A N   1 
ATOM 1000 C CA  . GLU A 1 136 ? 2.792   -1.839  16.291  1.00 27.05 ? 136 GLU A CA  1 
ATOM 1001 C C   . GLU A 1 136 ? 1.572   -2.212  15.464  1.00 24.29 ? 136 GLU A C   1 
ATOM 1002 O O   . GLU A 1 136 ? 1.220   -1.499  14.521  1.00 26.53 ? 136 GLU A O   1 
ATOM 1003 C CB  . GLU A 1 136 ? 2.472   -0.610  17.138  1.00 37.14 ? 136 GLU A CB  1 
ATOM 1004 C CG  . GLU A 1 136 ? 3.465   -0.300  18.237  1.00 44.90 ? 136 GLU A CG  1 
ATOM 1005 C CD  . GLU A 1 136 ? 3.143   1.017   18.923  1.00 56.52 ? 136 GLU A CD  1 
ATOM 1006 O OE1 . GLU A 1 136 ? 1.982   1.197   19.360  1.00 54.54 ? 136 GLU A OE1 1 
ATOM 1007 O OE2 . GLU A 1 136 ? 4.048   1.872   19.022  1.00 64.56 ? 136 GLU A OE2 1 
ATOM 1008 N N   . VAL A 1 137 ? 0.927   -3.319  15.815  1.00 24.54 ? 137 VAL A N   1 
ATOM 1009 C CA  . VAL A 1 137 ? -0.238  -3.795  15.077  1.00 23.23 ? 137 VAL A CA  1 
ATOM 1010 C C   . VAL A 1 137 ? -1.543  -3.678  15.858  1.00 23.76 ? 137 VAL A C   1 
ATOM 1011 O O   . VAL A 1 137 ? -1.602  -3.985  17.052  1.00 24.71 ? 137 VAL A O   1 
ATOM 1012 C CB  . VAL A 1 137 ? -0.051  -5.272  14.663  1.00 20.43 ? 137 VAL A CB  1 
ATOM 1013 C CG1 . VAL A 1 137 ? -1.216  -5.726  13.807  1.00 20.13 ? 137 VAL A CG1 1 
ATOM 1014 C CG2 . VAL A 1 137 ? 1.266   -5.435  13.908  1.00 24.73 ? 137 VAL A CG2 1 
ATOM 1015 N N   . PHE A 1 138 ? -2.591  -3.231  15.175  1.00 21.35 ? 138 PHE A N   1 
ATOM 1016 C CA  . PHE A 1 138 ? -3.892  -3.099  15.800  1.00 22.10 ? 138 PHE A CA  1 
ATOM 1017 C C   . PHE A 1 138 ? -4.980  -3.607  14.866  1.00 25.25 ? 138 PHE A C   1 
ATOM 1018 O O   . PHE A 1 138 ? -5.010  -3.262  13.682  1.00 23.79 ? 138 PHE A O   1 
ATOM 1019 C CB  . PHE A 1 138 ? -4.185  -1.640  16.171  1.00 15.04 ? 138 PHE A CB  1 
ATOM 1020 C CG  . PHE A 1 138 ? -3.167  -1.025  17.081  1.00 14.81 ? 138 PHE A CG  1 
ATOM 1021 C CD1 . PHE A 1 138 ? -2.080  -0.329  16.561  1.00 14.94 ? 138 PHE A CD1 1 
ATOM 1022 C CD2 . PHE A 1 138 ? -3.283  -1.153  18.465  1.00 17.97 ? 138 PHE A CD2 1 
ATOM 1023 C CE1 . PHE A 1 138 ? -1.112  0.235   17.406  1.00 18.83 ? 138 PHE A CE1 1 
ATOM 1024 C CE2 . PHE A 1 138 ? -2.321  -0.592  19.325  1.00 21.23 ? 138 PHE A CE2 1 
ATOM 1025 C CZ  . PHE A 1 138 ? -1.235  0.102   18.794  1.00 21.05 ? 138 PHE A CZ  1 
ATOM 1026 N N   . ARG A 1 139 ? -5.855  -4.452  15.403  1.00 26.22 ? 139 ARG A N   1 
ATOM 1027 C CA  . ARG A 1 139 ? -6.973  -4.982  14.644  1.00 26.77 ? 139 ARG A CA  1 
ATOM 1028 C C   . ARG A 1 139 ? -7.968  -3.836  14.596  1.00 28.26 ? 139 ARG A C   1 
ATOM 1029 O O   . ARG A 1 139 ? -8.325  -3.271  15.627  1.00 30.85 ? 139 ARG A O   1 
ATOM 1030 C CB  . ARG A 1 139 ? -7.591  -6.178  15.364  1.00 23.53 ? 139 ARG A CB  1 
ATOM 1031 C CG  . ARG A 1 139 ? -6.802  -7.462  15.243  1.00 28.11 ? 139 ARG A CG  1 
ATOM 1032 C CD  . ARG A 1 139 ? -7.344  -8.498  16.203  1.00 30.32 ? 139 ARG A CD  1 
ATOM 1033 N NE  . ARG A 1 139 ? -7.088  -8.111  17.587  1.00 27.15 ? 139 ARG A NE  1 
ATOM 1034 C CZ  . ARG A 1 139 ? -7.665  -8.672  18.642  1.00 31.93 ? 139 ARG A CZ  1 
ATOM 1035 N NH1 . ARG A 1 139 ? -8.541  -9.652  18.477  1.00 31.71 ? 139 ARG A NH1 1 
ATOM 1036 N NH2 . ARG A 1 139 ? -7.365  -8.252  19.861  1.00 28.18 ? 139 ARG A NH2 1 
ATOM 1037 N N   . GLN A 1 140 ? -8.412  -3.492  13.397  1.00 27.63 ? 140 GLN A N   1 
ATOM 1038 C CA  . GLN A 1 140 ? -9.337  -2.386  13.239  1.00 28.52 ? 140 GLN A CA  1 
ATOM 1039 C C   . GLN A 1 140 ? -10.247 -2.573  12.041  1.00 28.13 ? 140 GLN A C   1 
ATOM 1040 O O   . GLN A 1 140 ? -10.111 -3.534  11.280  1.00 26.16 ? 140 GLN A O   1 
ATOM 1041 C CB  . GLN A 1 140 ? -8.542  -1.084  13.067  1.00 29.49 ? 140 GLN A CB  1 
ATOM 1042 C CG  . GLN A 1 140 ? -8.286  -0.350  14.360  1.00 40.47 ? 140 GLN A CG  1 
ATOM 1043 C CD  . GLN A 1 140 ? -9.503  0.426   14.808  1.00 44.51 ? 140 GLN A CD  1 
ATOM 1044 O OE1 . GLN A 1 140 ? -10.632 -0.056  14.709  1.00 49.96 ? 140 GLN A OE1 1 
ATOM 1045 N NE2 . GLN A 1 140 ? -9.284  1.634   15.304  1.00 52.38 ? 140 GLN A NE2 1 
ATOM 1046 N N   . THR A 1 141 ? -11.187 -1.647  11.898  1.00 22.75 ? 141 THR A N   1 
ATOM 1047 C CA  . THR A 1 141 ? -12.100 -1.636  10.766  1.00 26.28 ? 141 THR A CA  1 
ATOM 1048 C C   . THR A 1 141 ? -12.226 -0.171  10.386  1.00 26.17 ? 141 THR A C   1 
ATOM 1049 O O   . THR A 1 141 ? -12.343 0.692   11.259  1.00 25.19 ? 141 THR A O   1 
ATOM 1050 C CB  . THR A 1 141 ? -13.517 -2.188  11.105  1.00 20.67 ? 141 THR A CB  1 
ATOM 1051 O OG1 . THR A 1 141 ? -14.114 -1.401  12.141  1.00 25.88 ? 141 THR A OG1 1 
ATOM 1052 C CG2 . THR A 1 141 ? -13.443 -3.642  11.532  1.00 18.42 ? 141 THR A CG2 1 
ATOM 1053 N N   . ILE A 1 142 ? -12.165 0.118   9.092   1.00 24.92 ? 142 ILE A N   1 
ATOM 1054 C CA  . ILE A 1 142 ? -12.306 1.491   8.637   1.00 30.11 ? 142 ILE A CA  1 
ATOM 1055 C C   . ILE A 1 142 ? -13.728 1.647   8.132   1.00 30.48 ? 142 ILE A C   1 
ATOM 1056 O O   . ILE A 1 142 ? -14.103 1.051   7.124   1.00 30.75 ? 142 ILE A O   1 
ATOM 1057 C CB  . ILE A 1 142 ? -11.307 1.846   7.497   1.00 31.36 ? 142 ILE A CB  1 
ATOM 1058 C CG1 . ILE A 1 142 ? -9.874  1.877   8.035   1.00 25.42 ? 142 ILE A CG1 1 
ATOM 1059 C CG2 . ILE A 1 142 ? -11.645 3.208   6.911   1.00 29.70 ? 142 ILE A CG2 1 
ATOM 1060 C CD1 . ILE A 1 142 ? -9.322  0.516   8.361   1.00 35.84 ? 142 ILE A CD1 1 
ATOM 1061 N N   . SER A 1 143 ? -14.522 2.434   8.850   1.00 34.61 ? 143 SER A N   1 
ATOM 1062 C CA  . SER A 1 143 ? -15.912 2.669   8.473   1.00 34.78 ? 143 SER A CA  1 
ATOM 1063 C C   . SER A 1 143 ? -16.647 1.342   8.309   1.00 36.01 ? 143 SER A C   1 
ATOM 1064 O O   . SER A 1 143 ? -17.461 1.177   7.397   1.00 28.77 ? 143 SER A O   1 
ATOM 1065 C CB  . SER A 1 143 ? -15.977 3.464   7.163   1.00 35.04 ? 143 SER A CB  1 
ATOM 1066 O OG  . SER A 1 143 ? -17.316 3.780   6.824   1.00 32.96 ? 143 SER A OG  1 
ATOM 1067 N N   . GLY A 1 144 ? -16.329 0.392   9.187   1.00 37.70 ? 144 GLY A N   1 
ATOM 1068 C CA  . GLY A 1 144 ? -16.975 -0.908  9.145   1.00 34.25 ? 144 GLY A CA  1 
ATOM 1069 C C   . GLY A 1 144 ? -16.330 -1.990  8.294   1.00 37.81 ? 144 GLY A C   1 
ATOM 1070 O O   . GLY A 1 144 ? -16.550 -3.175  8.545   1.00 40.31 ? 144 GLY A O   1 
ATOM 1071 N N   . ASN A 1 145 ? -15.542 -1.605  7.292   1.00 32.91 ? 145 ASN A N   1 
ATOM 1072 C CA  . ASN A 1 145 ? -14.899 -2.588  6.427   1.00 30.86 ? 145 ASN A CA  1 
ATOM 1073 C C   . ASN A 1 145 ? -13.770 -3.300  7.138   1.00 30.95 ? 145 ASN A C   1 
ATOM 1074 O O   . ASN A 1 145 ? -12.998 -2.675  7.865   1.00 32.97 ? 145 ASN A O   1 
ATOM 1075 C CB  . ASN A 1 145 ? -14.346 -1.931  5.162   1.00 35.57 ? 145 ASN A CB  1 
ATOM 1076 C CG  . ASN A 1 145 ? -15.425 -1.312  4.314   1.00 41.04 ? 145 ASN A CG  1 
ATOM 1077 O OD1 . ASN A 1 145 ? -15.713 -0.117  4.424   1.00 38.65 ? 145 ASN A OD1 1 
ATOM 1078 N ND2 . ASN A 1 145 ? -16.044 -2.126  3.466   1.00 40.97 ? 145 ASN A ND2 1 
ATOM 1079 N N   . ILE A 1 146 ? -13.677 -4.610  6.922   1.00 26.33 ? 146 ILE A N   1 
ATOM 1080 C CA  . ILE A 1 146 ? -12.637 -5.416  7.541   1.00 26.19 ? 146 ILE A CA  1 
ATOM 1081 C C   . ILE A 1 146 ? -11.386 -5.410  6.663   1.00 25.14 ? 146 ILE A C   1 
ATOM 1082 O O   . ILE A 1 146 ? -10.285 -5.694  7.135   1.00 24.09 ? 146 ILE A O   1 
ATOM 1083 C CB  . ILE A 1 146 ? -13.117 -6.878  7.770   1.00 29.71 ? 146 ILE A CB  1 
ATOM 1084 C CG1 . ILE A 1 146 ? -13.496 -7.534  6.437   1.00 33.19 ? 146 ILE A CG1 1 
ATOM 1085 C CG2 . ILE A 1 146 ? -14.310 -6.890  8.709   1.00 25.19 ? 146 ILE A CG2 1 
ATOM 1086 C CD1 . ILE A 1 146 ? -14.098 -8.934  6.573   1.00 27.35 ? 146 ILE A CD1 1 
ATOM 1087 N N   . LEU A 1 147 ? -11.553 -5.073  5.388   1.00 18.75 ? 147 LEU A N   1 
ATOM 1088 C CA  . LEU A 1 147 ? -10.425 -5.027  4.469   1.00 20.05 ? 147 LEU A CA  1 
ATOM 1089 C C   . LEU A 1 147 ? -9.713  -3.680  4.600   1.00 25.44 ? 147 LEU A C   1 
ATOM 1090 O O   . LEU A 1 147 ? -9.747  -2.841  3.695   1.00 22.01 ? 147 LEU A O   1 
ATOM 1091 C CB  . LEU A 1 147 ? -10.912 -5.238  3.038   1.00 13.91 ? 147 LEU A CB  1 
ATOM 1092 C CG  . LEU A 1 147 ? -11.607 -6.576  2.764   1.00 23.57 ? 147 LEU A CG  1 
ATOM 1093 C CD1 . LEU A 1 147 ? -11.904 -6.677  1.279   1.00 17.82 ? 147 LEU A CD1 1 
ATOM 1094 C CD2 . LEU A 1 147 ? -10.725 -7.750  3.211   1.00 12.00 ? 147 LEU A CD2 1 
ATOM 1095 N N   . VAL A 1 148 ? -9.051  -3.491  5.737   1.00 19.71 ? 148 VAL A N   1 
ATOM 1096 C CA  . VAL A 1 148 ? -8.361  -2.248  6.028   1.00 19.82 ? 148 VAL A CA  1 
ATOM 1097 C C   . VAL A 1 148 ? -7.365  -1.783  4.966   1.00 16.59 ? 148 VAL A C   1 
ATOM 1098 O O   . VAL A 1 148 ? -7.324  -0.603  4.642   1.00 18.80 ? 148 VAL A O   1 
ATOM 1099 C CB  . VAL A 1 148 ? -7.645  -2.323  7.410   1.00 20.71 ? 148 VAL A CB  1 
ATOM 1100 C CG1 . VAL A 1 148 ? -8.636  -2.750  8.480   1.00 20.06 ? 148 VAL A CG1 1 
ATOM 1101 C CG2 . VAL A 1 148 ? -6.486  -3.281  7.358   1.00 11.44 ? 148 VAL A CG2 1 
ATOM 1102 N N   . GLY A 1 149 ? -6.571  -2.698  4.422   1.00 16.21 ? 149 GLY A N   1 
ATOM 1103 C CA  . GLY A 1 149 ? -5.596  -2.310  3.415   1.00 21.29 ? 149 GLY A CA  1 
ATOM 1104 C C   . GLY A 1 149 ? -6.231  -1.836  2.119   1.00 25.72 ? 149 GLY A C   1 
ATOM 1105 O O   . GLY A 1 149 ? -5.580  -1.241  1.262   1.00 27.30 ? 149 GLY A O   1 
ATOM 1106 N N   . SER A 1 150 ? -7.524  -2.084  1.987   1.00 26.68 ? 150 SER A N   1 
ATOM 1107 C CA  . SER A 1 150 ? -8.250  -1.719  0.788   1.00 23.46 ? 150 SER A CA  1 
ATOM 1108 C C   . SER A 1 150 ? -8.966  -0.381  0.919   1.00 26.26 ? 150 SER A C   1 
ATOM 1109 O O   . SER A 1 150 ? -9.295  0.257   -0.087  1.00 21.77 ? 150 SER A O   1 
ATOM 1110 C CB  . SER A 1 150 ? -9.254  -2.824  0.462   1.00 20.08 ? 150 SER A CB  1 
ATOM 1111 O OG  . SER A 1 150 ? -9.887  -2.573  -0.772  1.00 37.09 ? 150 SER A OG  1 
ATOM 1112 N N   . TYR A 1 151 ? -9.205  0.047   2.156   1.00 22.72 ? 151 TYR A N   1 
ATOM 1113 C CA  . TYR A 1 151 ? -9.895  1.305   2.389   1.00 20.88 ? 151 TYR A CA  1 
ATOM 1114 C C   . TYR A 1 151 ? -9.058  2.322   3.143   1.00 21.57 ? 151 TYR A C   1 
ATOM 1115 O O   . TYR A 1 151 ? -9.584  3.188   3.837   1.00 20.96 ? 151 TYR A O   1 
ATOM 1116 C CB  . TYR A 1 151 ? -11.210 1.055   3.126   1.00 23.81 ? 151 TYR A CB  1 
ATOM 1117 C CG  . TYR A 1 151 ? -12.199 0.294   2.285   1.00 25.73 ? 151 TYR A CG  1 
ATOM 1118 C CD1 . TYR A 1 151 ? -12.343 -1.086  2.414   1.00 28.21 ? 151 TYR A CD1 1 
ATOM 1119 C CD2 . TYR A 1 151 ? -12.937 0.944   1.298   1.00 25.64 ? 151 TYR A CD2 1 
ATOM 1120 C CE1 . TYR A 1 151 ? -13.190 -1.802  1.578   1.00 29.02 ? 151 TYR A CE1 1 
ATOM 1121 C CE2 . TYR A 1 151 ? -13.787 0.238   0.453   1.00 30.41 ? 151 TYR A CE2 1 
ATOM 1122 C CZ  . TYR A 1 151 ? -13.907 -1.134  0.596   1.00 27.84 ? 151 TYR A CZ  1 
ATOM 1123 O OH  . TYR A 1 151 ? -14.719 -1.835  -0.263  1.00 22.75 ? 151 TYR A OH  1 
ATOM 1124 N N   . CYS A 1 152 ? -7.747  2.230   2.988   1.00 23.86 ? 152 CYS A N   1 
ATOM 1125 C CA  . CYS A 1 152 ? -6.871  3.166   3.658   1.00 23.96 ? 152 CYS A CA  1 
ATOM 1126 C C   . CYS A 1 152 ? -5.514  3.255   2.978   1.00 24.68 ? 152 CYS A C   1 
ATOM 1127 O O   . CYS A 1 152 ? -4.836  2.246   2.783   1.00 30.67 ? 152 CYS A O   1 
ATOM 1128 C CB  . CYS A 1 152 ? -6.698  2.756   5.120   1.00 20.59 ? 152 CYS A CB  1 
ATOM 1129 S SG  . CYS A 1 152 ? -5.691  3.893   6.092   1.00 24.86 ? 152 CYS A SG  1 
ATOM 1130 N N   . SER A 1 153 ? -5.134  4.464   2.591   1.00 24.31 ? 153 SER A N   1 
ATOM 1131 C CA  . SER A 1 153 ? -3.842  4.690   1.963   1.00 25.59 ? 153 SER A CA  1 
ATOM 1132 C C   . SER A 1 153 ? -3.050  5.412   3.046   1.00 23.19 ? 153 SER A C   1 
ATOM 1133 O O   . SER A 1 153 ? -3.506  6.414   3.596   1.00 26.34 ? 153 SER A O   1 
ATOM 1134 C CB  . SER A 1 153 ? -3.996  5.555   0.720   1.00 24.20 ? 153 SER A CB  1 
ATOM 1135 O OG  . SER A 1 153 ? -2.764  5.647   0.040   1.00 37.53 ? 153 SER A OG  1 
ATOM 1136 N N   . LEU A 1 154 ? -1.860  4.912   3.347   1.00 26.25 ? 154 LEU A N   1 
ATOM 1137 C CA  . LEU A 1 154 ? -1.076  5.480   4.436   1.00 25.68 ? 154 LEU A CA  1 
ATOM 1138 C C   . LEU A 1 154 ? 0.417   5.665   4.203   1.00 24.46 ? 154 LEU A C   1 
ATOM 1139 O O   . LEU A 1 154 ? 1.083   4.836   3.582   1.00 27.08 ? 154 LEU A O   1 
ATOM 1140 C CB  . LEU A 1 154 ? -1.269  4.579   5.653   1.00 28.48 ? 154 LEU A CB  1 
ATOM 1141 C CG  . LEU A 1 154 ? -1.086  5.077   7.075   1.00 34.28 ? 154 LEU A CG  1 
ATOM 1142 C CD1 . LEU A 1 154 ? -2.217  6.040   7.433   1.00 32.80 ? 154 LEU A CD1 1 
ATOM 1143 C CD2 . LEU A 1 154 ? -1.095  3.860   8.008   1.00 33.97 ? 154 LEU A CD2 1 
ATOM 1144 N N   . SER A 1 155 ? 0.943   6.764   4.722   1.00 24.71 ? 155 SER A N   1 
ATOM 1145 C CA  . SER A 1 155 ? 2.368   7.045   4.636   1.00 25.90 ? 155 SER A CA  1 
ATOM 1146 C C   . SER A 1 155 ? 2.723   7.515   6.038   1.00 27.08 ? 155 SER A C   1 
ATOM 1147 O O   . SER A 1 155 ? 1.902   7.412   6.951   1.00 23.56 ? 155 SER A O   1 
ATOM 1148 C CB  . SER A 1 155 ? 2.661   8.152   3.623   1.00 18.69 ? 155 SER A CB  1 
ATOM 1149 O OG  . SER A 1 155 ? 2.296   9.417   4.135   1.00 23.97 ? 155 SER A OG  1 
ATOM 1150 N N   . ASN A 1 156 ? 3.931   8.030   6.222   1.00 28.67 ? 156 ASN A N   1 
ATOM 1151 C CA  . ASN A 1 156 ? 4.325   8.507   7.540   1.00 26.39 ? 156 ASN A CA  1 
ATOM 1152 C C   . ASN A 1 156 ? 3.943   9.970   7.701   1.00 27.19 ? 156 ASN A C   1 
ATOM 1153 O O   . ASN A 1 156 ? 4.123   10.553  8.765   1.00 28.54 ? 156 ASN A O   1 
ATOM 1154 C CB  . ASN A 1 156 ? 5.826   8.344   7.727   1.00 19.25 ? 156 ASN A CB  1 
ATOM 1155 C CG  . ASN A 1 156 ? 6.263   6.913   7.616   1.00 19.47 ? 156 ASN A CG  1 
ATOM 1156 O OD1 . ASN A 1 156 ? 5.572   6.013   8.077   1.00 20.44 ? 156 ASN A OD1 1 
ATOM 1157 N ND2 . ASN A 1 156 ? 7.423   6.688   7.014   1.00 26.29 ? 156 ASN A ND2 1 
ATOM 1158 N N   . GLN A 1 157 ? 3.398   10.545  6.635   1.00 24.24 ? 157 GLN A N   1 
ATOM 1159 C CA  . GLN A 1 157 ? 3.011   11.948  6.609   1.00 26.48 ? 157 GLN A CA  1 
ATOM 1160 C C   . GLN A 1 157 ? 1.540   12.177  6.931   1.00 22.47 ? 157 GLN A C   1 
ATOM 1161 O O   . GLN A 1 157 ? 1.180   13.115  7.641   1.00 24.33 ? 157 GLN A O   1 
ATOM 1162 C CB  . GLN A 1 157 ? 3.289   12.514  5.219   1.00 34.78 ? 157 GLN A CB  1 
ATOM 1163 C CG  . GLN A 1 157 ? 4.068   13.801  5.195   1.00 46.75 ? 157 GLN A CG  1 
ATOM 1164 C CD  . GLN A 1 157 ? 5.409   13.646  5.846   1.00 45.26 ? 157 GLN A CD  1 
ATOM 1165 O OE1 . GLN A 1 157 ? 6.030   12.587  5.756   1.00 43.76 ? 157 GLN A OE1 1 
ATOM 1166 N NE2 . GLN A 1 157 ? 5.878   14.703  6.500   1.00 44.83 ? 157 GLN A NE2 1 
ATOM 1167 N N   . GLY A 1 158 ? 0.698   11.328  6.361   1.00 18.03 ? 158 GLY A N   1 
ATOM 1168 C CA  . GLY A 1 158 ? -0.733  11.441  6.550   1.00 21.56 ? 158 GLY A CA  1 
ATOM 1169 C C   . GLY A 1 158 ? -1.416  10.184  6.052   1.00 22.08 ? 158 GLY A C   1 
ATOM 1170 O O   . GLY A 1 158 ? -0.760  9.170   5.806   1.00 22.07 ? 158 GLY A O   1 
ATOM 1171 N N   . GLY A 1 159 ? -2.731  10.243  5.911   1.00 18.25 ? 159 GLY A N   1 
ATOM 1172 C CA  . GLY A 1 159 ? -3.471  9.086   5.450   1.00 21.93 ? 159 GLY A CA  1 
ATOM 1173 C C   . GLY A 1 159 ? -4.839  9.479   4.930   1.00 21.36 ? 159 GLY A C   1 
ATOM 1174 O O   . GLY A 1 159 ? -5.357  10.539  5.266   1.00 25.62 ? 159 GLY A O   1 
ATOM 1175 N N   . LEU A 1 160 ? -5.417  8.618   4.104   1.00 22.59 ? 160 LEU A N   1 
ATOM 1176 C CA  . LEU A 1 160 ? -6.727  8.854   3.526   1.00 19.66 ? 160 LEU A CA  1 
ATOM 1177 C C   . LEU A 1 160 ? -7.572  7.609   3.798   1.00 20.35 ? 160 LEU A C   1 
ATOM 1178 O O   . LEU A 1 160 ? -7.116  6.483   3.586   1.00 20.44 ? 160 LEU A O   1 
ATOM 1179 C CB  . LEU A 1 160 ? -6.575  9.082   2.028   1.00 23.00 ? 160 LEU A CB  1 
ATOM 1180 C CG  . LEU A 1 160 ? -7.633  9.875   1.267   1.00 26.89 ? 160 LEU A CG  1 
ATOM 1181 C CD1 . LEU A 1 160 ? -7.832  11.231  1.909   1.00 33.67 ? 160 LEU A CD1 1 
ATOM 1182 C CD2 . LEU A 1 160 ? -7.175  10.041  -0.165  1.00 29.01 ? 160 LEU A CD2 1 
ATOM 1183 N N   . VAL A 1 161 ? -8.792  7.808   4.285   1.00 19.55 ? 161 VAL A N   1 
ATOM 1184 C CA  . VAL A 1 161 ? -9.674  6.691   4.590   1.00 20.77 ? 161 VAL A CA  1 
ATOM 1185 C C   . VAL A 1 161 ? -11.021 6.807   3.900   1.00 27.88 ? 161 VAL A C   1 
ATOM 1186 O O   . VAL A 1 161 ? -11.364 7.852   3.339   1.00 29.04 ? 161 VAL A O   1 
ATOM 1187 C CB  . VAL A 1 161 ? -9.957  6.558   6.109   1.00 25.09 ? 161 VAL A CB  1 
ATOM 1188 C CG1 . VAL A 1 161 ? -8.671  6.268   6.865   1.00 26.43 ? 161 VAL A CG1 1 
ATOM 1189 C CG2 . VAL A 1 161 ? -10.624 7.824   6.631   1.00 14.65 ? 161 VAL A CG2 1 
ATOM 1190 N N   . HIS A 1 162 ? -11.777 5.713   3.969   1.00 27.77 ? 162 HIS A N   1 
ATOM 1191 C CA  . HIS A 1 162 ? -13.104 5.613   3.386   1.00 25.30 ? 162 HIS A CA  1 
ATOM 1192 C C   . HIS A 1 162 ? -13.840 6.936   3.627   1.00 28.30 ? 162 HIS A C   1 
ATOM 1193 O O   . HIS A 1 162 ? -13.864 7.451   4.747   1.00 28.26 ? 162 HIS A O   1 
ATOM 1194 C CB  . HIS A 1 162 ? -13.835 4.433   4.031   1.00 25.08 ? 162 HIS A CB  1 
ATOM 1195 C CG  . HIS A 1 162 ? -15.132 4.082   3.375   1.00 29.20 ? 162 HIS A CG  1 
ATOM 1196 N ND1 . HIS A 1 162 ? -16.259 4.867   3.481   1.00 23.57 ? 162 HIS A ND1 1 
ATOM 1197 C CD2 . HIS A 1 162 ? -15.475 3.036   2.586   1.00 24.23 ? 162 HIS A CD2 1 
ATOM 1198 C CE1 . HIS A 1 162 ? -17.239 4.322   2.785   1.00 25.28 ? 162 HIS A CE1 1 
ATOM 1199 N NE2 . HIS A 1 162 ? -16.790 3.210   2.232   1.00 18.02 ? 162 HIS A NE2 1 
ATOM 1200 N N   . PRO A 1 163 ? -14.454 7.499   2.573   1.00 27.54 ? 163 PRO A N   1 
ATOM 1201 C CA  . PRO A 1 163 ? -15.182 8.768   2.657   1.00 30.22 ? 163 PRO A CA  1 
ATOM 1202 C C   . PRO A 1 163 ? -16.299 8.840   3.684   1.00 30.18 ? 163 PRO A C   1 
ATOM 1203 O O   . PRO A 1 163 ? -16.704 9.931   4.078   1.00 31.19 ? 163 PRO A O   1 
ATOM 1204 C CB  . PRO A 1 163 ? -15.687 8.970   1.227   1.00 25.25 ? 163 PRO A CB  1 
ATOM 1205 C CG  . PRO A 1 163 ? -15.908 7.581   0.763   1.00 24.16 ? 163 PRO A CG  1 
ATOM 1206 C CD  . PRO A 1 163 ? -14.666 6.870   1.258   1.00 25.26 ? 163 PRO A CD  1 
ATOM 1207 N N   . GLN A 1 164 ? -16.797 7.695   4.130   1.00 31.78 ? 164 GLN A N   1 
ATOM 1208 C CA  . GLN A 1 164 ? -17.878 7.713   5.108   1.00 35.39 ? 164 GLN A CA  1 
ATOM 1209 C C   . GLN A 1 164 ? -17.407 7.529   6.544   1.00 32.94 ? 164 GLN A C   1 
ATOM 1210 O O   . GLN A 1 164 ? -18.215 7.544   7.469   1.00 35.79 ? 164 GLN A O   1 
ATOM 1211 C CB  . GLN A 1 164 ? -18.928 6.662   4.749   1.00 38.94 ? 164 GLN A CB  1 
ATOM 1212 C CG  . GLN A 1 164 ? -19.686 7.007   3.474   1.00 53.04 ? 164 GLN A CG  1 
ATOM 1213 C CD  . GLN A 1 164 ? -20.692 5.949   3.078   1.00 58.54 ? 164 GLN A CD  1 
ATOM 1214 O OE1 . GLN A 1 164 ? -21.610 5.633   3.841   1.00 62.45 ? 164 GLN A OE1 1 
ATOM 1215 N NE2 . GLN A 1 164 ? -20.530 5.393   1.878   1.00 57.28 ? 164 GLN A NE2 1 
ATOM 1216 N N   . THR A 1 165 ? -16.101 7.361   6.728   1.00 25.26 ? 165 THR A N   1 
ATOM 1217 C CA  . THR A 1 165 ? -15.544 7.204   8.063   1.00 19.54 ? 165 THR A CA  1 
ATOM 1218 C C   . THR A 1 165 ? -15.990 8.410   8.878   1.00 20.60 ? 165 THR A C   1 
ATOM 1219 O O   . THR A 1 165 ? -15.823 9.548   8.444   1.00 25.01 ? 165 THR A O   1 
ATOM 1220 C CB  . THR A 1 165 ? -14.008 7.193   8.037   1.00 20.32 ? 165 THR A CB  1 
ATOM 1221 O OG1 . THR A 1 165 ? -13.547 6.143   7.179   1.00 28.16 ? 165 THR A OG1 1 
ATOM 1222 C CG2 . THR A 1 165 ? -13.460 6.981   9.432   1.00 15.60 ? 165 THR A CG2 1 
ATOM 1223 N N   . SER A 1 166 ? -16.558 8.163   10.051  1.00 17.72 ? 166 SER A N   1 
ATOM 1224 C CA  . SER A 1 166 ? -17.022 9.244   10.908  1.00 18.46 ? 166 SER A CA  1 
ATOM 1225 C C   . SER A 1 166 ? -15.830 10.067  11.358  1.00 17.24 ? 166 SER A C   1 
ATOM 1226 O O   . SER A 1 166 ? -14.696 9.594   11.331  1.00 20.45 ? 166 SER A O   1 
ATOM 1227 C CB  . SER A 1 166 ? -17.724 8.684   12.147  1.00 12.50 ? 166 SER A CB  1 
ATOM 1228 O OG  . SER A 1 166 ? -16.778 8.155   13.065  1.00 21.46 ? 166 SER A OG  1 
ATOM 1229 N N   . VAL A 1 167 ? -16.095 11.293  11.787  1.00 13.57 ? 167 VAL A N   1 
ATOM 1230 C CA  . VAL A 1 167 ? -15.039 12.170  12.256  1.00 17.80 ? 167 VAL A CA  1 
ATOM 1231 C C   . VAL A 1 167 ? -14.443 11.589  13.514  1.00 20.98 ? 167 VAL A C   1 
ATOM 1232 O O   . VAL A 1 167 ? -13.262 11.771  13.790  1.00 23.62 ? 167 VAL A O   1 
ATOM 1233 C CB  . VAL A 1 167 ? -15.568 13.580  12.580  1.00 18.19 ? 167 VAL A CB  1 
ATOM 1234 C CG1 . VAL A 1 167 ? -14.515 14.363  13.347  1.00 11.12 ? 167 VAL A CG1 1 
ATOM 1235 C CG2 . VAL A 1 167 ? -15.930 14.305  11.298  1.00 18.24 ? 167 VAL A CG2 1 
ATOM 1236 N N   . GLN A 1 168 ? -15.266 10.874  14.271  1.00 27.25 ? 168 GLN A N   1 
ATOM 1237 C CA  . GLN A 1 168 ? -14.811 10.286  15.520  1.00 25.76 ? 168 GLN A CA  1 
ATOM 1238 C C   . GLN A 1 168 ? -13.785 9.196   15.288  1.00 23.44 ? 168 GLN A C   1 
ATOM 1239 O O   . GLN A 1 168 ? -12.836 9.067   16.056  1.00 24.64 ? 168 GLN A O   1 
ATOM 1240 C CB  . GLN A 1 168 ? -15.992 9.729   16.309  1.00 26.38 ? 168 GLN A CB  1 
ATOM 1241 C CG  . GLN A 1 168 ? -15.708 9.582   17.791  1.00 26.00 ? 168 GLN A CG  1 
ATOM 1242 C CD  . GLN A 1 168 ? -16.956 9.294   18.598  1.00 26.07 ? 168 GLN A CD  1 
ATOM 1243 O OE1 . GLN A 1 168 ? -16.908 9.225   19.826  1.00 21.97 ? 168 GLN A OE1 1 
ATOM 1244 N NE2 . GLN A 1 168 ? -18.084 9.120   17.912  1.00 21.70 ? 168 GLN A NE2 1 
ATOM 1245 N N   . ASP A 1 169 ? -13.973 8.411   14.232  1.00 23.66 ? 169 ASP A N   1 
ATOM 1246 C CA  . ASP A 1 169 ? -13.029 7.343   13.925  1.00 26.20 ? 169 ASP A CA  1 
ATOM 1247 C C   . ASP A 1 169 ? -11.772 7.960   13.334  1.00 26.90 ? 169 ASP A C   1 
ATOM 1248 O O   . ASP A 1 169 ? -10.656 7.482   13.554  1.00 24.64 ? 169 ASP A O   1 
ATOM 1249 C CB  . ASP A 1 169 ? -13.625 6.346   12.922  1.00 29.02 ? 169 ASP A CB  1 
ATOM 1250 C CG  . ASP A 1 169 ? -14.846 5.627   13.462  1.00 28.38 ? 169 ASP A CG  1 
ATOM 1251 O OD1 . ASP A 1 169 ? -15.034 5.613   14.693  1.00 27.72 ? 169 ASP A OD1 1 
ATOM 1252 O OD2 . ASP A 1 169 ? -15.611 5.061   12.650  1.00 36.31 ? 169 ASP A OD2 1 
ATOM 1253 N N   . GLN A 1 170 ? -11.967 9.034   12.577  1.00 25.42 ? 170 GLN A N   1 
ATOM 1254 C CA  . GLN A 1 170 ? -10.858 9.727   11.953  1.00 23.75 ? 170 GLN A CA  1 
ATOM 1255 C C   . GLN A 1 170 ? -9.934  10.286  13.013  1.00 23.41 ? 170 GLN A C   1 
ATOM 1256 O O   . GLN A 1 170 ? -8.710  10.185  12.889  1.00 22.71 ? 170 GLN A O   1 
ATOM 1257 C CB  . GLN A 1 170 ? -11.378 10.857  11.066  1.00 19.56 ? 170 GLN A CB  1 
ATOM 1258 C CG  . GLN A 1 170 ? -12.073 10.369  9.822   1.00 20.68 ? 170 GLN A CG  1 
ATOM 1259 C CD  . GLN A 1 170 ? -12.537 11.507  8.949   1.00 27.88 ? 170 GLN A CD  1 
ATOM 1260 O OE1 . GLN A 1 170 ? -11.744 12.356  8.544   1.00 23.33 ? 170 GLN A OE1 1 
ATOM 1261 N NE2 . GLN A 1 170 ? -13.828 11.536  8.652   1.00 18.26 ? 170 GLN A NE2 1 
ATOM 1262 N N   . GLU A 1 171 ? -10.525 10.862  14.059  1.00 19.98 ? 171 GLU A N   1 
ATOM 1263 C CA  . GLU A 1 171 ? -9.749  11.449  15.145  1.00 21.39 ? 171 GLU A CA  1 
ATOM 1264 C C   . GLU A 1 171 ? -8.997  10.380  15.918  1.00 18.87 ? 171 GLU A C   1 
ATOM 1265 O O   . GLU A 1 171 ? -7.828  10.558  16.272  1.00 18.69 ? 171 GLU A O   1 
ATOM 1266 C CB  . GLU A 1 171 ? -10.658 12.221  16.105  1.00 15.66 ? 171 GLU A CB  1 
ATOM 1267 C CG  . GLU A 1 171 ? -11.439 13.331  15.452  1.00 23.44 ? 171 GLU A CG  1 
ATOM 1268 C CD  . GLU A 1 171 ? -12.150 14.223  16.450  1.00 24.62 ? 171 GLU A CD  1 
ATOM 1269 O OE1 . GLU A 1 171 ? -12.591 13.718  17.498  1.00 30.43 ? 171 GLU A OE1 1 
ATOM 1270 O OE2 . GLU A 1 171 ? -12.282 15.433  16.179  1.00 30.79 ? 171 GLU A OE2 1 
ATOM 1271 N N   . GLU A 1 172 ? -9.682  9.271   16.166  1.00 18.82 ? 172 GLU A N   1 
ATOM 1272 C CA  . GLU A 1 172 ? -9.122  8.145   16.907  1.00 19.43 ? 172 GLU A CA  1 
ATOM 1273 C C   . GLU A 1 172 ? -8.049  7.454   16.076  1.00 19.34 ? 172 GLU A C   1 
ATOM 1274 O O   . GLU A 1 172 ? -6.990  7.092   16.588  1.00 20.33 ? 172 GLU A O   1 
ATOM 1275 C CB  . GLU A 1 172 ? -10.243 7.167   17.247  1.00 23.85 ? 172 GLU A CB  1 
ATOM 1276 C CG  . GLU A 1 172 ? -10.290 6.712   18.687  1.00 29.37 ? 172 GLU A CG  1 
ATOM 1277 C CD  . GLU A 1 172 ? -11.672 6.231   19.072  1.00 30.76 ? 172 GLU A CD  1 
ATOM 1278 O OE1 . GLU A 1 172 ? -12.239 5.392   18.342  1.00 32.04 ? 172 GLU A OE1 1 
ATOM 1279 O OE2 . GLU A 1 172 ? -12.199 6.695   20.101  1.00 31.69 ? 172 GLU A OE2 1 
ATOM 1280 N N   . LEU A 1 173 ? -8.325  7.277   14.786  1.00 20.75 ? 173 LEU A N   1 
ATOM 1281 C CA  . LEU A 1 173 ? -7.364  6.644   13.891  1.00 22.07 ? 173 LEU A CA  1 
ATOM 1282 C C   . LEU A 1 173 ? -6.132  7.533   13.708  1.00 24.93 ? 173 LEU A C   1 
ATOM 1283 O O   . LEU A 1 173 ? -5.007  7.030   13.644  1.00 24.26 ? 173 LEU A O   1 
ATOM 1284 C CB  . LEU A 1 173 ? -8.018  6.339   12.542  1.00 20.61 ? 173 LEU A CB  1 
ATOM 1285 C CG  . LEU A 1 173 ? -9.003  5.167   12.591  1.00 23.32 ? 173 LEU A CG  1 
ATOM 1286 C CD1 . LEU A 1 173 ? -9.721  5.022   11.268  1.00 17.30 ? 173 LEU A CD1 1 
ATOM 1287 C CD2 . LEU A 1 173 ? -8.243  3.891   12.929  1.00 24.16 ? 173 LEU A CD2 1 
ATOM 1288 N N   . SER A 1 174 ? -6.336  8.847   13.627  1.00 19.22 ? 174 SER A N   1 
ATOM 1289 C CA  . SER A 1 174 ? -5.209  9.755   13.494  1.00 21.69 ? 174 SER A CA  1 
ATOM 1290 C C   . SER A 1 174 ? -4.265  9.508   14.656  1.00 23.42 ? 174 SER A C   1 
ATOM 1291 O O   . SER A 1 174 ? -3.068  9.313   14.451  1.00 28.12 ? 174 SER A O   1 
ATOM 1292 C CB  . SER A 1 174 ? -5.661  11.216  13.527  1.00 28.32 ? 174 SER A CB  1 
ATOM 1293 O OG  . SER A 1 174 ? -6.175  11.623  12.278  1.00 23.72 ? 174 SER A OG  1 
ATOM 1294 N N   . SER A 1 175 ? -4.812  9.508   15.874  1.00 18.80 ? 175 SER A N   1 
ATOM 1295 C CA  . SER A 1 175 ? -4.028  9.291   17.092  1.00 22.75 ? 175 SER A CA  1 
ATOM 1296 C C   . SER A 1 175 ? -3.333  7.943   17.049  1.00 22.79 ? 175 SER A C   1 
ATOM 1297 O O   . SER A 1 175 ? -2.156  7.828   17.372  1.00 21.53 ? 175 SER A O   1 
ATOM 1298 C CB  . SER A 1 175 ? -4.921  9.316   18.340  1.00 27.83 ? 175 SER A CB  1 
ATOM 1299 O OG  . SER A 1 175 ? -5.651  10.522  18.470  1.00 32.38 ? 175 SER A OG  1 
ATOM 1300 N N   . LEU A 1 176 ? -4.081  6.924   16.649  1.00 21.57 ? 176 LEU A N   1 
ATOM 1301 C CA  . LEU A 1 176 ? -3.551  5.572   16.590  1.00 25.52 ? 176 LEU A CA  1 
ATOM 1302 C C   . LEU A 1 176 ? -2.416  5.405   15.585  1.00 26.95 ? 176 LEU A C   1 
ATOM 1303 O O   . LEU A 1 176 ? -1.431  4.727   15.868  1.00 24.65 ? 176 LEU A O   1 
ATOM 1304 C CB  . LEU A 1 176 ? -4.681  4.590   16.271  1.00 22.35 ? 176 LEU A CB  1 
ATOM 1305 C CG  . LEU A 1 176 ? -4.290  3.118   16.186  1.00 28.73 ? 176 LEU A CG  1 
ATOM 1306 C CD1 . LEU A 1 176 ? -3.702  2.665   17.521  1.00 27.87 ? 176 LEU A CD1 1 
ATOM 1307 C CD2 . LEU A 1 176 ? -5.515  2.291   15.822  1.00 18.80 ? 176 LEU A CD2 1 
ATOM 1308 N N   . LEU A 1 177 ? -2.551  6.024   14.417  1.00 29.43 ? 177 LEU A N   1 
ATOM 1309 C CA  . LEU A 1 177 ? -1.536  5.919   13.374  1.00 29.34 ? 177 LEU A CA  1 
ATOM 1310 C C   . LEU A 1 177 ? -0.476  7.013   13.464  1.00 30.91 ? 177 LEU A C   1 
ATOM 1311 O O   . LEU A 1 177 ? 0.537   6.969   12.768  1.00 30.31 ? 177 LEU A O   1 
ATOM 1312 C CB  . LEU A 1 177 ? -2.203  5.944   11.998  1.00 30.50 ? 177 LEU A CB  1 
ATOM 1313 C CG  . LEU A 1 177 ? -3.189  4.799   11.757  1.00 28.29 ? 177 LEU A CG  1 
ATOM 1314 C CD1 . LEU A 1 177 ? -3.948  5.010   10.451  1.00 26.44 ? 177 LEU A CD1 1 
ATOM 1315 C CD2 . LEU A 1 177 ? -2.424  3.494   11.740  1.00 27.26 ? 177 LEU A CD2 1 
ATOM 1316 N N   . GLN A 1 178 ? -0.719  7.997   14.320  1.00 29.71 ? 178 GLN A N   1 
ATOM 1317 C CA  . GLN A 1 178 ? 0.228   9.090   14.513  1.00 30.93 ? 178 GLN A CA  1 
ATOM 1318 C C   . GLN A 1 178 ? 0.416   9.964   13.273  1.00 29.22 ? 178 GLN A C   1 
ATOM 1319 O O   . GLN A 1 178 ? 1.504   10.494  13.032  1.00 31.66 ? 178 GLN A O   1 
ATOM 1320 C CB  . GLN A 1 178 ? 1.577   8.529   14.973  1.00 27.11 ? 178 GLN A CB  1 
ATOM 1321 N N   . VAL A 1 179 ? -0.642  10.101  12.480  1.00 25.41 ? 179 VAL A N   1 
ATOM 1322 C CA  . VAL A 1 179 ? -0.607  10.931  11.285  1.00 22.09 ? 179 VAL A CA  1 
ATOM 1323 C C   . VAL A 1 179 ? -1.993  11.495  11.040  1.00 18.93 ? 179 VAL A C   1 
ATOM 1324 O O   . VAL A 1 179 ? -2.988  10.910  11.458  1.00 19.88 ? 179 VAL A O   1 
ATOM 1325 C CB  . VAL A 1 179 ? -0.173  10.137  10.009  1.00 23.29 ? 179 VAL A CB  1 
ATOM 1326 C CG1 . VAL A 1 179 ? 1.204   9.525   10.216  1.00 18.65 ? 179 VAL A CG1 1 
ATOM 1327 C CG2 . VAL A 1 179 ? -1.202  9.076   9.667   1.00 25.15 ? 179 VAL A CG2 1 
ATOM 1328 N N   . PRO A 1 180 ? -2.077  12.653  10.376  1.00 17.13 ? 180 PRO A N   1 
ATOM 1329 C CA  . PRO A 1 180 ? -3.381  13.256  10.094  1.00 15.77 ? 180 PRO A CA  1 
ATOM 1330 C C   . PRO A 1 180 ? -4.154  12.371  9.122   1.00 19.71 ? 180 PRO A C   1 
ATOM 1331 O O   . PRO A 1 180 ? -3.620  11.976  8.093   1.00 26.00 ? 180 PRO A O   1 
ATOM 1332 C CB  . PRO A 1 180 ? -3.013  14.596  9.464   1.00 14.56 ? 180 PRO A CB  1 
ATOM 1333 C CG  . PRO A 1 180 ? -1.696  14.920  10.106  1.00 13.88 ? 180 PRO A CG  1 
ATOM 1334 C CD  . PRO A 1 180 ? -0.980  13.600  10.102  1.00 9.29  ? 180 PRO A CD  1 
ATOM 1335 N N   . LEU A 1 181 ? -5.398  12.051  9.455   1.00 24.13 ? 181 LEU A N   1 
ATOM 1336 C CA  . LEU A 1 181 ? -6.243  11.234  8.588   1.00 28.32 ? 181 LEU A CA  1 
ATOM 1337 C C   . LEU A 1 181 ? -7.458  12.031  8.146   1.00 30.86 ? 181 LEU A C   1 
ATOM 1338 O O   . LEU A 1 181 ? -8.041  12.783  8.926   1.00 35.39 ? 181 LEU A O   1 
ATOM 1339 C CB  . LEU A 1 181 ? -6.736  9.977   9.303   1.00 29.90 ? 181 LEU A CB  1 
ATOM 1340 C CG  . LEU A 1 181 ? -5.747  8.850   9.565   1.00 37.44 ? 181 LEU A CG  1 
ATOM 1341 C CD1 . LEU A 1 181 ? -6.518  7.622   10.004  1.00 37.80 ? 181 LEU A CD1 1 
ATOM 1342 C CD2 . LEU A 1 181 ? -4.958  8.541   8.307   1.00 40.26 ? 181 LEU A CD2 1 
ATOM 1343 N N   . VAL A 1 182 ? -7.846  11.851  6.892   1.00 26.30 ? 182 VAL A N   1 
ATOM 1344 C CA  . VAL A 1 182 ? -9.000  12.549  6.354   1.00 24.33 ? 182 VAL A CA  1 
ATOM 1345 C C   . VAL A 1 182 ? -9.785  11.601  5.450   1.00 24.99 ? 182 VAL A C   1 
ATOM 1346 O O   . VAL A 1 182 ? -9.201  10.835  4.679   1.00 26.38 ? 182 VAL A O   1 
ATOM 1347 C CB  . VAL A 1 182 ? -8.548  13.809  5.561   1.00 22.12 ? 182 VAL A CB  1 
ATOM 1348 C CG1 . VAL A 1 182 ? -9.227  13.860  4.217   1.00 27.05 ? 182 VAL A CG1 1 
ATOM 1349 C CG2 . VAL A 1 182 ? -8.865  15.065  6.356   1.00 20.81 ? 182 VAL A CG2 1 
ATOM 1350 N N   . ALA A 1 183 ? -11.106 11.628  5.572   1.00 22.91 ? 183 ALA A N   1 
ATOM 1351 C CA  . ALA A 1 183 ? -11.950 10.790  4.735   1.00 24.28 ? 183 ALA A CA  1 
ATOM 1352 C C   . ALA A 1 183 ? -11.912 11.419  3.351   1.00 20.17 ? 183 ALA A C   1 
ATOM 1353 O O   . ALA A 1 183 ? -11.952 12.642  3.220   1.00 21.52 ? 183 ALA A O   1 
ATOM 1354 C CB  . ALA A 1 183 ? -13.382 10.777  5.267   1.00 15.72 ? 183 ALA A CB  1 
ATOM 1355 N N   . GLY A 1 184 ? -11.832 10.587  2.324   1.00 17.33 ? 184 GLY A N   1 
ATOM 1356 C CA  . GLY A 1 184 ? -11.790 11.109  0.971   1.00 17.15 ? 184 GLY A CA  1 
ATOM 1357 C C   . GLY A 1 184 ? -11.966 10.037  -0.081  1.00 20.71 ? 184 GLY A C   1 
ATOM 1358 O O   . GLY A 1 184 ? -12.146 8.861   0.235   1.00 26.35 ? 184 GLY A O   1 
ATOM 1359 N N   . THR A 1 185 ? -11.917 10.443  -1.342  1.00 20.90 ? 185 THR A N   1 
ATOM 1360 C CA  . THR A 1 185 ? -12.069 9.505   -2.443  1.00 18.33 ? 185 THR A CA  1 
ATOM 1361 C C   . THR A 1 185 ? -10.931 9.667   -3.418  1.00 21.94 ? 185 THR A C   1 
ATOM 1362 O O   . THR A 1 185 ? -10.236 10.675  -3.422  1.00 24.16 ? 185 THR A O   1 
ATOM 1363 C CB  . THR A 1 185 ? -13.347 9.747   -3.225  1.00 18.85 ? 185 THR A CB  1 
ATOM 1364 O OG1 . THR A 1 185 ? -13.251 11.019  -3.864  1.00 19.22 ? 185 THR A OG1 1 
ATOM 1365 C CG2 . THR A 1 185 ? -14.557 9.719   -2.310  1.00 14.57 ? 185 THR A CG2 1 
ATOM 1366 N N   . VAL A 1 186 ? -10.762 8.665   -4.266  1.00 25.33 ? 186 VAL A N   1 
ATOM 1367 C CA  . VAL A 1 186 ? -9.708  8.692   -5.253  1.00 26.87 ? 186 VAL A CA  1 
ATOM 1368 C C   . VAL A 1 186 ? -10.330 8.236   -6.571  1.00 25.27 ? 186 VAL A C   1 
ATOM 1369 O O   . VAL A 1 186 ? -11.449 7.721   -6.585  1.00 27.20 ? 186 VAL A O   1 
ATOM 1370 C CB  . VAL A 1 186 ? -8.553  7.749   -4.825  1.00 29.70 ? 186 VAL A CB  1 
ATOM 1371 C CG1 . VAL A 1 186 ? -8.815  6.323   -5.317  1.00 27.39 ? 186 VAL A CG1 1 
ATOM 1372 C CG2 . VAL A 1 186 ? -7.238  8.279   -5.327  1.00 34.01 ? 186 VAL A CG2 1 
ATOM 1373 N N   . ASN A 1 187 ? -9.608  8.447   -7.669  1.00 27.78 ? 187 ASN A N   1 
ATOM 1374 C CA  . ASN A 1 187 ? -10.053 8.066   -9.014  1.00 24.01 ? 187 ASN A CA  1 
ATOM 1375 C C   . ASN A 1 187 ? -11.501 8.407   -9.333  1.00 21.53 ? 187 ASN A C   1 
ATOM 1376 O O   . ASN A 1 187 ? -12.251 7.574   -9.827  1.00 23.78 ? 187 ASN A O   1 
ATOM 1377 C CB  . ASN A 1 187 ? -9.806  6.572   -9.250  1.00 15.36 ? 187 ASN A CB  1 
ATOM 1378 C CG  . ASN A 1 187 ? -8.337  6.203   -9.133  1.00 26.57 ? 187 ASN A CG  1 
ATOM 1379 O OD1 . ASN A 1 187 ? -7.473  6.845   -9.739  1.00 25.52 ? 187 ASN A OD1 1 
ATOM 1380 N ND2 . ASN A 1 187 ? -8.046  5.165   -8.355  1.00 19.81 ? 187 ASN A ND2 1 
ATOM 1381 N N   . ARG A 1 188 ? -11.883 9.641   -9.033  1.00 21.99 ? 188 ARG A N   1 
ATOM 1382 C CA  . ARG A 1 188 ? -13.217 10.146  -9.304  1.00 22.35 ? 188 ARG A CA  1 
ATOM 1383 C C   . ARG A 1 188 ? -14.369 9.455   -8.579  1.00 21.83 ? 188 ARG A C   1 
ATOM 1384 O O   . ARG A 1 188 ? -15.257 8.885   -9.213  1.00 30.77 ? 188 ARG A O   1 
ATOM 1385 C CB  . ARG A 1 188 ? -13.477 10.124  -10.819 1.00 28.30 ? 188 ARG A CB  1 
ATOM 1386 C CG  . ARG A 1 188 ? -14.634 10.877  -11.173 1.00 33.25 ? 188 ARG A CG  1 
ATOM 1387 N N   . GLY A 1 189 ? -14.364 9.504   -7.254  1.00 25.36 ? 189 GLY A N   1 
ATOM 1388 C CA  . GLY A 1 189 ? -15.463 8.916   -6.511  1.00 16.29 ? 189 GLY A CA  1 
ATOM 1389 C C   . GLY A 1 189 ? -15.234 7.587   -5.825  1.00 19.49 ? 189 GLY A C   1 
ATOM 1390 O O   . GLY A 1 189 ? -16.019 7.220   -4.953  1.00 20.41 ? 189 GLY A O   1 
ATOM 1391 N N   . SER A 1 190 ? -14.185 6.860   -6.203  1.00 18.65 ? 190 SER A N   1 
ATOM 1392 C CA  . SER A 1 190 ? -13.919 5.568   -5.576  1.00 16.37 ? 190 SER A CA  1 
ATOM 1393 C C   . SER A 1 190 ? -13.592 5.719   -4.099  1.00 21.04 ? 190 SER A C   1 
ATOM 1394 O O   . SER A 1 190 ? -12.828 6.596   -3.709  1.00 27.59 ? 190 SER A O   1 
ATOM 1395 C CB  . SER A 1 190 ? -12.764 4.862   -6.269  1.00 23.32 ? 190 SER A CB  1 
ATOM 1396 O OG  . SER A 1 190 ? -12.531 3.603   -5.666  1.00 30.53 ? 190 SER A OG  1 
ATOM 1397 N N   . SER A 1 191 ? -14.172 4.855   -3.277  1.00 26.85 ? 191 SER A N   1 
ATOM 1398 C CA  . SER A 1 191 ? -13.937 4.907   -1.844  1.00 25.82 ? 191 SER A CA  1 
ATOM 1399 C C   . SER A 1 191 ? -12.879 3.881   -1.453  1.00 23.95 ? 191 SER A C   1 
ATOM 1400 O O   . SER A 1 191 ? -12.569 3.721   -0.273  1.00 20.44 ? 191 SER A O   1 
ATOM 1401 C CB  . SER A 1 191 ? -15.231 4.621   -1.091  1.00 25.70 ? 191 SER A CB  1 
ATOM 1402 O OG  . SER A 1 191 ? -15.563 3.251   -1.183  1.00 30.21 ? 191 SER A OG  1 
ATOM 1403 N N   . VAL A 1 192 ? -12.346 3.182   -2.456  1.00 23.37 ? 192 VAL A N   1 
ATOM 1404 C CA  . VAL A 1 192 ? -11.311 2.162   -2.263  1.00 24.61 ? 192 VAL A CA  1 
ATOM 1405 C C   . VAL A 1 192 ? -9.959  2.863   -2.439  1.00 22.88 ? 192 VAL A C   1 
ATOM 1406 O O   . VAL A 1 192 ? -9.185  2.554   -3.345  1.00 21.99 ? 192 VAL A O   1 
ATOM 1407 C CB  . VAL A 1 192 ? -11.453 1.025   -3.320  1.00 28.63 ? 192 VAL A CB  1 
ATOM 1408 C CG1 . VAL A 1 192 ? -10.542 -0.138  -2.986  1.00 25.45 ? 192 VAL A CG1 1 
ATOM 1409 C CG2 . VAL A 1 192 ? -12.883 0.559   -3.383  1.00 30.82 ? 192 VAL A CG2 1 
ATOM 1410 N N   . VAL A 1 193 ? -9.688  3.819   -1.559  1.00 22.65 ? 193 VAL A N   1 
ATOM 1411 C CA  . VAL A 1 193 ? -8.460  4.595   -1.618  1.00 17.67 ? 193 VAL A CA  1 
ATOM 1412 C C   . VAL A 1 193 ? -7.209  3.742   -1.455  1.00 23.06 ? 193 VAL A C   1 
ATOM 1413 O O   . VAL A 1 193 ? -6.136  4.118   -1.910  1.00 30.19 ? 193 VAL A O   1 
ATOM 1414 C CB  . VAL A 1 193 ? -8.481  5.685   -0.551  1.00 13.12 ? 193 VAL A CB  1 
ATOM 1415 C CG1 . VAL A 1 193 ? -9.728  6.551   -0.731  1.00 9.95  ? 193 VAL A CG1 1 
ATOM 1416 C CG2 . VAL A 1 193 ? -8.476  5.050   0.824   1.00 5.88  ? 193 VAL A CG2 1 
ATOM 1417 N N   . GLY A 1 194 ? -7.349  2.593   -0.803  1.00 26.89 ? 194 GLY A N   1 
ATOM 1418 C CA  . GLY A 1 194 ? -6.211  1.715   -0.614  1.00 22.95 ? 194 GLY A CA  1 
ATOM 1419 C C   . GLY A 1 194 ? -5.730  1.068   -1.902  1.00 26.46 ? 194 GLY A C   1 
ATOM 1420 O O   . GLY A 1 194 ? -4.532  0.907   -2.107  1.00 36.27 ? 194 GLY A O   1 
ATOM 1421 N N   . ALA A 1 195 ? -6.656  0.706   -2.783  1.00 23.44 ? 195 ALA A N   1 
ATOM 1422 C CA  . ALA A 1 195 ? -6.293  0.066   -4.041  1.00 22.27 ? 195 ALA A CA  1 
ATOM 1423 C C   . ALA A 1 195 ? -6.110  1.046   -5.188  1.00 23.21 ? 195 ALA A C   1 
ATOM 1424 O O   . ALA A 1 195 ? -5.435  0.740   -6.169  1.00 25.36 ? 195 ALA A O   1 
ATOM 1425 C CB  . ALA A 1 195 ? -7.348  -0.951  -4.415  1.00 20.02 ? 195 ALA A CB  1 
ATOM 1426 N N   . GLY A 1 196 ? -6.708  2.224   -5.065  1.00 20.66 ? 196 GLY A N   1 
ATOM 1427 C CA  . GLY A 1 196 ? -6.629  3.206   -6.131  1.00 24.56 ? 196 GLY A CA  1 
ATOM 1428 C C   . GLY A 1 196 ? -5.365  4.034   -6.264  1.00 26.37 ? 196 GLY A C   1 
ATOM 1429 O O   . GLY A 1 196 ? -5.183  4.730   -7.259  1.00 27.88 ? 196 GLY A O   1 
ATOM 1430 N N   . MET A 1 197 ? -4.478  3.957   -5.284  1.00 28.36 ? 197 MET A N   1 
ATOM 1431 C CA  . MET A 1 197 ? -3.262  4.752   -5.335  1.00 26.09 ? 197 MET A CA  1 
ATOM 1432 C C   . MET A 1 197 ? -2.190  4.149   -4.451  1.00 24.12 ? 197 MET A C   1 
ATOM 1433 O O   . MET A 1 197 ? -2.494  3.407   -3.525  1.00 30.72 ? 197 MET A O   1 
ATOM 1434 C CB  . MET A 1 197 ? -3.558  6.166   -4.833  1.00 26.80 ? 197 MET A CB  1 
ATOM 1435 C CG  . MET A 1 197 ? -4.018  6.182   -3.367  1.00 29.36 ? 197 MET A CG  1 
ATOM 1436 S SD  . MET A 1 197 ? -4.092  7.808   -2.582  1.00 23.15 ? 197 MET A SD  1 
ATOM 1437 C CE  . MET A 1 197 ? -2.386  8.035   -2.184  1.00 31.60 ? 197 MET A CE  1 
ATOM 1438 N N   . VAL A 1 198 ? -0.936  4.472   -4.749  1.00 19.07 ? 198 VAL A N   1 
ATOM 1439 C CA  . VAL A 1 198 ? 0.190   4.017   -3.947  1.00 17.30 ? 198 VAL A CA  1 
ATOM 1440 C C   . VAL A 1 198 ? 0.837   5.301   -3.455  1.00 24.39 ? 198 VAL A C   1 
ATOM 1441 O O   . VAL A 1 198 ? 0.723   6.339   -4.106  1.00 27.92 ? 198 VAL A O   1 
ATOM 1442 C CB  . VAL A 1 198 ? 1.207   3.216   -4.768  1.00 18.77 ? 198 VAL A CB  1 
ATOM 1443 C CG1 . VAL A 1 198 ? 0.681   1.797   -5.005  1.00 13.55 ? 198 VAL A CG1 1 
ATOM 1444 C CG2 . VAL A 1 198 ? 1.476   3.924   -6.085  1.00 22.35 ? 198 VAL A CG2 1 
ATOM 1445 N N   . VAL A 1 199 ? 1.512   5.254   -2.315  1.00 23.87 ? 199 VAL A N   1 
ATOM 1446 C CA  . VAL A 1 199 ? 2.109   6.467   -1.794  1.00 17.16 ? 199 VAL A CA  1 
ATOM 1447 C C   . VAL A 1 199 ? 3.162   6.201   -0.738  1.00 18.89 ? 199 VAL A C   1 
ATOM 1448 O O   . VAL A 1 199 ? 3.099   5.206   -0.025  1.00 22.80 ? 199 VAL A O   1 
ATOM 1449 C CB  . VAL A 1 199 ? 1.014   7.373   -1.165  1.00 19.28 ? 199 VAL A CB  1 
ATOM 1450 C CG1 . VAL A 1 199 ? 0.336   6.639   -0.013  1.00 12.97 ? 199 VAL A CG1 1 
ATOM 1451 C CG2 . VAL A 1 199 ? 1.612   8.674   -0.668  1.00 23.45 ? 199 VAL A CG2 1 
ATOM 1452 N N   . ASN A 1 200 ? 4.147   7.089   -0.675  1.00 20.64 ? 200 ASN A N   1 
ATOM 1453 C CA  . ASN A 1 200 ? 5.191   7.027   0.337   1.00 21.27 ? 200 ASN A CA  1 
ATOM 1454 C C   . ASN A 1 200 ? 5.470   8.466   0.765   1.00 25.60 ? 200 ASN A C   1 
ATOM 1455 O O   . ASN A 1 200 ? 4.715   9.378   0.395   1.00 23.67 ? 200 ASN A O   1 
ATOM 1456 C CB  . ASN A 1 200 ? 6.449   6.281   -0.155  1.00 17.97 ? 200 ASN A CB  1 
ATOM 1457 C CG  . ASN A 1 200 ? 7.298   7.071   -1.145  1.00 26.24 ? 200 ASN A CG  1 
ATOM 1458 O OD1 . ASN A 1 200 ? 6.925   8.148   -1.620  1.00 21.86 ? 200 ASN A OD1 1 
ATOM 1459 N ND2 . ASN A 1 200 ? 8.465   6.510   -1.471  1.00 15.07 ? 200 ASN A ND2 1 
ATOM 1460 N N   . ASP A 1 201 ? 6.523   8.687   1.538   1.00 27.59 ? 201 ASP A N   1 
ATOM 1461 C CA  . ASP A 1 201 ? 6.803   10.031  2.031   1.00 31.25 ? 201 ASP A CA  1 
ATOM 1462 C C   . ASP A 1 201 ? 7.116   11.109  1.005   1.00 32.05 ? 201 ASP A C   1 
ATOM 1463 O O   . ASP A 1 201 ? 6.963   12.293  1.295   1.00 38.18 ? 201 ASP A O   1 
ATOM 1464 C CB  . ASP A 1 201 ? 7.924   9.981   3.070   1.00 26.67 ? 201 ASP A CB  1 
ATOM 1465 C CG  . ASP A 1 201 ? 7.506   9.263   4.340   1.00 34.73 ? 201 ASP A CG  1 
ATOM 1466 O OD1 . ASP A 1 201 ? 6.333   8.835   4.441   1.00 39.48 ? 201 ASP A OD1 1 
ATOM 1467 O OD2 . ASP A 1 201 ? 8.353   9.127   5.244   1.00 39.50 ? 201 ASP A OD2 1 
ATOM 1468 N N   . TYR A 1 202 ? 7.525   10.725  -0.197  1.00 34.13 ? 202 TYR A N   1 
ATOM 1469 C CA  . TYR A 1 202 ? 7.874   11.728  -1.191  1.00 34.22 ? 202 TYR A CA  1 
ATOM 1470 C C   . TYR A 1 202 ? 7.148   11.662  -2.529  1.00 32.31 ? 202 TYR A C   1 
ATOM 1471 O O   . TYR A 1 202 ? 7.304   12.548  -3.367  1.00 31.65 ? 202 TYR A O   1 
ATOM 1472 C CB  . TYR A 1 202 ? 9.394   11.694  -1.426  1.00 38.91 ? 202 TYR A CB  1 
ATOM 1473 C CG  . TYR A 1 202 ? 9.907   10.369  -1.374  1.00 41.03 ? 202 TYR A CG  1 
ATOM 1474 N N   . LEU A 1 203 ? 6.341   10.633  -2.732  1.00 29.58 ? 203 LEU A N   1 
ATOM 1475 C CA  . LEU A 1 203 ? 5.647   10.496  -4.004  1.00 24.79 ? 203 LEU A CA  1 
ATOM 1476 C C   . LEU A 1 203 ? 4.328   9.759   -3.859  1.00 24.85 ? 203 LEU A C   1 
ATOM 1477 O O   . LEU A 1 203 ? 4.195   8.827   -3.057  1.00 26.50 ? 203 LEU A O   1 
ATOM 1478 C CB  . LEU A 1 203 ? 6.546   9.745   -4.994  1.00 23.75 ? 203 LEU A CB  1 
ATOM 1479 C CG  . LEU A 1 203 ? 6.014   9.321   -6.367  1.00 27.03 ? 203 LEU A CG  1 
ATOM 1480 C CD1 . LEU A 1 203 ? 5.926   10.516  -7.308  1.00 27.67 ? 203 LEU A CD1 1 
ATOM 1481 C CD2 . LEU A 1 203 ? 6.951   8.275   -6.944  1.00 23.28 ? 203 LEU A CD2 1 
ATOM 1482 N N   . ALA A 1 204 ? 3.350   10.179  -4.646  1.00 23.57 ? 204 ALA A N   1 
ATOM 1483 C CA  . ALA A 1 204 ? 2.041   9.548   -4.631  1.00 23.96 ? 204 ALA A CA  1 
ATOM 1484 C C   . ALA A 1 204 ? 1.634   9.321   -6.071  1.00 26.74 ? 204 ALA A C   1 
ATOM 1485 O O   . ALA A 1 204 ? 1.662   10.245  -6.881  1.00 22.80 ? 204 ALA A O   1 
ATOM 1486 C CB  . ALA A 1 204 ? 1.025   10.446  -3.944  1.00 18.30 ? 204 ALA A CB  1 
ATOM 1487 N N   . VAL A 1 205 ? 1.288   8.084   -6.400  1.00 26.61 ? 205 VAL A N   1 
ATOM 1488 C CA  . VAL A 1 205 ? 0.853   7.779   -7.747  1.00 24.68 ? 205 VAL A CA  1 
ATOM 1489 C C   . VAL A 1 205 ? -0.583  7.295   -7.690  1.00 26.41 ? 205 VAL A C   1 
ATOM 1490 O O   . VAL A 1 205 ? -0.894  6.325   -6.989  1.00 23.56 ? 205 VAL A O   1 
ATOM 1491 C CB  . VAL A 1 205 ? 1.716   6.693   -8.400  1.00 24.95 ? 205 VAL A CB  1 
ATOM 1492 C CG1 . VAL A 1 205 ? 1.208   6.423   -9.799  1.00 22.97 ? 205 VAL A CG1 1 
ATOM 1493 C CG2 . VAL A 1 205 ? 3.163   7.132   -8.445  1.00 21.08 ? 205 VAL A CG2 1 
ATOM 1494 N N   . THR A 1 206 ? -1.458  7.987   -8.414  1.00 24.99 ? 206 THR A N   1 
ATOM 1495 C CA  . THR A 1 206 ? -2.870  7.624   -8.465  1.00 28.17 ? 206 THR A CA  1 
ATOM 1496 C C   . THR A 1 206 ? -3.311  7.464   -9.925  1.00 28.49 ? 206 THR A C   1 
ATOM 1497 O O   . THR A 1 206 ? -2.497  7.597   -10.835 1.00 28.99 ? 206 THR A O   1 
ATOM 1498 C CB  . THR A 1 206 ? -3.745  8.687   -7.738  1.00 29.54 ? 206 THR A CB  1 
ATOM 1499 O OG1 . THR A 1 206 ? -5.123  8.282   -7.765  1.00 32.80 ? 206 THR A OG1 1 
ATOM 1500 C CG2 . THR A 1 206 ? -3.599  10.049  -8.395  1.00 29.98 ? 206 THR A CG2 1 
ATOM 1501 N N   . GLY A 1 207 ? -4.589  7.171   -10.150 1.00 30.02 ? 207 GLY A N   1 
ATOM 1502 C CA  . GLY A 1 207 ? -5.074  6.984   -11.506 1.00 30.27 ? 207 GLY A CA  1 
ATOM 1503 C C   . GLY A 1 207 ? -5.441  8.261   -12.242 1.00 34.94 ? 207 GLY A C   1 
ATOM 1504 O O   . GLY A 1 207 ? -5.849  9.245   -11.622 1.00 37.19 ? 207 GLY A O   1 
ATOM 1505 N N   . LEU A 1 208 ? -5.306  8.232   -13.569 1.00 29.66 ? 208 LEU A N   1 
ATOM 1506 C CA  . LEU A 1 208 ? -5.617  9.378   -14.422 1.00 33.12 ? 208 LEU A CA  1 
ATOM 1507 C C   . LEU A 1 208 ? -6.968  10.023  -14.163 1.00 31.37 ? 208 LEU A C   1 
ATOM 1508 O O   . LEU A 1 208 ? -7.149  11.204  -14.432 1.00 39.07 ? 208 LEU A O   1 
ATOM 1509 C CB  . LEU A 1 208 ? -5.549  8.982   -15.905 1.00 40.20 ? 208 LEU A CB  1 
ATOM 1510 C CG  . LEU A 1 208 ? -4.211  8.922   -16.379 1.00 52.71 ? 208 LEU A CG  1 
ATOM 1511 N N   . ASP A 1 209 ? -7.921  9.265   -13.642 1.00 30.16 ? 209 ASP A N   1 
ATOM 1512 C CA  . ASP A 1 209 ? -9.249  9.819   -13.392 1.00 29.01 ? 209 ASP A CA  1 
ATOM 1513 C C   . ASP A 1 209 ? -9.431  10.607  -12.092 1.00 27.92 ? 209 ASP A C   1 
ATOM 1514 O O   . ASP A 1 209 ? -10.499 11.167  -11.859 1.00 24.19 ? 209 ASP A O   1 
ATOM 1515 C CB  . ASP A 1 209 ? -10.291 8.705   -13.465 1.00 32.05 ? 209 ASP A CB  1 
ATOM 1516 C CG  . ASP A 1 209 ? -10.555 8.257   -14.886 1.00 37.52 ? 209 ASP A CG  1 
ATOM 1517 O OD1 . ASP A 1 209 ? -11.192 7.200   -15.063 1.00 37.41 ? 209 ASP A OD1 1 
ATOM 1518 O OD2 . ASP A 1 209 ? -10.134 8.970   -15.825 1.00 37.05 ? 209 ASP A OD2 1 
ATOM 1519 N N   . THR A 1 210 ? -8.405  10.652  -11.247 1.00 25.74 ? 210 THR A N   1 
ATOM 1520 C CA  . THR A 1 210 ? -8.507  11.397  -9.993  1.00 24.41 ? 210 THR A CA  1 
ATOM 1521 C C   . THR A 1 210 ? -8.799  12.868  -10.320 1.00 20.65 ? 210 THR A C   1 
ATOM 1522 O O   . THR A 1 210 ? -8.057  13.503  -11.062 1.00 20.39 ? 210 THR A O   1 
ATOM 1523 C CB  . THR A 1 210 ? -7.194  11.285  -9.175  1.00 21.95 ? 210 THR A CB  1 
ATOM 1524 O OG1 . THR A 1 210 ? -6.887  9.902   -8.937  1.00 24.73 ? 210 THR A OG1 1 
ATOM 1525 C CG2 . THR A 1 210 ? -7.339  11.978  -7.842  1.00 17.57 ? 210 THR A CG2 1 
ATOM 1526 N N   . THR A 1 211 ? -9.894  13.401  -9.787  1.00 22.40 ? 211 THR A N   1 
ATOM 1527 C CA  . THR A 1 211 ? -10.267 14.791  -10.046 1.00 21.75 ? 211 THR A CA  1 
ATOM 1528 C C   . THR A 1 211 ? -9.245  15.782  -9.495  1.00 26.39 ? 211 THR A C   1 
ATOM 1529 O O   . THR A 1 211 ? -8.263  15.394  -8.868  1.00 32.29 ? 211 THR A O   1 
ATOM 1530 C CB  . THR A 1 211 ? -11.610 15.135  -9.413  1.00 23.39 ? 211 THR A CB  1 
ATOM 1531 O OG1 . THR A 1 211 ? -11.486 15.092  -7.987  1.00 25.87 ? 211 THR A OG1 1 
ATOM 1532 C CG2 . THR A 1 211 ? -12.662 14.151  -9.851  1.00 25.28 ? 211 THR A CG2 1 
ATOM 1533 N N   . ALA A 1 212 ? -9.490  17.066  -9.729  1.00 26.65 ? 212 ALA A N   1 
ATOM 1534 C CA  . ALA A 1 212 ? -8.603  18.120  -9.256  1.00 21.58 ? 212 ALA A CA  1 
ATOM 1535 C C   . ALA A 1 212 ? -8.727  18.198  -7.744  1.00 21.10 ? 212 ALA A C   1 
ATOM 1536 O O   . ALA A 1 212 ? -7.727  18.255  -7.028  1.00 21.66 ? 212 ALA A O   1 
ATOM 1537 C CB  . ALA A 1 212 ? -8.980  19.450  -9.885  1.00 14.74 ? 212 ALA A CB  1 
ATOM 1538 N N   . PRO A 1 213 ? -9.966  18.210  -7.235  1.00 19.17 ? 213 PRO A N   1 
ATOM 1539 C CA  . PRO A 1 213 ? -10.168 18.278  -5.785  1.00 22.78 ? 213 PRO A CA  1 
ATOM 1540 C C   . PRO A 1 213 ? -9.531  17.093  -5.057  1.00 22.73 ? 213 PRO A C   1 
ATOM 1541 O O   . PRO A 1 213 ? -8.905  17.265  -4.013  1.00 28.31 ? 213 PRO A O   1 
ATOM 1542 C CB  . PRO A 1 213 ? -11.688 18.296  -5.654  1.00 20.49 ? 213 PRO A CB  1 
ATOM 1543 C CG  . PRO A 1 213 ? -12.110 19.050  -6.889  1.00 16.22 ? 213 PRO A CG  1 
ATOM 1544 C CD  . PRO A 1 213 ? -11.240 18.402  -7.951  1.00 16.39 ? 213 PRO A CD  1 
ATOM 1545 N N   . GLU A 1 214 ? -9.690  15.897  -5.619  1.00 27.54 ? 214 GLU A N   1 
ATOM 1546 C CA  . GLU A 1 214 ? -9.129  14.684  -5.029  1.00 24.71 ? 214 GLU A CA  1 
ATOM 1547 C C   . GLU A 1 214 ? -7.608  14.713  -5.018  1.00 22.69 ? 214 GLU A C   1 
ATOM 1548 O O   . GLU A 1 214 ? -6.981  14.235  -4.074  1.00 25.51 ? 214 GLU A O   1 
ATOM 1549 C CB  . GLU A 1 214 ? -9.598  13.444  -5.788  1.00 24.34 ? 214 GLU A CB  1 
ATOM 1550 C CG  . GLU A 1 214 ? -11.095 13.230  -5.786  1.00 23.39 ? 214 GLU A CG  1 
ATOM 1551 C CD  . GLU A 1 214 ? -11.498 11.989  -6.558  1.00 25.86 ? 214 GLU A CD  1 
ATOM 1552 O OE1 . GLU A 1 214 ? -10.934 11.759  -7.651  1.00 26.95 ? 214 GLU A OE1 1 
ATOM 1553 O OE2 . GLU A 1 214 ? -12.383 11.252  -6.081  1.00 22.62 ? 214 GLU A OE2 1 
ATOM 1554 N N   . LEU A 1 215 ? -7.006  15.267  -6.062  1.00 19.57 ? 215 LEU A N   1 
ATOM 1555 C CA  . LEU A 1 215 ? -5.552  15.325  -6.103  1.00 27.68 ? 215 LEU A CA  1 
ATOM 1556 C C   . LEU A 1 215 ? -5.070  16.399  -5.132  1.00 24.37 ? 215 LEU A C   1 
ATOM 1557 O O   . LEU A 1 215 ? -3.972  16.301  -4.591  1.00 23.94 ? 215 LEU A O   1 
ATOM 1558 C CB  . LEU A 1 215 ? -5.049  15.620  -7.524  1.00 33.28 ? 215 LEU A CB  1 
ATOM 1559 C CG  . LEU A 1 215 ? -3.700  15.198  -7.687  1.00 33.09 ? 215 LEU A CG  1 
ATOM 1560 N N   . SER A 1 216 ? -5.894  17.418  -4.911  1.00 25.23 ? 216 SER A N   1 
ATOM 1561 C CA  . SER A 1 216 ? -5.534  18.487  -3.988  1.00 26.43 ? 216 SER A CA  1 
ATOM 1562 C C   . SER A 1 216 ? -5.452  17.948  -2.561  1.00 24.90 ? 216 SER A C   1 
ATOM 1563 O O   . SER A 1 216 ? -4.517  18.263  -1.828  1.00 20.40 ? 216 SER A O   1 
ATOM 1564 C CB  . SER A 1 216 ? -6.554  19.626  -4.053  1.00 28.47 ? 216 SER A CB  1 
ATOM 1565 O OG  . SER A 1 216 ? -6.325  20.443  -5.185  1.00 34.04 ? 216 SER A OG  1 
ATOM 1566 N N   . VAL A 1 217 ? -6.438  17.134  -2.184  1.00 22.73 ? 217 VAL A N   1 
ATOM 1567 C CA  . VAL A 1 217 ? -6.489  16.522  -0.860  1.00 15.11 ? 217 VAL A CA  1 
ATOM 1568 C C   . VAL A 1 217 ? -5.295  15.589  -0.674  1.00 18.87 ? 217 VAL A C   1 
ATOM 1569 O O   . VAL A 1 217 ? -4.720  15.514  0.407   1.00 20.07 ? 217 VAL A O   1 
ATOM 1570 C CB  . VAL A 1 217 ? -7.808  15.716  -0.672  1.00 13.85 ? 217 VAL A CB  1 
ATOM 1571 C CG1 . VAL A 1 217 ? -7.753  14.884  0.603   1.00 9.22  ? 217 VAL A CG1 1 
ATOM 1572 C CG2 . VAL A 1 217 ? -8.993  16.671  -0.624  1.00 9.67  ? 217 VAL A CG2 1 
ATOM 1573 N N   . ILE A 1 218 ? -4.920  14.886  -1.740  1.00 23.18 ? 218 ILE A N   1 
ATOM 1574 C CA  . ILE A 1 218 ? -3.787  13.964  -1.686  1.00 24.13 ? 218 ILE A CA  1 
ATOM 1575 C C   . ILE A 1 218 ? -2.440  14.658  -1.426  1.00 26.89 ? 218 ILE A C   1 
ATOM 1576 O O   . ILE A 1 218 ? -1.728  14.305  -0.483  1.00 19.35 ? 218 ILE A O   1 
ATOM 1577 C CB  . ILE A 1 218 ? -3.674  13.142  -2.996  1.00 24.32 ? 218 ILE A CB  1 
ATOM 1578 C CG1 . ILE A 1 218 ? -4.833  12.153  -3.090  1.00 25.59 ? 218 ILE A CG1 1 
ATOM 1579 C CG2 . ILE A 1 218 ? -2.338  12.402  -3.041  1.00 19.08 ? 218 ILE A CG2 1 
ATOM 1580 C CD1 . ILE A 1 218 ? -4.886  11.403  -4.393  1.00 29.31 ? 218 ILE A CD1 1 
ATOM 1581 N N   . GLU A 1 219 ? -2.090  15.638  -2.260  1.00 26.45 ? 219 GLU A N   1 
ATOM 1582 C CA  . GLU A 1 219 ? -0.824  16.343  -2.091  1.00 33.08 ? 219 GLU A CA  1 
ATOM 1583 C C   . GLU A 1 219 ? -0.829  17.219  -0.840  1.00 31.07 ? 219 GLU A C   1 
ATOM 1584 O O   . GLU A 1 219 ? 0.214   17.672  -0.368  1.00 28.72 ? 219 GLU A O   1 
ATOM 1585 C CB  . GLU A 1 219 ? -0.497  17.170  -3.343  1.00 28.44 ? 219 GLU A CB  1 
ATOM 1586 C CG  . GLU A 1 219 ? -1.538  18.175  -3.761  1.00 39.14 ? 219 GLU A CG  1 
ATOM 1587 C CD  . GLU A 1 219 ? -1.265  18.743  -5.153  1.00 44.14 ? 219 GLU A CD  1 
ATOM 1588 O OE1 . GLU A 1 219 ? -1.918  19.738  -5.537  1.00 46.08 ? 219 GLU A OE1 1 
ATOM 1589 O OE2 . GLU A 1 219 ? -0.399  18.188  -5.867  1.00 43.42 ? 219 GLU A OE2 1 
ATOM 1590 N N   . SER A 1 220 ? -2.012  17.430  -0.288  1.00 31.29 ? 220 SER A N   1 
ATOM 1591 C CA  . SER A 1 220 ? -2.148  18.230  0.910   1.00 29.67 ? 220 SER A CA  1 
ATOM 1592 C C   . SER A 1 220 ? -1.978  17.360  2.168   1.00 30.70 ? 220 SER A C   1 
ATOM 1593 O O   . SER A 1 220 ? -1.201  17.696  3.066   1.00 30.94 ? 220 SER A O   1 
ATOM 1594 C CB  . SER A 1 220 ? -3.515  18.912  0.908   1.00 29.68 ? 220 SER A CB  1 
ATOM 1595 O OG  . SER A 1 220 ? -3.616  19.846  1.960   1.00 47.43 ? 220 SER A OG  1 
ATOM 1596 N N   . ILE A 1 221 ? -2.682  16.233  2.226   1.00 26.90 ? 221 ILE A N   1 
ATOM 1597 C CA  . ILE A 1 221 ? -2.602  15.352  3.389   1.00 24.10 ? 221 ILE A CA  1 
ATOM 1598 C C   . ILE A 1 221 ? -1.313  14.532  3.446   1.00 21.41 ? 221 ILE A C   1 
ATOM 1599 O O   . ILE A 1 221 ? -0.808  14.241  4.527   1.00 21.41 ? 221 ILE A O   1 
ATOM 1600 C CB  . ILE A 1 221 ? -3.818  14.386  3.457   1.00 27.82 ? 221 ILE A CB  1 
ATOM 1601 C CG1 . ILE A 1 221 ? -3.858  13.694  4.824   1.00 33.14 ? 221 ILE A CG1 1 
ATOM 1602 C CG2 . ILE A 1 221 ? -3.715  13.323  2.369   1.00 31.37 ? 221 ILE A CG2 1 
ATOM 1603 C CD1 . ILE A 1 221 ? -4.033  14.652  5.991   1.00 32.20 ? 221 ILE A CD1 1 
ATOM 1604 N N   . PHE A 1 222 ? -0.779  14.154  2.293   1.00 16.71 ? 222 PHE A N   1 
ATOM 1605 C CA  . PHE A 1 222 ? 0.455   13.385  2.280   1.00 22.50 ? 222 PHE A CA  1 
ATOM 1606 C C   . PHE A 1 222 ? 1.649   14.333  2.226   1.00 24.51 ? 222 PHE A C   1 
ATOM 1607 O O   . PHE A 1 222 ? 2.806   13.906  2.219   1.00 21.47 ? 222 PHE A O   1 
ATOM 1608 C CB  . PHE A 1 222 ? 0.459   12.400  1.106   1.00 18.41 ? 222 PHE A CB  1 
ATOM 1609 C CG  . PHE A 1 222 ? -0.579  11.314  1.237   1.00 22.10 ? 222 PHE A CG  1 
ATOM 1610 C CD1 . PHE A 1 222 ? -1.675  11.266  0.378   1.00 22.72 ? 222 PHE A CD1 1 
ATOM 1611 C CD2 . PHE A 1 222 ? -0.484  10.362  2.247   1.00 22.96 ? 222 PHE A CD2 1 
ATOM 1612 C CE1 . PHE A 1 222 ? -2.656  10.289  0.522   1.00 21.14 ? 222 PHE A CE1 1 
ATOM 1613 C CE2 . PHE A 1 222 ? -1.464  9.374   2.404   1.00 17.69 ? 222 PHE A CE2 1 
ATOM 1614 C CZ  . PHE A 1 222 ? -2.549  9.340   1.541   1.00 28.27 ? 222 PHE A CZ  1 
ATOM 1615 N N   . ARG A 1 223 ? 1.340   15.628  2.208   1.00 26.51 ? 223 ARG A N   1 
ATOM 1616 C CA  . ARG A 1 223 ? 2.341   16.685  2.194   1.00 29.46 ? 223 ARG A CA  1 
ATOM 1617 C C   . ARG A 1 223 ? 3.335   16.508  1.061   1.00 30.60 ? 223 ARG A C   1 
ATOM 1618 O O   . ARG A 1 223 ? 4.524   16.279  1.292   1.00 31.80 ? 223 ARG A O   1 
ATOM 1619 C CB  . ARG A 1 223 ? 3.065   16.708  3.544   1.00 32.87 ? 223 ARG A CB  1 
ATOM 1620 C CG  . ARG A 1 223 ? 2.103   16.639  4.730   1.00 35.75 ? 223 ARG A CG  1 
ATOM 1621 C CD  . ARG A 1 223 ? 2.445   17.636  5.823   1.00 37.97 ? 223 ARG A CD  1 
ATOM 1622 N NE  . ARG A 1 223 ? 3.679   17.296  6.521   1.00 47.83 ? 223 ARG A NE  1 
ATOM 1623 C CZ  . ARG A 1 223 ? 4.691   18.141  6.696   1.00 52.29 ? 223 ARG A CZ  1 
ATOM 1624 N NH1 . ARG A 1 223 ? 4.615   19.379  6.215   1.00 50.91 ? 223 ARG A NH1 1 
ATOM 1625 N NH2 . ARG A 1 223 ? 5.772   17.751  7.358   1.00 50.28 ? 223 ARG A NH2 1 
ATOM 1626 N N   . LEU A 1 224 ? 2.835   16.630  -0.164  1.00 33.21 ? 224 LEU A N   1 
ATOM 1627 C CA  . LEU A 1 224 ? 3.647   16.461  -1.362  1.00 36.98 ? 224 LEU A CA  1 
ATOM 1628 C C   . LEU A 1 224 ? 3.822   17.769  -2.123  1.00 37.09 ? 224 LEU A C   1 
ATOM 1629 O O   . LEU A 1 224 ? 3.406   17.823  -3.302  1.00 42.16 ? 224 LEU A O   1 
ATOM 1630 C CB  . LEU A 1 224 ? 2.995   15.422  -2.277  1.00 33.44 ? 224 LEU A CB  1 
ATOM 1631 C CG  . LEU A 1 224 ? 2.723   14.047  -1.666  1.00 32.29 ? 224 LEU A CG  1 
ATOM 1632 C CD1 . LEU A 1 224 ? 1.825   13.270  -2.596  1.00 36.04 ? 224 LEU A CD1 1 
ATOM 1633 C CD2 . LEU A 1 224 ? 4.021   13.305  -1.421  1.00 27.62 ? 224 LEU A CD2 1 
# 
loop_
_pdbx_poly_seq_scheme.asym_id 
_pdbx_poly_seq_scheme.entity_id 
_pdbx_poly_seq_scheme.seq_id 
_pdbx_poly_seq_scheme.mon_id 
_pdbx_poly_seq_scheme.ndb_seq_num 
_pdbx_poly_seq_scheme.pdb_seq_num 
_pdbx_poly_seq_scheme.auth_seq_num 
_pdbx_poly_seq_scheme.pdb_mon_id 
_pdbx_poly_seq_scheme.auth_mon_id 
_pdbx_poly_seq_scheme.pdb_strand_id 
_pdbx_poly_seq_scheme.pdb_ins_code 
_pdbx_poly_seq_scheme.hetero 
A 1 1   MET 1   1   1   MET MET A . n 
A 1 2   ALA 2   2   2   ALA ALA A . n 
A 1 3   THR 3   3   3   THR THR A . n 
A 1 4   ARG 4   4   4   ARG ARG A . n 
A 1 5   THR 5   5   5   THR THR A . n 
A 1 6   GLN 6   6   6   GLN GLN A . n 
A 1 7   PHE 7   7   7   PHE PHE A . n 
A 1 8   GLU 8   8   8   GLU GLU A . n 
A 1 9   ASN 9   9   9   ASN ASN A . n 
A 1 10  SER 10  10  10  SER SER A . n 
A 1 11  ASN 11  11  11  ASN ASN A . n 
A 1 12  GLU 12  12  12  GLU GLU A . n 
A 1 13  ILE 13  13  13  ILE ILE A . n 
A 1 14  GLY 14  14  14  GLY GLY A . n 
A 1 15  VAL 15  15  15  VAL VAL A . n 
A 1 16  PHE 16  16  16  PHE PHE A . n 
A 1 17  SER 17  17  17  SER SER A . n 
A 1 18  LYS 18  18  18  LYS LYS A . n 
A 1 19  LEU 19  19  19  LEU LEU A . n 
A 1 20  THR 20  20  20  THR THR A . n 
A 1 21  ASN 21  21  21  ASN ASN A . n 
A 1 22  THR 22  22  22  THR THR A . n 
A 1 23  TYR 23  23  23  TYR TYR A . n 
A 1 24  CYS 24  24  24  CYS CYS A . n 
A 1 25  LEU 25  25  25  LEU LEU A . n 
A 1 26  VAL 26  26  26  VAL VAL A . n 
A 1 27  ALA 27  27  27  ALA ALA A . n 
A 1 28  VAL 28  28  28  VAL VAL A . n 
A 1 29  GLY 29  29  29  GLY GLY A . n 
A 1 30  GLY 30  30  30  GLY GLY A . n 
A 1 31  SER 31  31  31  SER SER A . n 
A 1 32  GLU 32  32  32  GLU ALA A . n 
A 1 33  ASN 33  33  33  ASN ALA A . n 
A 1 34  PHE 34  34  34  PHE PHE A . n 
A 1 35  TYR 35  35  35  TYR TYR A . n 
A 1 36  SER 36  36  36  SER SER A . n 
A 1 37  ALA 37  37  37  ALA ALA A . n 
A 1 38  PHE 38  38  38  PHE PHE A . n 
A 1 39  GLU 39  39  39  GLU GLU A . n 
A 1 40  ALA 40  40  40  ALA ALA A . n 
A 1 41  GLU 41  41  41  GLU GLU A . n 
A 1 42  LEU 42  42  42  LEU LEU A . n 
A 1 43  GLY 43  43  43  GLY GLY A . n 
A 1 44  ASP 44  44  44  ASP ALA A . n 
A 1 45  ALA 45  45  45  ALA ALA A . n 
A 1 46  ILE 46  46  46  ILE ILE A . n 
A 1 47  PRO 47  47  47  PRO PRO A . n 
A 1 48  ILE 48  48  48  ILE ILE A . n 
A 1 49  VAL 49  49  49  VAL VAL A . n 
A 1 50  HIS 50  50  50  HIS HIS A . n 
A 1 51  THR 51  51  51  THR THR A . n 
A 1 52  THR 52  52  52  THR THR A . n 
A 1 53  ILE 53  53  53  ILE ILE A . n 
A 1 54  ALA 54  54  54  ALA ALA A . n 
A 1 55  GLY 55  55  55  GLY GLY A . n 
A 1 56  THR 56  56  56  THR THR A . n 
A 1 57  ARG 57  57  57  ARG ARG A . n 
A 1 58  ILE 58  58  58  ILE ILE A . n 
A 1 59  ILE 59  59  59  ILE ILE A . n 
A 1 60  GLY 60  60  60  GLY GLY A . n 
A 1 61  ARG 61  61  61  ARG ARG A . n 
A 1 62  MET 62  62  62  MET MET A . n 
A 1 63  THR 63  63  63  THR THR A . n 
A 1 64  ALA 64  64  64  ALA ALA A . n 
A 1 65  GLY 65  65  65  GLY GLY A . n 
A 1 66  ASN 66  66  66  ASN ASN A . n 
A 1 67  ARG 67  67  67  ARG ARG A . n 
A 1 68  ARG 68  68  68  ARG ARG A . n 
A 1 69  GLY 69  69  69  GLY GLY A . n 
A 1 70  LEU 70  70  70  LEU LEU A . n 
A 1 71  LEU 71  71  71  LEU LEU A . n 
A 1 72  VAL 72  72  72  VAL VAL A . n 
A 1 73  PRO 73  73  73  PRO PRO A . n 
A 1 74  THR 74  74  74  THR THR A . n 
A 1 75  GLN 75  75  75  GLN GLN A . n 
A 1 76  THR 76  76  76  THR THR A . n 
A 1 77  THR 77  77  77  THR THR A . n 
A 1 78  ASP 78  78  78  ASP ASP A . n 
A 1 79  GLN 79  79  79  GLN ALA A . n 
A 1 80  GLU 80  80  80  GLU GLU A . n 
A 1 81  LEU 81  81  81  LEU LEU A . n 
A 1 82  GLN 82  82  82  GLN ALA A . n 
A 1 83  HIS 83  83  83  HIS HIS A . n 
A 1 84  LEU 84  84  84  LEU LEU A . n 
A 1 85  ARG 85  85  85  ARG ALA A . n 
A 1 86  ASN 86  86  86  ASN ASN A . n 
A 1 87  SER 87  87  87  SER SER A . n 
A 1 88  LEU 88  88  88  LEU LEU A . n 
A 1 89  PRO 89  89  89  PRO PRO A . n 
A 1 90  ASP 90  90  90  ASP ALA A . n 
A 1 91  SER 91  91  91  SER SER A . n 
A 1 92  VAL 92  92  92  VAL VAL A . n 
A 1 93  LYS 93  93  93  LYS ALA A . n 
A 1 94  ILE 94  94  94  ILE ILE A . n 
A 1 95  GLN 95  95  95  GLN GLN A . n 
A 1 96  ARG 96  96  96  ARG ARG A . n 
A 1 97  VAL 97  97  97  VAL VAL A . n 
A 1 98  GLU 98  98  98  GLU GLU A . n 
A 1 99  GLU 99  99  99  GLU GLU A . n 
A 1 100 ARG 100 100 100 ARG SER A . n 
A 1 101 LEU 101 101 101 LEU LEU A . n 
A 1 102 SER 102 102 102 SER SER A . n 
A 1 103 ALA 103 103 103 ALA ALA A . n 
A 1 104 LEU 104 104 104 LEU LEU A . n 
A 1 105 GLY 105 105 105 GLY GLY A . n 
A 1 106 ASN 106 106 106 ASN ASN A . n 
A 1 107 VAL 107 107 107 VAL VAL A . n 
A 1 108 ILE 108 108 108 ILE ILE A . n 
A 1 109 CYS 109 109 109 CYS CYS A . n 
A 1 110 CYS 110 110 110 CYS CYS A . n 
A 1 111 ASN 111 111 111 ASN ASN A . n 
A 1 112 ASP 112 112 112 ASP ASP A . n 
A 1 113 TYR 113 113 113 TYR TYR A . n 
A 1 114 VAL 114 114 114 VAL VAL A . n 
A 1 115 ALA 115 115 115 ALA ALA A . n 
A 1 116 LEU 116 116 116 LEU LEU A . n 
A 1 117 VAL 117 117 117 VAL VAL A . n 
A 1 118 HIS 118 118 118 HIS HIS A . n 
A 1 119 PRO 119 119 119 PRO PRO A . n 
A 1 120 ASP 120 120 120 ASP ASP A . n 
A 1 121 ILE 121 121 121 ILE ILE A . n 
A 1 122 ASP 122 122 122 ASP ASP A . n 
A 1 123 ARG 123 123 123 ARG ARG A . n 
A 1 124 GLU 124 124 124 GLU ALA A . n 
A 1 125 THR 125 125 125 THR THR A . n 
A 1 126 GLU 126 126 126 GLU GLU A . n 
A 1 127 GLU 127 127 127 GLU GLU A . n 
A 1 128 LEU 128 128 128 LEU LEU A . n 
A 1 129 ILE 129 129 129 ILE ILE A . n 
A 1 130 SER 130 130 130 SER SER A . n 
A 1 131 ASP 131 131 131 ASP ASP A . n 
A 1 132 VAL 132 132 132 VAL VAL A . n 
A 1 133 LEU 133 133 133 LEU LEU A . n 
A 1 134 GLY 134 134 134 GLY GLY A . n 
A 1 135 VAL 135 135 135 VAL VAL A . n 
A 1 136 GLU 136 136 136 GLU GLU A . n 
A 1 137 VAL 137 137 137 VAL VAL A . n 
A 1 138 PHE 138 138 138 PHE PHE A . n 
A 1 139 ARG 139 139 139 ARG ARG A . n 
A 1 140 GLN 140 140 140 GLN GLN A . n 
A 1 141 THR 141 141 141 THR THR A . n 
A 1 142 ILE 142 142 142 ILE ILE A . n 
A 1 143 SER 143 143 143 SER SER A . n 
A 1 144 GLY 144 144 144 GLY GLY A . n 
A 1 145 ASN 145 145 145 ASN ASN A . n 
A 1 146 ILE 146 146 146 ILE ILE A . n 
A 1 147 LEU 147 147 147 LEU LEU A . n 
A 1 148 VAL 148 148 148 VAL VAL A . n 
A 1 149 GLY 149 149 149 GLY GLY A . n 
A 1 150 SER 150 150 150 SER SER A . n 
A 1 151 TYR 151 151 151 TYR TYR A . n 
A 1 152 CYS 152 152 152 CYS CYS A . n 
A 1 153 SER 153 153 153 SER SER A . n 
A 1 154 LEU 154 154 154 LEU LEU A . n 
A 1 155 SER 155 155 155 SER SER A . n 
A 1 156 ASN 156 156 156 ASN ASN A . n 
A 1 157 GLN 157 157 157 GLN GLN A . n 
A 1 158 GLY 158 158 158 GLY GLY A . n 
A 1 159 GLY 159 159 159 GLY GLY A . n 
A 1 160 LEU 160 160 160 LEU LEU A . n 
A 1 161 VAL 161 161 161 VAL VAL A . n 
A 1 162 HIS 162 162 162 HIS HIS A . n 
A 1 163 PRO 163 163 163 PRO PRO A . n 
A 1 164 GLN 164 164 164 GLN GLN A . n 
A 1 165 THR 165 165 165 THR THR A . n 
A 1 166 SER 166 166 166 SER SER A . n 
A 1 167 VAL 167 167 167 VAL VAL A . n 
A 1 168 GLN 168 168 168 GLN GLN A . n 
A 1 169 ASP 169 169 169 ASP ASP A . n 
A 1 170 GLN 170 170 170 GLN GLN A . n 
A 1 171 GLU 171 171 171 GLU GLU A . n 
A 1 172 GLU 172 172 172 GLU GLU A . n 
A 1 173 LEU 173 173 173 LEU LEU A . n 
A 1 174 SER 174 174 174 SER SER A . n 
A 1 175 SER 175 175 175 SER SER A . n 
A 1 176 LEU 176 176 176 LEU LEU A . n 
A 1 177 LEU 177 177 177 LEU LEU A . n 
A 1 178 GLN 178 178 178 GLN ALA A . n 
A 1 179 VAL 179 179 179 VAL VAL A . n 
A 1 180 PRO 180 180 180 PRO PRO A . n 
A 1 181 LEU 181 181 181 LEU LEU A . n 
A 1 182 VAL 182 182 182 VAL VAL A . n 
A 1 183 ALA 183 183 183 ALA ALA A . n 
A 1 184 GLY 184 184 184 GLY GLY A . n 
A 1 185 THR 185 185 185 THR THR A . n 
A 1 186 VAL 186 186 186 VAL VAL A . n 
A 1 187 ASN 187 187 187 ASN ASN A . n 
A 1 188 ARG 188 188 188 ARG SER A . n 
A 1 189 GLY 189 189 189 GLY GLY A . n 
A 1 190 SER 190 190 190 SER SER A . n 
A 1 191 SER 191 191 191 SER SER A . n 
A 1 192 VAL 192 192 192 VAL VAL A . n 
A 1 193 VAL 193 193 193 VAL VAL A . n 
A 1 194 GLY 194 194 194 GLY GLY A . n 
A 1 195 ALA 195 195 195 ALA ALA A . n 
A 1 196 GLY 196 196 196 GLY GLY A . n 
A 1 197 MET 197 197 197 MET MET A . n 
A 1 198 VAL 198 198 198 VAL VAL A . n 
A 1 199 VAL 199 199 199 VAL VAL A . n 
A 1 200 ASN 200 200 200 ASN ASN A . n 
A 1 201 ASP 201 201 201 ASP ASP A . n 
A 1 202 TYR 202 202 202 TYR SER A . n 
A 1 203 LEU 203 203 203 LEU LEU A . n 
A 1 204 ALA 204 204 204 ALA ALA A . n 
A 1 205 VAL 205 205 205 VAL VAL A . n 
A 1 206 THR 206 206 206 THR THR A . n 
A 1 207 GLY 207 207 207 GLY GLY A . n 
A 1 208 LEU 208 208 208 LEU SER A . n 
A 1 209 ASP 209 209 209 ASP ASP A . n 
A 1 210 THR 210 210 210 THR THR A . n 
A 1 211 THR 211 211 211 THR THR A . n 
A 1 212 ALA 212 212 212 ALA ALA A . n 
A 1 213 PRO 213 213 213 PRO PRO A . n 
A 1 214 GLU 214 214 214 GLU GLU A . n 
A 1 215 LEU 215 215 215 LEU SER A . n 
A 1 216 SER 216 216 216 SER SER A . n 
A 1 217 VAL 217 217 217 VAL VAL A . n 
A 1 218 ILE 218 218 218 ILE ILE A . n 
A 1 219 GLU 219 219 219 GLU GLU A . n 
A 1 220 SER 220 220 220 SER SER A . n 
A 1 221 ILE 221 221 221 ILE ILE A . n 
A 1 222 PHE 222 222 222 PHE PHE A . n 
A 1 223 ARG 223 223 223 ARG ARG A . n 
A 1 224 LEU 224 224 224 LEU LEU A . n 
# 
_pdbx_SG_project.id                    1 
_pdbx_SG_project.project_name          'PSI, Protein Structure Initiative' 
_pdbx_SG_project.full_name_of_center   'New York SGX Research Center for Structural Genomics' 
_pdbx_SG_project.initial_of_center     NYSGXRC 
# 
_pdbx_struct_assembly.id                   1 
_pdbx_struct_assembly.details              author_defined_assembly 
_pdbx_struct_assembly.method_details       ? 
_pdbx_struct_assembly.oligomeric_details   monomeric 
_pdbx_struct_assembly.oligomeric_count     1 
# 
_pdbx_struct_assembly_gen.assembly_id       1 
_pdbx_struct_assembly_gen.oper_expression   1 
_pdbx_struct_assembly_gen.asym_id_list      A 
# 
_pdbx_struct_oper_list.id                   1 
_pdbx_struct_oper_list.type                 'identity operation' 
_pdbx_struct_oper_list.name                 1_555 
_pdbx_struct_oper_list.symmetry_operation   x,y,z 
_pdbx_struct_oper_list.matrix[1][1]         1.0000000000 
_pdbx_struct_oper_list.matrix[1][2]         0.0000000000 
_pdbx_struct_oper_list.matrix[1][3]         0.0000000000 
_pdbx_struct_oper_list.vector[1]            0.0000000000 
_pdbx_struct_oper_list.matrix[2][1]         0.0000000000 
_pdbx_struct_oper_list.matrix[2][2]         1.0000000000 
_pdbx_struct_oper_list.matrix[2][3]         0.0000000000 
_pdbx_struct_oper_list.vector[2]            0.0000000000 
_pdbx_struct_oper_list.matrix[3][1]         0.0000000000 
_pdbx_struct_oper_list.matrix[3][2]         0.0000000000 
_pdbx_struct_oper_list.matrix[3][3]         1.0000000000 
_pdbx_struct_oper_list.vector[3]            0.0000000000 
# 
loop_
_pdbx_audit_revision_history.ordinal 
_pdbx_audit_revision_history.data_content_type 
_pdbx_audit_revision_history.major_revision 
_pdbx_audit_revision_history.minor_revision 
_pdbx_audit_revision_history.revision_date 
1 'Structure model' 1 0 2000-11-22 
2 'Structure model' 1 1 2008-04-27 
3 'Structure model' 1 2 2011-07-13 
4 'Structure model' 1 3 2018-01-31 
5 'Structure model' 1 4 2018-04-04 
6 'Structure model' 1 5 2021-02-03 
7 'Structure model' 1 6 2023-08-09 
# 
_pdbx_audit_revision_details.ordinal             1 
_pdbx_audit_revision_details.revision_ordinal    1 
_pdbx_audit_revision_details.data_content_type   'Structure model' 
_pdbx_audit_revision_details.provider            repository 
_pdbx_audit_revision_details.type                'Initial release' 
_pdbx_audit_revision_details.description         ? 
_pdbx_audit_revision_details.details             ? 
# 
loop_
_pdbx_audit_revision_group.ordinal 
_pdbx_audit_revision_group.revision_ordinal 
_pdbx_audit_revision_group.data_content_type 
_pdbx_audit_revision_group.group 
1  2 'Structure model' 'Version format compliance' 
2  3 'Structure model' 'Version format compliance' 
3  4 'Structure model' 'Experimental preparation'  
4  5 'Structure model' 'Data collection'           
5  6 'Structure model' 'Database references'       
6  6 'Structure model' 'Structure summary'         
7  7 'Structure model' 'Data collection'           
8  7 'Structure model' 'Database references'       
9  7 'Structure model' 'Derived calculations'      
10 7 'Structure model' 'Refinement description'    
# 
loop_
_pdbx_audit_revision_category.ordinal 
_pdbx_audit_revision_category.revision_ordinal 
_pdbx_audit_revision_category.data_content_type 
_pdbx_audit_revision_category.category 
1 4 'Structure model' exptl_crystal_grow            
2 5 'Structure model' diffrn_source                 
3 6 'Structure model' audit_author                  
4 6 'Structure model' citation_author               
5 7 'Structure model' chem_comp_atom                
6 7 'Structure model' chem_comp_bond                
7 7 'Structure model' database_2                    
8 7 'Structure model' pdbx_initial_refinement_model 
9 7 'Structure model' struct_sheet                  
# 
loop_
_pdbx_audit_revision_item.ordinal 
_pdbx_audit_revision_item.revision_ordinal 
_pdbx_audit_revision_item.data_content_type 
_pdbx_audit_revision_item.item 
1 4 'Structure model' '_exptl_crystal_grow.temp'            
2 5 'Structure model' '_diffrn_source.type'                 
3 6 'Structure model' '_audit_author.identifier_ORCID'      
4 6 'Structure model' '_citation_author.identifier_ORCID'   
5 7 'Structure model' '_database_2.pdbx_DOI'                
6 7 'Structure model' '_database_2.pdbx_database_accession' 
7 7 'Structure model' '_struct_sheet.number_strands'        
# 
loop_
_software.name 
_software.classification 
_software.version 
_software.citation_id 
_software.pdbx_ordinal 
AMoRE     phasing          . ? 1 
CNS       refinement       . ? 2 
DENZO     'data reduction' . ? 3 
SCALEPACK 'data scaling'   . ? 4 
# 
_pdbx_validate_rmsd_bond.id                        1 
_pdbx_validate_rmsd_bond.PDB_model_num             1 
_pdbx_validate_rmsd_bond.auth_atom_id_1            CB 
_pdbx_validate_rmsd_bond.auth_asym_id_1            A 
_pdbx_validate_rmsd_bond.auth_comp_id_1            TYR 
_pdbx_validate_rmsd_bond.auth_seq_id_1             202 
_pdbx_validate_rmsd_bond.PDB_ins_code_1            ? 
_pdbx_validate_rmsd_bond.label_alt_id_1            ? 
_pdbx_validate_rmsd_bond.auth_atom_id_2            CG 
_pdbx_validate_rmsd_bond.auth_asym_id_2            A 
_pdbx_validate_rmsd_bond.auth_comp_id_2            TYR 
_pdbx_validate_rmsd_bond.auth_seq_id_2             202 
_pdbx_validate_rmsd_bond.PDB_ins_code_2            ? 
_pdbx_validate_rmsd_bond.label_alt_id_2            ? 
_pdbx_validate_rmsd_bond.bond_value                1.422 
_pdbx_validate_rmsd_bond.bond_target_value         1.512 
_pdbx_validate_rmsd_bond.bond_deviation            -0.090 
_pdbx_validate_rmsd_bond.bond_standard_deviation   0.015 
_pdbx_validate_rmsd_bond.linker_flag               N 
# 
loop_
_pdbx_validate_torsion.id 
_pdbx_validate_torsion.PDB_model_num 
_pdbx_validate_torsion.auth_comp_id 
_pdbx_validate_torsion.auth_asym_id 
_pdbx_validate_torsion.auth_seq_id 
_pdbx_validate_torsion.PDB_ins_code 
_pdbx_validate_torsion.label_alt_id 
_pdbx_validate_torsion.phi 
_pdbx_validate_torsion.psi 
1 1 GLU A 8   ? ? 65.96   -120.17 
2 1 ILE A 58  ? ? -88.60  48.85   
3 1 GLN A 75  ? ? -62.02  3.61    
4 1 SER A 102 ? ? -172.65 -168.20 
5 1 ARG A 188 ? ? 62.96   61.43   
# 
loop_
_pdbx_unobs_or_zero_occ_atoms.id 
_pdbx_unobs_or_zero_occ_atoms.PDB_model_num 
_pdbx_unobs_or_zero_occ_atoms.polymer_flag 
_pdbx_unobs_or_zero_occ_atoms.occupancy_flag 
_pdbx_unobs_or_zero_occ_atoms.auth_asym_id 
_pdbx_unobs_or_zero_occ_atoms.auth_comp_id 
_pdbx_unobs_or_zero_occ_atoms.auth_seq_id 
_pdbx_unobs_or_zero_occ_atoms.PDB_ins_code 
_pdbx_unobs_or_zero_occ_atoms.auth_atom_id 
_pdbx_unobs_or_zero_occ_atoms.label_alt_id 
_pdbx_unobs_or_zero_occ_atoms.label_asym_id 
_pdbx_unobs_or_zero_occ_atoms.label_comp_id 
_pdbx_unobs_or_zero_occ_atoms.label_seq_id 
_pdbx_unobs_or_zero_occ_atoms.label_atom_id 
1  1 Y 1 A GLU 32  ? CG  ? A GLU 32  CG  
2  1 Y 1 A GLU 32  ? CD  ? A GLU 32  CD  
3  1 Y 1 A GLU 32  ? OE1 ? A GLU 32  OE1 
4  1 Y 1 A GLU 32  ? OE2 ? A GLU 32  OE2 
5  1 Y 1 A ASN 33  ? CG  ? A ASN 33  CG  
6  1 Y 1 A ASN 33  ? OD1 ? A ASN 33  OD1 
7  1 Y 1 A ASN 33  ? ND2 ? A ASN 33  ND2 
8  1 Y 1 A ASP 44  ? CG  ? A ASP 44  CG  
9  1 Y 1 A ASP 44  ? OD1 ? A ASP 44  OD1 
10 1 Y 1 A ASP 44  ? OD2 ? A ASP 44  OD2 
11 1 Y 1 A GLN 79  ? CG  ? A GLN 79  CG  
12 1 Y 1 A GLN 79  ? CD  ? A GLN 79  CD  
13 1 Y 1 A GLN 79  ? OE1 ? A GLN 79  OE1 
14 1 Y 1 A GLN 79  ? NE2 ? A GLN 79  NE2 
15 1 Y 1 A GLN 82  ? CG  ? A GLN 82  CG  
16 1 Y 1 A GLN 82  ? CD  ? A GLN 82  CD  
17 1 Y 1 A GLN 82  ? OE1 ? A GLN 82  OE1 
18 1 Y 1 A GLN 82  ? NE2 ? A GLN 82  NE2 
19 1 Y 1 A ARG 85  ? CG  ? A ARG 85  CG  
20 1 Y 1 A ARG 85  ? CD  ? A ARG 85  CD  
21 1 Y 1 A ARG 85  ? NE  ? A ARG 85  NE  
22 1 Y 1 A ARG 85  ? CZ  ? A ARG 85  CZ  
23 1 Y 1 A ARG 85  ? NH1 ? A ARG 85  NH1 
24 1 Y 1 A ARG 85  ? NH2 ? A ARG 85  NH2 
25 1 Y 1 A ASP 90  ? CG  ? A ASP 90  CG  
26 1 Y 1 A ASP 90  ? OD1 ? A ASP 90  OD1 
27 1 Y 1 A ASP 90  ? OD2 ? A ASP 90  OD2 
28 1 Y 1 A LYS 93  ? CG  ? A LYS 93  CG  
29 1 Y 1 A LYS 93  ? CD  ? A LYS 93  CD  
30 1 Y 1 A LYS 93  ? CE  ? A LYS 93  CE  
31 1 Y 1 A LYS 93  ? NZ  ? A LYS 93  NZ  
32 1 Y 1 A ARG 100 ? CD  ? A ARG 100 CD  
33 1 Y 1 A ARG 100 ? NE  ? A ARG 100 NE  
34 1 Y 1 A ARG 100 ? CZ  ? A ARG 100 CZ  
35 1 Y 1 A ARG 100 ? NH1 ? A ARG 100 NH1 
36 1 Y 1 A ARG 100 ? NH2 ? A ARG 100 NH2 
37 1 Y 1 A GLU 124 ? CG  ? A GLU 124 CG  
38 1 Y 1 A GLU 124 ? CD  ? A GLU 124 CD  
39 1 Y 1 A GLU 124 ? OE1 ? A GLU 124 OE1 
40 1 Y 1 A GLU 124 ? OE2 ? A GLU 124 OE2 
41 1 Y 1 A GLN 178 ? CG  ? A GLN 178 CG  
42 1 Y 1 A GLN 178 ? CD  ? A GLN 178 CD  
43 1 Y 1 A GLN 178 ? OE1 ? A GLN 178 OE1 
44 1 Y 1 A GLN 178 ? NE2 ? A GLN 178 NE2 
45 1 Y 1 A ARG 188 ? CD  ? A ARG 188 CD  
46 1 Y 1 A ARG 188 ? NE  ? A ARG 188 NE  
47 1 Y 1 A ARG 188 ? CZ  ? A ARG 188 CZ  
48 1 Y 1 A ARG 188 ? NH1 ? A ARG 188 NH1 
49 1 Y 1 A ARG 188 ? NH2 ? A ARG 188 NH2 
50 1 Y 1 A TYR 202 ? CD1 ? A TYR 202 CD1 
51 1 Y 1 A TYR 202 ? CD2 ? A TYR 202 CD2 
52 1 Y 1 A TYR 202 ? CE1 ? A TYR 202 CE1 
53 1 Y 1 A TYR 202 ? CE2 ? A TYR 202 CE2 
54 1 Y 1 A TYR 202 ? CZ  ? A TYR 202 CZ  
55 1 Y 1 A TYR 202 ? OH  ? A TYR 202 OH  
56 1 Y 1 A LEU 208 ? CD1 ? A LEU 208 CD1 
57 1 Y 1 A LEU 208 ? CD2 ? A LEU 208 CD2 
58 1 Y 1 A LEU 215 ? CD1 ? A LEU 215 CD1 
59 1 Y 1 A LEU 215 ? CD2 ? A LEU 215 CD2 
# 
loop_
_chem_comp_atom.comp_id 
_chem_comp_atom.atom_id 
_chem_comp_atom.type_symbol 
_chem_comp_atom.pdbx_aromatic_flag 
_chem_comp_atom.pdbx_stereo_config 
_chem_comp_atom.pdbx_ordinal 
ALA N    N N N 1   
ALA CA   C N S 2   
ALA C    C N N 3   
ALA O    O N N 4   
ALA CB   C N N 5   
ALA OXT  O N N 6   
ALA H    H N N 7   
ALA H2   H N N 8   
ALA HA   H N N 9   
ALA HB1  H N N 10  
ALA HB2  H N N 11  
ALA HB3  H N N 12  
ALA HXT  H N N 13  
ARG N    N N N 14  
ARG CA   C N S 15  
ARG C    C N N 16  
ARG O    O N N 17  
ARG CB   C N N 18  
ARG CG   C N N 19  
ARG CD   C N N 20  
ARG NE   N N N 21  
ARG CZ   C N N 22  
ARG NH1  N N N 23  
ARG NH2  N N N 24  
ARG OXT  O N N 25  
ARG H    H N N 26  
ARG H2   H N N 27  
ARG HA   H N N 28  
ARG HB2  H N N 29  
ARG HB3  H N N 30  
ARG HG2  H N N 31  
ARG HG3  H N N 32  
ARG HD2  H N N 33  
ARG HD3  H N N 34  
ARG HE   H N N 35  
ARG HH11 H N N 36  
ARG HH12 H N N 37  
ARG HH21 H N N 38  
ARG HH22 H N N 39  
ARG HXT  H N N 40  
ASN N    N N N 41  
ASN CA   C N S 42  
ASN C    C N N 43  
ASN O    O N N 44  
ASN CB   C N N 45  
ASN CG   C N N 46  
ASN OD1  O N N 47  
ASN ND2  N N N 48  
ASN OXT  O N N 49  
ASN H    H N N 50  
ASN H2   H N N 51  
ASN HA   H N N 52  
ASN HB2  H N N 53  
ASN HB3  H N N 54  
ASN HD21 H N N 55  
ASN HD22 H N N 56  
ASN HXT  H N N 57  
ASP N    N N N 58  
ASP CA   C N S 59  
ASP C    C N N 60  
ASP O    O N N 61  
ASP CB   C N N 62  
ASP CG   C N N 63  
ASP OD1  O N N 64  
ASP OD2  O N N 65  
ASP OXT  O N N 66  
ASP H    H N N 67  
ASP H2   H N N 68  
ASP HA   H N N 69  
ASP HB2  H N N 70  
ASP HB3  H N N 71  
ASP HD2  H N N 72  
ASP HXT  H N N 73  
CYS N    N N N 74  
CYS CA   C N R 75  
CYS C    C N N 76  
CYS O    O N N 77  
CYS CB   C N N 78  
CYS SG   S N N 79  
CYS OXT  O N N 80  
CYS H    H N N 81  
CYS H2   H N N 82  
CYS HA   H N N 83  
CYS HB2  H N N 84  
CYS HB3  H N N 85  
CYS HG   H N N 86  
CYS HXT  H N N 87  
GLN N    N N N 88  
GLN CA   C N S 89  
GLN C    C N N 90  
GLN O    O N N 91  
GLN CB   C N N 92  
GLN CG   C N N 93  
GLN CD   C N N 94  
GLN OE1  O N N 95  
GLN NE2  N N N 96  
GLN OXT  O N N 97  
GLN H    H N N 98  
GLN H2   H N N 99  
GLN HA   H N N 100 
GLN HB2  H N N 101 
GLN HB3  H N N 102 
GLN HG2  H N N 103 
GLN HG3  H N N 104 
GLN HE21 H N N 105 
GLN HE22 H N N 106 
GLN HXT  H N N 107 
GLU N    N N N 108 
GLU CA   C N S 109 
GLU C    C N N 110 
GLU O    O N N 111 
GLU CB   C N N 112 
GLU CG   C N N 113 
GLU CD   C N N 114 
GLU OE1  O N N 115 
GLU OE2  O N N 116 
GLU OXT  O N N 117 
GLU H    H N N 118 
GLU H2   H N N 119 
GLU HA   H N N 120 
GLU HB2  H N N 121 
GLU HB3  H N N 122 
GLU HG2  H N N 123 
GLU HG3  H N N 124 
GLU HE2  H N N 125 
GLU HXT  H N N 126 
GLY N    N N N 127 
GLY CA   C N N 128 
GLY C    C N N 129 
GLY O    O N N 130 
GLY OXT  O N N 131 
GLY H    H N N 132 
GLY H2   H N N 133 
GLY HA2  H N N 134 
GLY HA3  H N N 135 
GLY HXT  H N N 136 
HIS N    N N N 137 
HIS CA   C N S 138 
HIS C    C N N 139 
HIS O    O N N 140 
HIS CB   C N N 141 
HIS CG   C Y N 142 
HIS ND1  N Y N 143 
HIS CD2  C Y N 144 
HIS CE1  C Y N 145 
HIS NE2  N Y N 146 
HIS OXT  O N N 147 
HIS H    H N N 148 
HIS H2   H N N 149 
HIS HA   H N N 150 
HIS HB2  H N N 151 
HIS HB3  H N N 152 
HIS HD1  H N N 153 
HIS HD2  H N N 154 
HIS HE1  H N N 155 
HIS HE2  H N N 156 
HIS HXT  H N N 157 
ILE N    N N N 158 
ILE CA   C N S 159 
ILE C    C N N 160 
ILE O    O N N 161 
ILE CB   C N S 162 
ILE CG1  C N N 163 
ILE CG2  C N N 164 
ILE CD1  C N N 165 
ILE OXT  O N N 166 
ILE H    H N N 167 
ILE H2   H N N 168 
ILE HA   H N N 169 
ILE HB   H N N 170 
ILE HG12 H N N 171 
ILE HG13 H N N 172 
ILE HG21 H N N 173 
ILE HG22 H N N 174 
ILE HG23 H N N 175 
ILE HD11 H N N 176 
ILE HD12 H N N 177 
ILE HD13 H N N 178 
ILE HXT  H N N 179 
LEU N    N N N 180 
LEU CA   C N S 181 
LEU C    C N N 182 
LEU O    O N N 183 
LEU CB   C N N 184 
LEU CG   C N N 185 
LEU CD1  C N N 186 
LEU CD2  C N N 187 
LEU OXT  O N N 188 
LEU H    H N N 189 
LEU H2   H N N 190 
LEU HA   H N N 191 
LEU HB2  H N N 192 
LEU HB3  H N N 193 
LEU HG   H N N 194 
LEU HD11 H N N 195 
LEU HD12 H N N 196 
LEU HD13 H N N 197 
LEU HD21 H N N 198 
LEU HD22 H N N 199 
LEU HD23 H N N 200 
LEU HXT  H N N 201 
LYS N    N N N 202 
LYS CA   C N S 203 
LYS C    C N N 204 
LYS O    O N N 205 
LYS CB   C N N 206 
LYS CG   C N N 207 
LYS CD   C N N 208 
LYS CE   C N N 209 
LYS NZ   N N N 210 
LYS OXT  O N N 211 
LYS H    H N N 212 
LYS H2   H N N 213 
LYS HA   H N N 214 
LYS HB2  H N N 215 
LYS HB3  H N N 216 
LYS HG2  H N N 217 
LYS HG3  H N N 218 
LYS HD2  H N N 219 
LYS HD3  H N N 220 
LYS HE2  H N N 221 
LYS HE3  H N N 222 
LYS HZ1  H N N 223 
LYS HZ2  H N N 224 
LYS HZ3  H N N 225 
LYS HXT  H N N 226 
MET N    N N N 227 
MET CA   C N S 228 
MET C    C N N 229 
MET O    O N N 230 
MET CB   C N N 231 
MET CG   C N N 232 
MET SD   S N N 233 
MET CE   C N N 234 
MET OXT  O N N 235 
MET H    H N N 236 
MET H2   H N N 237 
MET HA   H N N 238 
MET HB2  H N N 239 
MET HB3  H N N 240 
MET HG2  H N N 241 
MET HG3  H N N 242 
MET HE1  H N N 243 
MET HE2  H N N 244 
MET HE3  H N N 245 
MET HXT  H N N 246 
PHE N    N N N 247 
PHE CA   C N S 248 
PHE C    C N N 249 
PHE O    O N N 250 
PHE CB   C N N 251 
PHE CG   C Y N 252 
PHE CD1  C Y N 253 
PHE CD2  C Y N 254 
PHE CE1  C Y N 255 
PHE CE2  C Y N 256 
PHE CZ   C Y N 257 
PHE OXT  O N N 258 
PHE H    H N N 259 
PHE H2   H N N 260 
PHE HA   H N N 261 
PHE HB2  H N N 262 
PHE HB3  H N N 263 
PHE HD1  H N N 264 
PHE HD2  H N N 265 
PHE HE1  H N N 266 
PHE HE2  H N N 267 
PHE HZ   H N N 268 
PHE HXT  H N N 269 
PRO N    N N N 270 
PRO CA   C N S 271 
PRO C    C N N 272 
PRO O    O N N 273 
PRO CB   C N N 274 
PRO CG   C N N 275 
PRO CD   C N N 276 
PRO OXT  O N N 277 
PRO H    H N N 278 
PRO HA   H N N 279 
PRO HB2  H N N 280 
PRO HB3  H N N 281 
PRO HG2  H N N 282 
PRO HG3  H N N 283 
PRO HD2  H N N 284 
PRO HD3  H N N 285 
PRO HXT  H N N 286 
SER N    N N N 287 
SER CA   C N S 288 
SER C    C N N 289 
SER O    O N N 290 
SER CB   C N N 291 
SER OG   O N N 292 
SER OXT  O N N 293 
SER H    H N N 294 
SER H2   H N N 295 
SER HA   H N N 296 
SER HB2  H N N 297 
SER HB3  H N N 298 
SER HG   H N N 299 
SER HXT  H N N 300 
THR N    N N N 301 
THR CA   C N S 302 
THR C    C N N 303 
THR O    O N N 304 
THR CB   C N R 305 
THR OG1  O N N 306 
THR CG2  C N N 307 
THR OXT  O N N 308 
THR H    H N N 309 
THR H2   H N N 310 
THR HA   H N N 311 
THR HB   H N N 312 
THR HG1  H N N 313 
THR HG21 H N N 314 
THR HG22 H N N 315 
THR HG23 H N N 316 
THR HXT  H N N 317 
TYR N    N N N 318 
TYR CA   C N S 319 
TYR C    C N N 320 
TYR O    O N N 321 
TYR CB   C N N 322 
TYR CG   C Y N 323 
TYR CD1  C Y N 324 
TYR CD2  C Y N 325 
TYR CE1  C Y N 326 
TYR CE2  C Y N 327 
TYR CZ   C Y N 328 
TYR OH   O N N 329 
TYR OXT  O N N 330 
TYR H    H N N 331 
TYR H2   H N N 332 
TYR HA   H N N 333 
TYR HB2  H N N 334 
TYR HB3  H N N 335 
TYR HD1  H N N 336 
TYR HD2  H N N 337 
TYR HE1  H N N 338 
TYR HE2  H N N 339 
TYR HH   H N N 340 
TYR HXT  H N N 341 
VAL N    N N N 342 
VAL CA   C N S 343 
VAL C    C N N 344 
VAL O    O N N 345 
VAL CB   C N N 346 
VAL CG1  C N N 347 
VAL CG2  C N N 348 
VAL OXT  O N N 349 
VAL H    H N N 350 
VAL H2   H N N 351 
VAL HA   H N N 352 
VAL HB   H N N 353 
VAL HG11 H N N 354 
VAL HG12 H N N 355 
VAL HG13 H N N 356 
VAL HG21 H N N 357 
VAL HG22 H N N 358 
VAL HG23 H N N 359 
VAL HXT  H N N 360 
# 
loop_
_chem_comp_bond.comp_id 
_chem_comp_bond.atom_id_1 
_chem_comp_bond.atom_id_2 
_chem_comp_bond.value_order 
_chem_comp_bond.pdbx_aromatic_flag 
_chem_comp_bond.pdbx_stereo_config 
_chem_comp_bond.pdbx_ordinal 
ALA N   CA   sing N N 1   
ALA N   H    sing N N 2   
ALA N   H2   sing N N 3   
ALA CA  C    sing N N 4   
ALA CA  CB   sing N N 5   
ALA CA  HA   sing N N 6   
ALA C   O    doub N N 7   
ALA C   OXT  sing N N 8   
ALA CB  HB1  sing N N 9   
ALA CB  HB2  sing N N 10  
ALA CB  HB3  sing N N 11  
ALA OXT HXT  sing N N 12  
ARG N   CA   sing N N 13  
ARG N   H    sing N N 14  
ARG N   H2   sing N N 15  
ARG CA  C    sing N N 16  
ARG CA  CB   sing N N 17  
ARG CA  HA   sing N N 18  
ARG C   O    doub N N 19  
ARG C   OXT  sing N N 20  
ARG CB  CG   sing N N 21  
ARG CB  HB2  sing N N 22  
ARG CB  HB3  sing N N 23  
ARG CG  CD   sing N N 24  
ARG CG  HG2  sing N N 25  
ARG CG  HG3  sing N N 26  
ARG CD  NE   sing N N 27  
ARG CD  HD2  sing N N 28  
ARG CD  HD3  sing N N 29  
ARG NE  CZ   sing N N 30  
ARG NE  HE   sing N N 31  
ARG CZ  NH1  sing N N 32  
ARG CZ  NH2  doub N N 33  
ARG NH1 HH11 sing N N 34  
ARG NH1 HH12 sing N N 35  
ARG NH2 HH21 sing N N 36  
ARG NH2 HH22 sing N N 37  
ARG OXT HXT  sing N N 38  
ASN N   CA   sing N N 39  
ASN N   H    sing N N 40  
ASN N   H2   sing N N 41  
ASN CA  C    sing N N 42  
ASN CA  CB   sing N N 43  
ASN CA  HA   sing N N 44  
ASN C   O    doub N N 45  
ASN C   OXT  sing N N 46  
ASN CB  CG   sing N N 47  
ASN CB  HB2  sing N N 48  
ASN CB  HB3  sing N N 49  
ASN CG  OD1  doub N N 50  
ASN CG  ND2  sing N N 51  
ASN ND2 HD21 sing N N 52  
ASN ND2 HD22 sing N N 53  
ASN OXT HXT  sing N N 54  
ASP N   CA   sing N N 55  
ASP N   H    sing N N 56  
ASP N   H2   sing N N 57  
ASP CA  C    sing N N 58  
ASP CA  CB   sing N N 59  
ASP CA  HA   sing N N 60  
ASP C   O    doub N N 61  
ASP C   OXT  sing N N 62  
ASP CB  CG   sing N N 63  
ASP CB  HB2  sing N N 64  
ASP CB  HB3  sing N N 65  
ASP CG  OD1  doub N N 66  
ASP CG  OD2  sing N N 67  
ASP OD2 HD2  sing N N 68  
ASP OXT HXT  sing N N 69  
CYS N   CA   sing N N 70  
CYS N   H    sing N N 71  
CYS N   H2   sing N N 72  
CYS CA  C    sing N N 73  
CYS CA  CB   sing N N 74  
CYS CA  HA   sing N N 75  
CYS C   O    doub N N 76  
CYS C   OXT  sing N N 77  
CYS CB  SG   sing N N 78  
CYS CB  HB2  sing N N 79  
CYS CB  HB3  sing N N 80  
CYS SG  HG   sing N N 81  
CYS OXT HXT  sing N N 82  
GLN N   CA   sing N N 83  
GLN N   H    sing N N 84  
GLN N   H2   sing N N 85  
GLN CA  C    sing N N 86  
GLN CA  CB   sing N N 87  
GLN CA  HA   sing N N 88  
GLN C   O    doub N N 89  
GLN C   OXT  sing N N 90  
GLN CB  CG   sing N N 91  
GLN CB  HB2  sing N N 92  
GLN CB  HB3  sing N N 93  
GLN CG  CD   sing N N 94  
GLN CG  HG2  sing N N 95  
GLN CG  HG3  sing N N 96  
GLN CD  OE1  doub N N 97  
GLN CD  NE2  sing N N 98  
GLN NE2 HE21 sing N N 99  
GLN NE2 HE22 sing N N 100 
GLN OXT HXT  sing N N 101 
GLU N   CA   sing N N 102 
GLU N   H    sing N N 103 
GLU N   H2   sing N N 104 
GLU CA  C    sing N N 105 
GLU CA  CB   sing N N 106 
GLU CA  HA   sing N N 107 
GLU C   O    doub N N 108 
GLU C   OXT  sing N N 109 
GLU CB  CG   sing N N 110 
GLU CB  HB2  sing N N 111 
GLU CB  HB3  sing N N 112 
GLU CG  CD   sing N N 113 
GLU CG  HG2  sing N N 114 
GLU CG  HG3  sing N N 115 
GLU CD  OE1  doub N N 116 
GLU CD  OE2  sing N N 117 
GLU OE2 HE2  sing N N 118 
GLU OXT HXT  sing N N 119 
GLY N   CA   sing N N 120 
GLY N   H    sing N N 121 
GLY N   H2   sing N N 122 
GLY CA  C    sing N N 123 
GLY CA  HA2  sing N N 124 
GLY CA  HA3  sing N N 125 
GLY C   O    doub N N 126 
GLY C   OXT  sing N N 127 
GLY OXT HXT  sing N N 128 
HIS N   CA   sing N N 129 
HIS N   H    sing N N 130 
HIS N   H2   sing N N 131 
HIS CA  C    sing N N 132 
HIS CA  CB   sing N N 133 
HIS CA  HA   sing N N 134 
HIS C   O    doub N N 135 
HIS C   OXT  sing N N 136 
HIS CB  CG   sing N N 137 
HIS CB  HB2  sing N N 138 
HIS CB  HB3  sing N N 139 
HIS CG  ND1  sing Y N 140 
HIS CG  CD2  doub Y N 141 
HIS ND1 CE1  doub Y N 142 
HIS ND1 HD1  sing N N 143 
HIS CD2 NE2  sing Y N 144 
HIS CD2 HD2  sing N N 145 
HIS CE1 NE2  sing Y N 146 
HIS CE1 HE1  sing N N 147 
HIS NE2 HE2  sing N N 148 
HIS OXT HXT  sing N N 149 
ILE N   CA   sing N N 150 
ILE N   H    sing N N 151 
ILE N   H2   sing N N 152 
ILE CA  C    sing N N 153 
ILE CA  CB   sing N N 154 
ILE CA  HA   sing N N 155 
ILE C   O    doub N N 156 
ILE C   OXT  sing N N 157 
ILE CB  CG1  sing N N 158 
ILE CB  CG2  sing N N 159 
ILE CB  HB   sing N N 160 
ILE CG1 CD1  sing N N 161 
ILE CG1 HG12 sing N N 162 
ILE CG1 HG13 sing N N 163 
ILE CG2 HG21 sing N N 164 
ILE CG2 HG22 sing N N 165 
ILE CG2 HG23 sing N N 166 
ILE CD1 HD11 sing N N 167 
ILE CD1 HD12 sing N N 168 
ILE CD1 HD13 sing N N 169 
ILE OXT HXT  sing N N 170 
LEU N   CA   sing N N 171 
LEU N   H    sing N N 172 
LEU N   H2   sing N N 173 
LEU CA  C    sing N N 174 
LEU CA  CB   sing N N 175 
LEU CA  HA   sing N N 176 
LEU C   O    doub N N 177 
LEU C   OXT  sing N N 178 
LEU CB  CG   sing N N 179 
LEU CB  HB2  sing N N 180 
LEU CB  HB3  sing N N 181 
LEU CG  CD1  sing N N 182 
LEU CG  CD2  sing N N 183 
LEU CG  HG   sing N N 184 
LEU CD1 HD11 sing N N 185 
LEU CD1 HD12 sing N N 186 
LEU CD1 HD13 sing N N 187 
LEU CD2 HD21 sing N N 188 
LEU CD2 HD22 sing N N 189 
LEU CD2 HD23 sing N N 190 
LEU OXT HXT  sing N N 191 
LYS N   CA   sing N N 192 
LYS N   H    sing N N 193 
LYS N   H2   sing N N 194 
LYS CA  C    sing N N 195 
LYS CA  CB   sing N N 196 
LYS CA  HA   sing N N 197 
LYS C   O    doub N N 198 
LYS C   OXT  sing N N 199 
LYS CB  CG   sing N N 200 
LYS CB  HB2  sing N N 201 
LYS CB  HB3  sing N N 202 
LYS CG  CD   sing N N 203 
LYS CG  HG2  sing N N 204 
LYS CG  HG3  sing N N 205 
LYS CD  CE   sing N N 206 
LYS CD  HD2  sing N N 207 
LYS CD  HD3  sing N N 208 
LYS CE  NZ   sing N N 209 
LYS CE  HE2  sing N N 210 
LYS CE  HE3  sing N N 211 
LYS NZ  HZ1  sing N N 212 
LYS NZ  HZ2  sing N N 213 
LYS NZ  HZ3  sing N N 214 
LYS OXT HXT  sing N N 215 
MET N   CA   sing N N 216 
MET N   H    sing N N 217 
MET N   H2   sing N N 218 
MET CA  C    sing N N 219 
MET CA  CB   sing N N 220 
MET CA  HA   sing N N 221 
MET C   O    doub N N 222 
MET C   OXT  sing N N 223 
MET CB  CG   sing N N 224 
MET CB  HB2  sing N N 225 
MET CB  HB3  sing N N 226 
MET CG  SD   sing N N 227 
MET CG  HG2  sing N N 228 
MET CG  HG3  sing N N 229 
MET SD  CE   sing N N 230 
MET CE  HE1  sing N N 231 
MET CE  HE2  sing N N 232 
MET CE  HE3  sing N N 233 
MET OXT HXT  sing N N 234 
PHE N   CA   sing N N 235 
PHE N   H    sing N N 236 
PHE N   H2   sing N N 237 
PHE CA  C    sing N N 238 
PHE CA  CB   sing N N 239 
PHE CA  HA   sing N N 240 
PHE C   O    doub N N 241 
PHE C   OXT  sing N N 242 
PHE CB  CG   sing N N 243 
PHE CB  HB2  sing N N 244 
PHE CB  HB3  sing N N 245 
PHE CG  CD1  doub Y N 246 
PHE CG  CD2  sing Y N 247 
PHE CD1 CE1  sing Y N 248 
PHE CD1 HD1  sing N N 249 
PHE CD2 CE2  doub Y N 250 
PHE CD2 HD2  sing N N 251 
PHE CE1 CZ   doub Y N 252 
PHE CE1 HE1  sing N N 253 
PHE CE2 CZ   sing Y N 254 
PHE CE2 HE2  sing N N 255 
PHE CZ  HZ   sing N N 256 
PHE OXT HXT  sing N N 257 
PRO N   CA   sing N N 258 
PRO N   CD   sing N N 259 
PRO N   H    sing N N 260 
PRO CA  C    sing N N 261 
PRO CA  CB   sing N N 262 
PRO CA  HA   sing N N 263 
PRO C   O    doub N N 264 
PRO C   OXT  sing N N 265 
PRO CB  CG   sing N N 266 
PRO CB  HB2  sing N N 267 
PRO CB  HB3  sing N N 268 
PRO CG  CD   sing N N 269 
PRO CG  HG2  sing N N 270 
PRO CG  HG3  sing N N 271 
PRO CD  HD2  sing N N 272 
PRO CD  HD3  sing N N 273 
PRO OXT HXT  sing N N 274 
SER N   CA   sing N N 275 
SER N   H    sing N N 276 
SER N   H2   sing N N 277 
SER CA  C    sing N N 278 
SER CA  CB   sing N N 279 
SER CA  HA   sing N N 280 
SER C   O    doub N N 281 
SER C   OXT  sing N N 282 
SER CB  OG   sing N N 283 
SER CB  HB2  sing N N 284 
SER CB  HB3  sing N N 285 
SER OG  HG   sing N N 286 
SER OXT HXT  sing N N 287 
THR N   CA   sing N N 288 
THR N   H    sing N N 289 
THR N   H2   sing N N 290 
THR CA  C    sing N N 291 
THR CA  CB   sing N N 292 
THR CA  HA   sing N N 293 
THR C   O    doub N N 294 
THR C   OXT  sing N N 295 
THR CB  OG1  sing N N 296 
THR CB  CG2  sing N N 297 
THR CB  HB   sing N N 298 
THR OG1 HG1  sing N N 299 
THR CG2 HG21 sing N N 300 
THR CG2 HG22 sing N N 301 
THR CG2 HG23 sing N N 302 
THR OXT HXT  sing N N 303 
TYR N   CA   sing N N 304 
TYR N   H    sing N N 305 
TYR N   H2   sing N N 306 
TYR CA  C    sing N N 307 
TYR CA  CB   sing N N 308 
TYR CA  HA   sing N N 309 
TYR C   O    doub N N 310 
TYR C   OXT  sing N N 311 
TYR CB  CG   sing N N 312 
TYR CB  HB2  sing N N 313 
TYR CB  HB3  sing N N 314 
TYR CG  CD1  doub Y N 315 
TYR CG  CD2  sing Y N 316 
TYR CD1 CE1  sing Y N 317 
TYR CD1 HD1  sing N N 318 
TYR CD2 CE2  doub Y N 319 
TYR CD2 HD2  sing N N 320 
TYR CE1 CZ   doub Y N 321 
TYR CE1 HE1  sing N N 322 
TYR CE2 CZ   sing Y N 323 
TYR CE2 HE2  sing N N 324 
TYR CZ  OH   sing N N 325 
TYR OH  HH   sing N N 326 
TYR OXT HXT  sing N N 327 
VAL N   CA   sing N N 328 
VAL N   H    sing N N 329 
VAL N   H2   sing N N 330 
VAL CA  C    sing N N 331 
VAL CA  CB   sing N N 332 
VAL CA  HA   sing N N 333 
VAL C   O    doub N N 334 
VAL C   OXT  sing N N 335 
VAL CB  CG1  sing N N 336 
VAL CB  CG2  sing N N 337 
VAL CB  HB   sing N N 338 
VAL CG1 HG11 sing N N 339 
VAL CG1 HG12 sing N N 340 
VAL CG1 HG13 sing N N 341 
VAL CG2 HG21 sing N N 342 
VAL CG2 HG22 sing N N 343 
VAL CG2 HG23 sing N N 344 
VAL OXT HXT  sing N N 345 
# 
_pdbx_initial_refinement_model.id               1 
_pdbx_initial_refinement_model.entity_id_list   ? 
_pdbx_initial_refinement_model.type             'experimental model' 
_pdbx_initial_refinement_model.source_name      PDB 
_pdbx_initial_refinement_model.accession_code   1G61 
_pdbx_initial_refinement_model.details          'PDB entry 1G61' 
# 
